data_5Y13
# 
_entry.id   5Y13 
# 
_audit_conform.dict_name       mmcif_pdbx.dic 
_audit_conform.dict_version    5.387 
_audit_conform.dict_location   http://mmcif.pdb.org/dictionaries/ascii/mmcif_pdbx.dic 
# 
loop_
_database_2.database_id 
_database_2.database_code 
_database_2.pdbx_database_accession 
_database_2.pdbx_DOI 
PDB   5Y13         pdb_00005y13 10.2210/pdb5y13/pdb 
WWPDB D_1300004490 ?            ?                   
# 
loop_
_pdbx_audit_revision_history.ordinal 
_pdbx_audit_revision_history.data_content_type 
_pdbx_audit_revision_history.major_revision 
_pdbx_audit_revision_history.minor_revision 
_pdbx_audit_revision_history.revision_date 
1 'Structure model' 1 0 2018-06-06 
2 'Structure model' 1 1 2024-03-27 
# 
_pdbx_audit_revision_details.ordinal             1 
_pdbx_audit_revision_details.revision_ordinal    1 
_pdbx_audit_revision_details.data_content_type   'Structure model' 
_pdbx_audit_revision_details.provider            repository 
_pdbx_audit_revision_details.type                'Initial release' 
_pdbx_audit_revision_details.description         ? 
_pdbx_audit_revision_details.details             ? 
# 
loop_
_pdbx_audit_revision_group.ordinal 
_pdbx_audit_revision_group.revision_ordinal 
_pdbx_audit_revision_group.data_content_type 
_pdbx_audit_revision_group.group 
1 2 'Structure model' 'Data collection'     
2 2 'Structure model' 'Database references' 
# 
loop_
_pdbx_audit_revision_category.ordinal 
_pdbx_audit_revision_category.revision_ordinal 
_pdbx_audit_revision_category.data_content_type 
_pdbx_audit_revision_category.category 
1 2 'Structure model' chem_comp_atom 
2 2 'Structure model' chem_comp_bond 
3 2 'Structure model' database_2     
# 
loop_
_pdbx_audit_revision_item.ordinal 
_pdbx_audit_revision_item.revision_ordinal 
_pdbx_audit_revision_item.data_content_type 
_pdbx_audit_revision_item.item 
1 2 'Structure model' '_database_2.pdbx_DOI'                
2 2 'Structure model' '_database_2.pdbx_database_accession' 
# 
_pdbx_database_status.status_code                     REL 
_pdbx_database_status.status_code_sf                  REL 
_pdbx_database_status.status_code_mr                  ? 
_pdbx_database_status.entry_id                        5Y13 
_pdbx_database_status.recvd_initial_deposition_date   2017-07-19 
_pdbx_database_status.SG_entry                        N 
_pdbx_database_status.deposit_site                    PDBJ 
_pdbx_database_status.process_site                    PDBJ 
_pdbx_database_status.status_code_cs                  ? 
_pdbx_database_status.methods_development_category    ? 
_pdbx_database_status.pdb_format_compatible           Y 
_pdbx_database_status.status_code_nmr_data            ? 
# 
loop_
_audit_author.name 
_audit_author.pdbx_ordinal 
_audit_author.identifier_ORCID 
'Su, H.X.'  1 ? 
'Liu, Q.F.' 2 ? 
'Xu, Y.C.'  3 ? 
# 
_citation.abstract                  ? 
_citation.abstract_id_CAS           ? 
_citation.book_id_ISBN              ? 
_citation.book_publisher            ? 
_citation.book_publisher_city       ? 
_citation.book_title                ? 
_citation.coordinate_linkage        ? 
_citation.country                   FR 
_citation.database_id_Medline       ? 
_citation.details                   ? 
_citation.id                        primary 
_citation.journal_abbrev            'Eur J Med Chem' 
_citation.journal_id_ASTM           EJMCA5 
_citation.journal_id_CSD            0493 
_citation.journal_id_ISSN           1768-3254 
_citation.journal_full              ? 
_citation.journal_issue             ? 
_citation.journal_volume            154 
_citation.language                  ? 
_citation.page_first                44 
_citation.page_last                 59 
_citation.title                     
;From hit to lead: Structure-based discovery of naphthalene-1-sulfonamide derivatives as potent and selective inhibitors of fatty acid binding protein 4
;
_citation.year                      2018 
_citation.database_id_CSD           ? 
_citation.pdbx_database_id_DOI      10.1016/j.ejmech.2018.05.007 
_citation.pdbx_database_id_PubMed   29775936 
_citation.unpublished_flag          ? 
# 
loop_
_citation_author.citation_id 
_citation_author.name 
_citation_author.ordinal 
_citation_author.identifier_ORCID 
primary 'Gao, D.D.'   1  ? 
primary 'Dou, H.X.'   2  ? 
primary 'Su, H.X.'    3  ? 
primary 'Zhang, M.M.' 4  ? 
primary 'Wang, T.'    5  ? 
primary 'Liu, Q.F.'   6  ? 
primary 'Cai, H.Y.'   7  ? 
primary 'Ding, H.P.'  8  ? 
primary 'Yang, Z.'    9  ? 
primary 'Zhu, W.L.'   10 ? 
primary 'Xu, Y.C.'    11 ? 
primary 'Wang, H.Y.'  12 ? 
primary 'Li, Y.X.'    13 ? 
# 
loop_
_entity.id 
_entity.type 
_entity.src_method 
_entity.pdbx_description 
_entity.formula_weight 
_entity.pdbx_number_of_molecules 
_entity.pdbx_ec 
_entity.pdbx_mutation 
_entity.pdbx_fragment 
_entity.details 
1 polymer     man 'Fatty acid-binding protein, adipocyte'                      16911.268 1  ? ? ? ? 
2 non-polymer syn '5-[(4-bromanylnaphthalen-1-yl)sulfonylamino]pentanoic acid' 386.261   1  ? ? ? ? 
3 water       nat water                                                        18.015    90 ? ? ? ? 
# 
_entity_name_com.entity_id   1 
_entity_name_com.name        
'Adipocyte lipid-binding protein,ALBP,Adipocyte-type fatty acid-binding protein,AFABP,Fatty acid-binding protein 4' 
# 
_entity_poly.entity_id                      1 
_entity_poly.type                           'polypeptide(L)' 
_entity_poly.nstd_linkage                   no 
_entity_poly.nstd_monomer                   no 
_entity_poly.pdbx_seq_one_letter_code       
;MGSSHHHHHHSSGLVPRGSHMCDAFVGTWKLVSSENFDDYMKEVGVGFATRKVAGMAKPNMIISVNGDVITIKSESTFKN
TEISFILGQEFDEVTADDRKVKSTITLDGGVLVHVQKWDGKSTTIKRKREDDKLVVECVMKGVTSTRVYERA
;
_entity_poly.pdbx_seq_one_letter_code_can   
;MGSSHHHHHHSSGLVPRGSHMCDAFVGTWKLVSSENFDDYMKEVGVGFATRKVAGMAKPNMIISVNGDVITIKSESTFKN
TEISFILGQEFDEVTADDRKVKSTITLDGGVLVHVQKWDGKSTTIKRKREDDKLVVECVMKGVTSTRVYERA
;
_entity_poly.pdbx_strand_id                 A 
_entity_poly.pdbx_target_identifier         ? 
# 
loop_
_pdbx_entity_nonpoly.entity_id 
_pdbx_entity_nonpoly.name 
_pdbx_entity_nonpoly.comp_id 
2 '5-[(4-bromanylnaphthalen-1-yl)sulfonylamino]pentanoic acid' 8K0 
3 water                                                        HOH 
# 
loop_
_entity_poly_seq.entity_id 
_entity_poly_seq.num 
_entity_poly_seq.mon_id 
_entity_poly_seq.hetero 
1 1   MET n 
1 2   GLY n 
1 3   SER n 
1 4   SER n 
1 5   HIS n 
1 6   HIS n 
1 7   HIS n 
1 8   HIS n 
1 9   HIS n 
1 10  HIS n 
1 11  SER n 
1 12  SER n 
1 13  GLY n 
1 14  LEU n 
1 15  VAL n 
1 16  PRO n 
1 17  ARG n 
1 18  GLY n 
1 19  SER n 
1 20  HIS n 
1 21  MET n 
1 22  CYS n 
1 23  ASP n 
1 24  ALA n 
1 25  PHE n 
1 26  VAL n 
1 27  GLY n 
1 28  THR n 
1 29  TRP n 
1 30  LYS n 
1 31  LEU n 
1 32  VAL n 
1 33  SER n 
1 34  SER n 
1 35  GLU n 
1 36  ASN n 
1 37  PHE n 
1 38  ASP n 
1 39  ASP n 
1 40  TYR n 
1 41  MET n 
1 42  LYS n 
1 43  GLU n 
1 44  VAL n 
1 45  GLY n 
1 46  VAL n 
1 47  GLY n 
1 48  PHE n 
1 49  ALA n 
1 50  THR n 
1 51  ARG n 
1 52  LYS n 
1 53  VAL n 
1 54  ALA n 
1 55  GLY n 
1 56  MET n 
1 57  ALA n 
1 58  LYS n 
1 59  PRO n 
1 60  ASN n 
1 61  MET n 
1 62  ILE n 
1 63  ILE n 
1 64  SER n 
1 65  VAL n 
1 66  ASN n 
1 67  GLY n 
1 68  ASP n 
1 69  VAL n 
1 70  ILE n 
1 71  THR n 
1 72  ILE n 
1 73  LYS n 
1 74  SER n 
1 75  GLU n 
1 76  SER n 
1 77  THR n 
1 78  PHE n 
1 79  LYS n 
1 80  ASN n 
1 81  THR n 
1 82  GLU n 
1 83  ILE n 
1 84  SER n 
1 85  PHE n 
1 86  ILE n 
1 87  LEU n 
1 88  GLY n 
1 89  GLN n 
1 90  GLU n 
1 91  PHE n 
1 92  ASP n 
1 93  GLU n 
1 94  VAL n 
1 95  THR n 
1 96  ALA n 
1 97  ASP n 
1 98  ASP n 
1 99  ARG n 
1 100 LYS n 
1 101 VAL n 
1 102 LYS n 
1 103 SER n 
1 104 THR n 
1 105 ILE n 
1 106 THR n 
1 107 LEU n 
1 108 ASP n 
1 109 GLY n 
1 110 GLY n 
1 111 VAL n 
1 112 LEU n 
1 113 VAL n 
1 114 HIS n 
1 115 VAL n 
1 116 GLN n 
1 117 LYS n 
1 118 TRP n 
1 119 ASP n 
1 120 GLY n 
1 121 LYS n 
1 122 SER n 
1 123 THR n 
1 124 THR n 
1 125 ILE n 
1 126 LYS n 
1 127 ARG n 
1 128 LYS n 
1 129 ARG n 
1 130 GLU n 
1 131 ASP n 
1 132 ASP n 
1 133 LYS n 
1 134 LEU n 
1 135 VAL n 
1 136 VAL n 
1 137 GLU n 
1 138 CYS n 
1 139 VAL n 
1 140 MET n 
1 141 LYS n 
1 142 GLY n 
1 143 VAL n 
1 144 THR n 
1 145 SER n 
1 146 THR n 
1 147 ARG n 
1 148 VAL n 
1 149 TYR n 
1 150 GLU n 
1 151 ARG n 
1 152 ALA n 
# 
_entity_src_gen.entity_id                          1 
_entity_src_gen.pdbx_src_id                        1 
_entity_src_gen.pdbx_alt_source_flag               sample 
_entity_src_gen.pdbx_seq_type                      'Biological sequence' 
_entity_src_gen.pdbx_beg_seq_num                   1 
_entity_src_gen.pdbx_end_seq_num                   152 
_entity_src_gen.gene_src_common_name               Human 
_entity_src_gen.gene_src_genus                     ? 
_entity_src_gen.pdbx_gene_src_gene                 FABP4 
_entity_src_gen.gene_src_species                   ? 
_entity_src_gen.gene_src_strain                    ? 
_entity_src_gen.gene_src_tissue                    ? 
_entity_src_gen.gene_src_tissue_fraction           ? 
_entity_src_gen.gene_src_details                   ? 
_entity_src_gen.pdbx_gene_src_fragment             ? 
_entity_src_gen.pdbx_gene_src_scientific_name      'Homo sapiens' 
_entity_src_gen.pdbx_gene_src_ncbi_taxonomy_id     9606 
_entity_src_gen.pdbx_gene_src_variant              ? 
_entity_src_gen.pdbx_gene_src_cell_line            ? 
_entity_src_gen.pdbx_gene_src_atcc                 ? 
_entity_src_gen.pdbx_gene_src_organ                ? 
_entity_src_gen.pdbx_gene_src_organelle            ? 
_entity_src_gen.pdbx_gene_src_cell                 ? 
_entity_src_gen.pdbx_gene_src_cellular_location    ? 
_entity_src_gen.host_org_common_name               ? 
_entity_src_gen.pdbx_host_org_scientific_name      'Escherichia coli BL21(DE3)' 
_entity_src_gen.pdbx_host_org_ncbi_taxonomy_id     469008 
_entity_src_gen.host_org_genus                     ? 
_entity_src_gen.pdbx_host_org_gene                 ? 
_entity_src_gen.pdbx_host_org_organ                ? 
_entity_src_gen.host_org_species                   ? 
_entity_src_gen.pdbx_host_org_tissue               ? 
_entity_src_gen.pdbx_host_org_tissue_fraction      ? 
_entity_src_gen.pdbx_host_org_strain               'BL21(DE3)' 
_entity_src_gen.pdbx_host_org_variant              ? 
_entity_src_gen.pdbx_host_org_cell_line            ? 
_entity_src_gen.pdbx_host_org_atcc                 ? 
_entity_src_gen.pdbx_host_org_culture_collection   ? 
_entity_src_gen.pdbx_host_org_cell                 ? 
_entity_src_gen.pdbx_host_org_organelle            ? 
_entity_src_gen.pdbx_host_org_cellular_location    ? 
_entity_src_gen.pdbx_host_org_vector_type          ? 
_entity_src_gen.pdbx_host_org_vector               ? 
_entity_src_gen.host_org_details                   ? 
_entity_src_gen.expression_system_id               ? 
_entity_src_gen.plasmid_name                       ? 
_entity_src_gen.plasmid_details                    ? 
_entity_src_gen.pdbx_description                   ? 
# 
loop_
_chem_comp.id 
_chem_comp.type 
_chem_comp.mon_nstd_flag 
_chem_comp.name 
_chem_comp.pdbx_synonyms 
_chem_comp.formula 
_chem_comp.formula_weight 
8K0 non-polymer         . '5-[(4-bromanylnaphthalen-1-yl)sulfonylamino]pentanoic acid' ? 'C15 H16 Br N O4 S' 386.261 
ALA 'L-peptide linking' y ALANINE                                                      ? 'C3 H7 N O2'        89.093  
ARG 'L-peptide linking' y ARGININE                                                     ? 'C6 H15 N4 O2 1'    175.209 
ASN 'L-peptide linking' y ASPARAGINE                                                   ? 'C4 H8 N2 O3'       132.118 
ASP 'L-peptide linking' y 'ASPARTIC ACID'                                              ? 'C4 H7 N O4'        133.103 
CYS 'L-peptide linking' y CYSTEINE                                                     ? 'C3 H7 N O2 S'      121.158 
GLN 'L-peptide linking' y GLUTAMINE                                                    ? 'C5 H10 N2 O3'      146.144 
GLU 'L-peptide linking' y 'GLUTAMIC ACID'                                              ? 'C5 H9 N O4'        147.129 
GLY 'peptide linking'   y GLYCINE                                                      ? 'C2 H5 N O2'        75.067  
HIS 'L-peptide linking' y HISTIDINE                                                    ? 'C6 H10 N3 O2 1'    156.162 
HOH non-polymer         . WATER                                                        ? 'H2 O'              18.015  
ILE 'L-peptide linking' y ISOLEUCINE                                                   ? 'C6 H13 N O2'       131.173 
LEU 'L-peptide linking' y LEUCINE                                                      ? 'C6 H13 N O2'       131.173 
LYS 'L-peptide linking' y LYSINE                                                       ? 'C6 H15 N2 O2 1'    147.195 
MET 'L-peptide linking' y METHIONINE                                                   ? 'C5 H11 N O2 S'     149.211 
PHE 'L-peptide linking' y PHENYLALANINE                                                ? 'C9 H11 N O2'       165.189 
PRO 'L-peptide linking' y PROLINE                                                      ? 'C5 H9 N O2'        115.130 
SER 'L-peptide linking' y SERINE                                                       ? 'C3 H7 N O3'        105.093 
THR 'L-peptide linking' y THREONINE                                                    ? 'C4 H9 N O3'        119.119 
TRP 'L-peptide linking' y TRYPTOPHAN                                                   ? 'C11 H12 N2 O2'     204.225 
TYR 'L-peptide linking' y TYROSINE                                                     ? 'C9 H11 N O3'       181.189 
VAL 'L-peptide linking' y VALINE                                                       ? 'C5 H11 N O2'       117.146 
# 
loop_
_pdbx_poly_seq_scheme.asym_id 
_pdbx_poly_seq_scheme.entity_id 
_pdbx_poly_seq_scheme.seq_id 
_pdbx_poly_seq_scheme.mon_id 
_pdbx_poly_seq_scheme.ndb_seq_num 
_pdbx_poly_seq_scheme.pdb_seq_num 
_pdbx_poly_seq_scheme.auth_seq_num 
_pdbx_poly_seq_scheme.pdb_mon_id 
_pdbx_poly_seq_scheme.auth_mon_id 
_pdbx_poly_seq_scheme.pdb_strand_id 
_pdbx_poly_seq_scheme.pdb_ins_code 
_pdbx_poly_seq_scheme.hetero 
A 1 1   MET 1   -20 ?   ?   ?   A . n 
A 1 2   GLY 2   -19 ?   ?   ?   A . n 
A 1 3   SER 3   -18 ?   ?   ?   A . n 
A 1 4   SER 4   -17 ?   ?   ?   A . n 
A 1 5   HIS 5   -16 ?   ?   ?   A . n 
A 1 6   HIS 6   -15 ?   ?   ?   A . n 
A 1 7   HIS 7   -14 ?   ?   ?   A . n 
A 1 8   HIS 8   -13 ?   ?   ?   A . n 
A 1 9   HIS 9   -12 ?   ?   ?   A . n 
A 1 10  HIS 10  -11 ?   ?   ?   A . n 
A 1 11  SER 11  -10 ?   ?   ?   A . n 
A 1 12  SER 12  -9  ?   ?   ?   A . n 
A 1 13  GLY 13  -8  ?   ?   ?   A . n 
A 1 14  LEU 14  -7  ?   ?   ?   A . n 
A 1 15  VAL 15  -6  ?   ?   ?   A . n 
A 1 16  PRO 16  -5  ?   ?   ?   A . n 
A 1 17  ARG 17  -4  -4  ARG ARG A . n 
A 1 18  GLY 18  -3  -3  GLY GLY A . n 
A 1 19  SER 19  -2  -2  SER SER A . n 
A 1 20  HIS 20  -1  -1  HIS HIS A . n 
A 1 21  MET 21  0   0   MET MET A . n 
A 1 22  CYS 22  1   1   CYS CYS A . n 
A 1 23  ASP 23  2   2   ASP ASP A . n 
A 1 24  ALA 24  3   3   ALA ALA A . n 
A 1 25  PHE 25  4   4   PHE PHE A . n 
A 1 26  VAL 26  5   5   VAL VAL A . n 
A 1 27  GLY 27  6   6   GLY GLY A . n 
A 1 28  THR 28  7   7   THR THR A . n 
A 1 29  TRP 29  8   8   TRP TRP A . n 
A 1 30  LYS 30  9   9   LYS LYS A . n 
A 1 31  LEU 31  10  10  LEU LEU A . n 
A 1 32  VAL 32  11  11  VAL VAL A . n 
A 1 33  SER 33  12  12  SER SER A . n 
A 1 34  SER 34  13  13  SER SER A . n 
A 1 35  GLU 35  14  14  GLU GLU A . n 
A 1 36  ASN 36  15  15  ASN ASN A . n 
A 1 37  PHE 37  16  16  PHE PHE A . n 
A 1 38  ASP 38  17  17  ASP ASP A . n 
A 1 39  ASP 39  18  18  ASP ASP A . n 
A 1 40  TYR 40  19  19  TYR TYR A . n 
A 1 41  MET 41  20  20  MET MET A . n 
A 1 42  LYS 42  21  21  LYS LYS A . n 
A 1 43  GLU 43  22  22  GLU GLU A . n 
A 1 44  VAL 44  23  23  VAL VAL A . n 
A 1 45  GLY 45  24  24  GLY GLY A . n 
A 1 46  VAL 46  25  25  VAL VAL A . n 
A 1 47  GLY 47  26  26  GLY GLY A . n 
A 1 48  PHE 48  27  27  PHE PHE A . n 
A 1 49  ALA 49  28  28  ALA ALA A . n 
A 1 50  THR 50  29  29  THR THR A . n 
A 1 51  ARG 51  30  30  ARG ARG A . n 
A 1 52  LYS 52  31  31  LYS LYS A . n 
A 1 53  VAL 53  32  32  VAL VAL A . n 
A 1 54  ALA 54  33  33  ALA ALA A . n 
A 1 55  GLY 55  34  34  GLY GLY A . n 
A 1 56  MET 56  35  35  MET MET A . n 
A 1 57  ALA 57  36  36  ALA ALA A . n 
A 1 58  LYS 58  37  37  LYS LYS A . n 
A 1 59  PRO 59  38  38  PRO PRO A . n 
A 1 60  ASN 60  39  39  ASN ASN A . n 
A 1 61  MET 61  40  40  MET MET A . n 
A 1 62  ILE 62  41  41  ILE ILE A . n 
A 1 63  ILE 63  42  42  ILE ILE A . n 
A 1 64  SER 64  43  43  SER SER A . n 
A 1 65  VAL 65  44  44  VAL VAL A . n 
A 1 66  ASN 66  45  45  ASN ASN A . n 
A 1 67  GLY 67  46  46  GLY GLY A . n 
A 1 68  ASP 68  47  47  ASP ASP A . n 
A 1 69  VAL 69  48  48  VAL VAL A . n 
A 1 70  ILE 70  49  49  ILE ILE A . n 
A 1 71  THR 71  50  50  THR THR A . n 
A 1 72  ILE 72  51  51  ILE ILE A . n 
A 1 73  LYS 73  52  52  LYS LYS A . n 
A 1 74  SER 74  53  53  SER SER A . n 
A 1 75  GLU 75  54  54  GLU GLU A . n 
A 1 76  SER 76  55  55  SER SER A . n 
A 1 77  THR 77  56  56  THR THR A . n 
A 1 78  PHE 78  57  57  PHE PHE A . n 
A 1 79  LYS 79  58  58  LYS LYS A . n 
A 1 80  ASN 80  59  59  ASN ASN A . n 
A 1 81  THR 81  60  60  THR THR A . n 
A 1 82  GLU 82  61  61  GLU GLU A . n 
A 1 83  ILE 83  62  62  ILE ILE A . n 
A 1 84  SER 84  63  63  SER SER A . n 
A 1 85  PHE 85  64  64  PHE PHE A . n 
A 1 86  ILE 86  65  65  ILE ILE A . n 
A 1 87  LEU 87  66  66  LEU LEU A . n 
A 1 88  GLY 88  67  67  GLY GLY A . n 
A 1 89  GLN 89  68  68  GLN GLN A . n 
A 1 90  GLU 90  69  69  GLU GLU A . n 
A 1 91  PHE 91  70  70  PHE PHE A . n 
A 1 92  ASP 92  71  71  ASP ASP A . n 
A 1 93  GLU 93  72  72  GLU GLU A . n 
A 1 94  VAL 94  73  73  VAL VAL A . n 
A 1 95  THR 95  74  74  THR THR A . n 
A 1 96  ALA 96  75  75  ALA ALA A . n 
A 1 97  ASP 97  76  76  ASP ASP A . n 
A 1 98  ASP 98  77  77  ASP ASP A . n 
A 1 99  ARG 99  78  78  ARG ARG A . n 
A 1 100 LYS 100 79  79  LYS LYS A . n 
A 1 101 VAL 101 80  80  VAL VAL A . n 
A 1 102 LYS 102 81  81  LYS LYS A . n 
A 1 103 SER 103 82  82  SER SER A . n 
A 1 104 THR 104 83  83  THR THR A . n 
A 1 105 ILE 105 84  84  ILE ILE A . n 
A 1 106 THR 106 85  85  THR THR A . n 
A 1 107 LEU 107 86  86  LEU LEU A . n 
A 1 108 ASP 108 87  87  ASP ASP A . n 
A 1 109 GLY 109 88  88  GLY GLY A . n 
A 1 110 GLY 110 89  89  GLY GLY A . n 
A 1 111 VAL 111 90  90  VAL VAL A . n 
A 1 112 LEU 112 91  91  LEU LEU A . n 
A 1 113 VAL 113 92  92  VAL VAL A . n 
A 1 114 HIS 114 93  93  HIS HIS A . n 
A 1 115 VAL 115 94  94  VAL VAL A . n 
A 1 116 GLN 116 95  95  GLN GLN A . n 
A 1 117 LYS 117 96  96  LYS LYS A . n 
A 1 118 TRP 118 97  97  TRP TRP A . n 
A 1 119 ASP 119 98  98  ASP ASP A . n 
A 1 120 GLY 120 99  99  GLY GLY A . n 
A 1 121 LYS 121 100 100 LYS LYS A . n 
A 1 122 SER 122 101 101 SER SER A . n 
A 1 123 THR 123 102 102 THR THR A . n 
A 1 124 THR 124 103 103 THR THR A . n 
A 1 125 ILE 125 104 104 ILE ILE A . n 
A 1 126 LYS 126 105 105 LYS LYS A . n 
A 1 127 ARG 127 106 106 ARG ARG A . n 
A 1 128 LYS 128 107 107 LYS LYS A . n 
A 1 129 ARG 129 108 108 ARG ARG A . n 
A 1 130 GLU 130 109 109 GLU GLU A . n 
A 1 131 ASP 131 110 110 ASP ASP A . n 
A 1 132 ASP 132 111 111 ASP ASP A . n 
A 1 133 LYS 133 112 112 LYS LYS A . n 
A 1 134 LEU 134 113 113 LEU LEU A . n 
A 1 135 VAL 135 114 114 VAL VAL A . n 
A 1 136 VAL 136 115 115 VAL VAL A . n 
A 1 137 GLU 137 116 116 GLU GLU A . n 
A 1 138 CYS 138 117 117 CYS CYS A . n 
A 1 139 VAL 139 118 118 VAL VAL A . n 
A 1 140 MET 140 119 119 MET MET A . n 
A 1 141 LYS 141 120 120 LYS LYS A . n 
A 1 142 GLY 142 121 121 GLY GLY A . n 
A 1 143 VAL 143 122 122 VAL VAL A . n 
A 1 144 THR 144 123 123 THR THR A . n 
A 1 145 SER 145 124 124 SER SER A . n 
A 1 146 THR 146 125 125 THR THR A . n 
A 1 147 ARG 147 126 126 ARG ARG A . n 
A 1 148 VAL 148 127 127 VAL VAL A . n 
A 1 149 TYR 149 128 128 TYR TYR A . n 
A 1 150 GLU 150 129 129 GLU GLU A . n 
A 1 151 ARG 151 130 130 ARG ARG A . n 
A 1 152 ALA 152 131 131 ALA ALA A . n 
# 
loop_
_pdbx_nonpoly_scheme.asym_id 
_pdbx_nonpoly_scheme.entity_id 
_pdbx_nonpoly_scheme.mon_id 
_pdbx_nonpoly_scheme.ndb_seq_num 
_pdbx_nonpoly_scheme.pdb_seq_num 
_pdbx_nonpoly_scheme.auth_seq_num 
_pdbx_nonpoly_scheme.pdb_mon_id 
_pdbx_nonpoly_scheme.auth_mon_id 
_pdbx_nonpoly_scheme.pdb_strand_id 
_pdbx_nonpoly_scheme.pdb_ins_code 
B 2 8K0 1  201 1  8K0 DRG A . 
C 3 HOH 1  301 63 HOH HOH A . 
C 3 HOH 2  302 89 HOH HOH A . 
C 3 HOH 3  303 88 HOH HOH A . 
C 3 HOH 4  304 71 HOH HOH A . 
C 3 HOH 5  305 5  HOH HOH A . 
C 3 HOH 6  306 60 HOH HOH A . 
C 3 HOH 7  307 58 HOH HOH A . 
C 3 HOH 8  308 21 HOH HOH A . 
C 3 HOH 9  309 16 HOH HOH A . 
C 3 HOH 10 310 18 HOH HOH A . 
C 3 HOH 11 311 59 HOH HOH A . 
C 3 HOH 12 312 64 HOH HOH A . 
C 3 HOH 13 313 19 HOH HOH A . 
C 3 HOH 14 314 23 HOH HOH A . 
C 3 HOH 15 315 66 HOH HOH A . 
C 3 HOH 16 316 81 HOH HOH A . 
C 3 HOH 17 317 14 HOH HOH A . 
C 3 HOH 18 318 79 HOH HOH A . 
C 3 HOH 19 319 11 HOH HOH A . 
C 3 HOH 20 320 78 HOH HOH A . 
C 3 HOH 21 321 56 HOH HOH A . 
C 3 HOH 22 322 1  HOH HOH A . 
C 3 HOH 23 323 7  HOH HOH A . 
C 3 HOH 24 324 57 HOH HOH A . 
C 3 HOH 25 325 20 HOH HOH A . 
C 3 HOH 26 326 38 HOH HOH A . 
C 3 HOH 27 327 25 HOH HOH A . 
C 3 HOH 28 328 52 HOH HOH A . 
C 3 HOH 29 329 62 HOH HOH A . 
C 3 HOH 30 330 8  HOH HOH A . 
C 3 HOH 31 331 28 HOH HOH A . 
C 3 HOH 32 332 4  HOH HOH A . 
C 3 HOH 33 333 29 HOH HOH A . 
C 3 HOH 34 334 40 HOH HOH A . 
C 3 HOH 35 335 3  HOH HOH A . 
C 3 HOH 36 336 15 HOH HOH A . 
C 3 HOH 37 337 30 HOH HOH A . 
C 3 HOH 38 338 22 HOH HOH A . 
C 3 HOH 39 339 42 HOH HOH A . 
C 3 HOH 40 340 49 HOH HOH A . 
C 3 HOH 41 341 32 HOH HOH A . 
C 3 HOH 42 342 35 HOH HOH A . 
C 3 HOH 43 343 68 HOH HOH A . 
C 3 HOH 44 344 9  HOH HOH A . 
C 3 HOH 45 345 6  HOH HOH A . 
C 3 HOH 46 346 43 HOH HOH A . 
C 3 HOH 47 347 27 HOH HOH A . 
C 3 HOH 48 348 36 HOH HOH A . 
C 3 HOH 49 349 83 HOH HOH A . 
C 3 HOH 50 350 17 HOH HOH A . 
C 3 HOH 51 351 48 HOH HOH A . 
C 3 HOH 52 352 37 HOH HOH A . 
C 3 HOH 53 353 90 HOH HOH A . 
C 3 HOH 54 354 39 HOH HOH A . 
C 3 HOH 55 355 74 HOH HOH A . 
C 3 HOH 56 356 44 HOH HOH A . 
C 3 HOH 57 357 53 HOH HOH A . 
C 3 HOH 58 358 45 HOH HOH A . 
C 3 HOH 59 359 50 HOH HOH A . 
C 3 HOH 60 360 47 HOH HOH A . 
C 3 HOH 61 361 33 HOH HOH A . 
C 3 HOH 62 362 24 HOH HOH A . 
C 3 HOH 63 363 69 HOH HOH A . 
C 3 HOH 64 364 76 HOH HOH A . 
C 3 HOH 65 365 13 HOH HOH A . 
C 3 HOH 66 366 82 HOH HOH A . 
C 3 HOH 67 367 12 HOH HOH A . 
C 3 HOH 68 368 31 HOH HOH A . 
C 3 HOH 69 369 2  HOH HOH A . 
C 3 HOH 70 370 73 HOH HOH A . 
C 3 HOH 71 371 67 HOH HOH A . 
C 3 HOH 72 372 61 HOH HOH A . 
C 3 HOH 73 373 46 HOH HOH A . 
C 3 HOH 74 374 34 HOH HOH A . 
C 3 HOH 75 375 86 HOH HOH A . 
C 3 HOH 76 376 70 HOH HOH A . 
C 3 HOH 77 377 75 HOH HOH A . 
C 3 HOH 78 378 54 HOH HOH A . 
C 3 HOH 79 379 41 HOH HOH A . 
C 3 HOH 80 380 26 HOH HOH A . 
C 3 HOH 81 381 10 HOH HOH A . 
C 3 HOH 82 382 85 HOH HOH A . 
C 3 HOH 83 383 51 HOH HOH A . 
C 3 HOH 84 384 77 HOH HOH A . 
C 3 HOH 85 385 87 HOH HOH A . 
C 3 HOH 86 386 55 HOH HOH A . 
C 3 HOH 87 387 80 HOH HOH A . 
C 3 HOH 88 388 84 HOH HOH A . 
C 3 HOH 89 389 65 HOH HOH A . 
C 3 HOH 90 390 72 HOH HOH A . 
# 
loop_
_pdbx_unobs_or_zero_occ_atoms.id 
_pdbx_unobs_or_zero_occ_atoms.PDB_model_num 
_pdbx_unobs_or_zero_occ_atoms.polymer_flag 
_pdbx_unobs_or_zero_occ_atoms.occupancy_flag 
_pdbx_unobs_or_zero_occ_atoms.auth_asym_id 
_pdbx_unobs_or_zero_occ_atoms.auth_comp_id 
_pdbx_unobs_or_zero_occ_atoms.auth_seq_id 
_pdbx_unobs_or_zero_occ_atoms.PDB_ins_code 
_pdbx_unobs_or_zero_occ_atoms.auth_atom_id 
_pdbx_unobs_or_zero_occ_atoms.label_alt_id 
_pdbx_unobs_or_zero_occ_atoms.label_asym_id 
_pdbx_unobs_or_zero_occ_atoms.label_comp_id 
_pdbx_unobs_or_zero_occ_atoms.label_seq_id 
_pdbx_unobs_or_zero_occ_atoms.label_atom_id 
1  1 Y 1 A ARG -4 ? CG  ? A ARG 17 CG  
2  1 Y 1 A ARG -4 ? CD  ? A ARG 17 CD  
3  1 Y 1 A ARG -4 ? NE  ? A ARG 17 NE  
4  1 Y 1 A ARG -4 ? CZ  ? A ARG 17 CZ  
5  1 Y 1 A ARG -4 ? NH1 ? A ARG 17 NH1 
6  1 Y 1 A ARG -4 ? NH2 ? A ARG 17 NH2 
7  1 Y 1 A HIS -1 ? CG  ? A HIS 20 CG  
8  1 Y 1 A HIS -1 ? ND1 ? A HIS 20 ND1 
9  1 Y 1 A HIS -1 ? CD2 ? A HIS 20 CD2 
10 1 Y 1 A HIS -1 ? CE1 ? A HIS 20 CE1 
11 1 Y 1 A HIS -1 ? NE2 ? A HIS 20 NE2 
# 
loop_
_software.citation_id 
_software.classification 
_software.compiler_name 
_software.compiler_version 
_software.contact_author 
_software.contact_author_email 
_software.date 
_software.description 
_software.dependencies 
_software.hardware 
_software.language 
_software.location 
_software.mods 
_software.name 
_software.os 
_software.os_version 
_software.type 
_software.version 
_software.pdbx_ordinal 
? 'data scaling'    ? ? ? ? ? ? ? ? ? ? ? XSCALE      ? ? ? .        1 
? refinement        ? ? ? ? ? ? ? ? ? ? ? PHENIX      ? ? ? 1.8_1069 2 
? 'data extraction' ? ? ? ? ? ? ? ? ? ? ? PDB_EXTRACT ? ? ? 3.22     3 
? 'data reduction'  ? ? ? ? ? ? ? ? ? ? ? XDS         ? ? ? .        4 
? phasing           ? ? ? ? ? ? ? ? ? ? ? PHASER      ? ? ? .        5 
# 
_cell.angle_alpha                  90.000 
_cell.angle_alpha_esd              ? 
_cell.angle_beta                   90.000 
_cell.angle_beta_esd               ? 
_cell.angle_gamma                  90.000 
_cell.angle_gamma_esd              ? 
_cell.entry_id                     5Y13 
_cell.details                      ? 
_cell.formula_units_Z              ? 
_cell.length_a                     32.690 
_cell.length_a_esd                 ? 
_cell.length_b                     53.640 
_cell.length_b_esd                 ? 
_cell.length_c                     75.360 
_cell.length_c_esd                 ? 
_cell.volume                       ? 
_cell.volume_esd                   ? 
_cell.Z_PDB                        4 
_cell.reciprocal_angle_alpha       ? 
_cell.reciprocal_angle_beta        ? 
_cell.reciprocal_angle_gamma       ? 
_cell.reciprocal_angle_alpha_esd   ? 
_cell.reciprocal_angle_beta_esd    ? 
_cell.reciprocal_angle_gamma_esd   ? 
_cell.reciprocal_length_a          ? 
_cell.reciprocal_length_b          ? 
_cell.reciprocal_length_c          ? 
_cell.reciprocal_length_a_esd      ? 
_cell.reciprocal_length_b_esd      ? 
_cell.reciprocal_length_c_esd      ? 
_cell.pdbx_unique_axis             ? 
# 
_symmetry.entry_id                         5Y13 
_symmetry.cell_setting                     ? 
_symmetry.Int_Tables_number                19 
_symmetry.space_group_name_Hall            ? 
_symmetry.space_group_name_H-M             'P 21 21 21' 
_symmetry.pdbx_full_space_group_name_H-M   ? 
# 
_exptl.absorpt_coefficient_mu     ? 
_exptl.absorpt_correction_T_max   ? 
_exptl.absorpt_correction_T_min   ? 
_exptl.absorpt_correction_type    ? 
_exptl.absorpt_process_details    ? 
_exptl.entry_id                   5Y13 
_exptl.crystals_number            1 
_exptl.details                    ? 
_exptl.method                     'X-RAY DIFFRACTION' 
_exptl.method_details             ? 
# 
_exptl_crystal.colour                      ? 
_exptl_crystal.density_diffrn              ? 
_exptl_crystal.density_Matthews            1.95 
_exptl_crystal.density_method              ? 
_exptl_crystal.density_percent_sol         37.04 
_exptl_crystal.description                 ? 
_exptl_crystal.F_000                       ? 
_exptl_crystal.id                          1 
_exptl_crystal.preparation                 ? 
_exptl_crystal.size_max                    ? 
_exptl_crystal.size_mid                    ? 
_exptl_crystal.size_min                    ? 
_exptl_crystal.size_rad                    ? 
_exptl_crystal.colour_lustre               ? 
_exptl_crystal.colour_modifier             ? 
_exptl_crystal.colour_primary              ? 
_exptl_crystal.density_meas                ? 
_exptl_crystal.density_meas_esd            ? 
_exptl_crystal.density_meas_gt             ? 
_exptl_crystal.density_meas_lt             ? 
_exptl_crystal.density_meas_temp           ? 
_exptl_crystal.density_meas_temp_esd       ? 
_exptl_crystal.density_meas_temp_gt        ? 
_exptl_crystal.density_meas_temp_lt        ? 
_exptl_crystal.pdbx_crystal_image_url      ? 
_exptl_crystal.pdbx_crystal_image_format   ? 
_exptl_crystal.pdbx_mosaicity              ? 
_exptl_crystal.pdbx_mosaicity_esd          ? 
# 
_exptl_crystal_grow.apparatus       ? 
_exptl_crystal_grow.atmosphere      ? 
_exptl_crystal_grow.crystal_id      1 
_exptl_crystal_grow.details         ? 
_exptl_crystal_grow.method          'VAPOR DIFFUSION, HANGING DROP' 
_exptl_crystal_grow.method_ref      ? 
_exptl_crystal_grow.pH              6.5 
_exptl_crystal_grow.pressure        ? 
_exptl_crystal_grow.pressure_esd    ? 
_exptl_crystal_grow.seeding         ? 
_exptl_crystal_grow.seeding_ref     ? 
_exptl_crystal_grow.temp            293.0 
_exptl_crystal_grow.temp_details    ? 
_exptl_crystal_grow.temp_esd        ? 
_exptl_crystal_grow.time            ? 
_exptl_crystal_grow.pdbx_details    '1.6M trisodium citrate, PH 6.5' 
_exptl_crystal_grow.pdbx_pH_range   ? 
# 
_diffrn.ambient_environment    ? 
_diffrn.ambient_temp           100.0 
_diffrn.ambient_temp_details   ? 
_diffrn.ambient_temp_esd       ? 
_diffrn.crystal_id             1 
_diffrn.crystal_support        ? 
_diffrn.crystal_treatment      ? 
_diffrn.details                ? 
_diffrn.id                     1 
_diffrn.ambient_pressure       ? 
_diffrn.ambient_pressure_esd   ? 
_diffrn.ambient_pressure_gt    ? 
_diffrn.ambient_pressure_lt    ? 
_diffrn.ambient_temp_gt        ? 
_diffrn.ambient_temp_lt        ? 
# 
_diffrn_detector.details                      ? 
_diffrn_detector.detector                     CCD 
_diffrn_detector.diffrn_id                    1 
_diffrn_detector.type                         'ADSC QUANTUM 315r' 
_diffrn_detector.area_resol_mean              ? 
_diffrn_detector.dtime                        ? 
_diffrn_detector.pdbx_frames_total            ? 
_diffrn_detector.pdbx_collection_time_total   ? 
_diffrn_detector.pdbx_collection_date         2013-01-27 
# 
_diffrn_radiation.collimation                      ? 
_diffrn_radiation.diffrn_id                        1 
_diffrn_radiation.filter_edge                      ? 
_diffrn_radiation.inhomogeneity                    ? 
_diffrn_radiation.monochromator                    ? 
_diffrn_radiation.polarisn_norm                    ? 
_diffrn_radiation.polarisn_ratio                   ? 
_diffrn_radiation.probe                            ? 
_diffrn_radiation.type                             ? 
_diffrn_radiation.xray_symbol                      ? 
_diffrn_radiation.wavelength_id                    1 
_diffrn_radiation.pdbx_monochromatic_or_laue_m_l   M 
_diffrn_radiation.pdbx_wavelength_list             ? 
_diffrn_radiation.pdbx_wavelength                  ? 
_diffrn_radiation.pdbx_diffrn_protocol             'SINGLE WAVELENGTH' 
_diffrn_radiation.pdbx_analyzer                    ? 
_diffrn_radiation.pdbx_scattering_type             x-ray 
# 
_diffrn_radiation_wavelength.id           1 
_diffrn_radiation_wavelength.wavelength   1.0000 
_diffrn_radiation_wavelength.wt           1.0 
# 
_diffrn_source.current                     ? 
_diffrn_source.details                     ? 
_diffrn_source.diffrn_id                   1 
_diffrn_source.power                       ? 
_diffrn_source.size                        ? 
_diffrn_source.source                      SYNCHROTRON 
_diffrn_source.target                      ? 
_diffrn_source.type                        'SSRF BEAMLINE BL17U1' 
_diffrn_source.voltage                     ? 
_diffrn_source.take-off_angle              ? 
_diffrn_source.pdbx_wavelength_list        1.0000 
_diffrn_source.pdbx_wavelength             ? 
_diffrn_source.pdbx_synchrotron_beamline   BL17U1 
_diffrn_source.pdbx_synchrotron_site       SSRF 
# 
_reflns.B_iso_Wilson_estimate            14.760 
_reflns.entry_id                         5Y13 
_reflns.data_reduction_details           ? 
_reflns.data_reduction_method            ? 
_reflns.d_resolution_high                1.750 
_reflns.d_resolution_low                 29.990 
_reflns.details                          ? 
_reflns.limit_h_max                      ? 
_reflns.limit_h_min                      ? 
_reflns.limit_k_max                      ? 
_reflns.limit_k_min                      ? 
_reflns.limit_l_max                      ? 
_reflns.limit_l_min                      ? 
_reflns.number_all                       ? 
_reflns.number_obs                       25254 
_reflns.observed_criterion               ? 
_reflns.observed_criterion_F_max         ? 
_reflns.observed_criterion_F_min         ? 
_reflns.observed_criterion_I_max         ? 
_reflns.observed_criterion_I_min         ? 
_reflns.observed_criterion_sigma_F       ? 
_reflns.observed_criterion_sigma_I       -3.000 
_reflns.percent_possible_obs             97.900 
_reflns.R_free_details                   ? 
_reflns.Rmerge_F_all                     ? 
_reflns.Rmerge_F_obs                     ? 
_reflns.Friedel_coverage                 ? 
_reflns.number_gt                        ? 
_reflns.threshold_expression             ? 
_reflns.pdbx_redundancy                  3.655 
_reflns.pdbx_Rmerge_I_obs                0.033 
_reflns.pdbx_Rmerge_I_all                ? 
_reflns.pdbx_Rsym_value                  ? 
_reflns.pdbx_netI_over_av_sigmaI         ? 
_reflns.pdbx_netI_over_sigmaI            27.220 
_reflns.pdbx_res_netI_over_av_sigmaI_2   ? 
_reflns.pdbx_res_netI_over_sigmaI_2      ? 
_reflns.pdbx_chi_squared                 1.012 
_reflns.pdbx_scaling_rejects             0 
_reflns.pdbx_d_res_high_opt              ? 
_reflns.pdbx_d_res_low_opt               ? 
_reflns.pdbx_d_res_opt_method            ? 
_reflns.phase_calculation_details        ? 
_reflns.pdbx_Rrim_I_all                  0.039 
_reflns.pdbx_Rpim_I_all                  ? 
_reflns.pdbx_d_opt                       ? 
_reflns.pdbx_number_measured_all         92294 
_reflns.pdbx_diffrn_id                   1 
_reflns.pdbx_ordinal                     1 
_reflns.pdbx_CC_half                     0.998 
_reflns.pdbx_R_split                     ? 
# 
loop_
_reflns_shell.d_res_high 
_reflns_shell.d_res_low 
_reflns_shell.meanI_over_sigI_all 
_reflns_shell.meanI_over_sigI_obs 
_reflns_shell.number_measured_all 
_reflns_shell.number_measured_obs 
_reflns_shell.number_possible 
_reflns_shell.number_unique_all 
_reflns_shell.number_unique_obs 
_reflns_shell.percent_possible_all 
_reflns_shell.percent_possible_obs 
_reflns_shell.Rmerge_F_all 
_reflns_shell.Rmerge_F_obs 
_reflns_shell.Rmerge_I_all 
_reflns_shell.Rmerge_I_obs 
_reflns_shell.meanI_over_sigI_gt 
_reflns_shell.meanI_over_uI_all 
_reflns_shell.meanI_over_uI_gt 
_reflns_shell.number_measured_gt 
_reflns_shell.number_unique_gt 
_reflns_shell.percent_possible_gt 
_reflns_shell.Rmerge_F_gt 
_reflns_shell.Rmerge_I_gt 
_reflns_shell.pdbx_redundancy 
_reflns_shell.pdbx_Rsym_value 
_reflns_shell.pdbx_chi_squared 
_reflns_shell.pdbx_netI_over_sigmaI_all 
_reflns_shell.pdbx_netI_over_sigmaI_obs 
_reflns_shell.pdbx_Rrim_I_all 
_reflns_shell.pdbx_Rpim_I_all 
_reflns_shell.pdbx_rejects 
_reflns_shell.pdbx_ordinal 
_reflns_shell.pdbx_diffrn_id 
_reflns_shell.pdbx_CC_half 
_reflns_shell.pdbx_R_split 
1.750 1.800  ? 13.640 ? 6399 1915 ? 1837 95.900  ? ? ? ? 0.073 ? ? ? ? ? ? ? ? 3.483 ? ? ? ? 0.086 ? ? 1  1 0.996 ? 
1.800 1.840  ? 17.080 ? 6924 1833 ? 1831 99.900  ? ? ? ? 0.060 ? ? ? ? ? ? ? ? 3.782 ? ? ? ? 0.071 ? ? 2  1 0.996 ? 
1.840 1.900  ? 18.980 ? 6815 1818 ? 1815 99.800  ? ? ? ? 0.053 ? ? ? ? ? ? ? ? 3.755 ? ? ? ? 0.062 ? ? 3  1 0.997 ? 
1.900 1.960  ? 21.440 ? 6685 1779 ? 1778 99.900  ? ? ? ? 0.046 ? ? ? ? ? ? ? ? 3.760 ? ? ? ? 0.053 ? ? 4  1 0.998 ? 
1.960 2.020  ? 23.390 ? 6324 1690 ? 1690 100.000 ? ? ? ? 0.043 ? ? ? ? ? ? ? ? 3.742 ? ? ? ? 0.050 ? ? 5  1 0.998 ? 
2.020 2.090  ? 25.490 ? 6093 1635 ? 1634 99.900  ? ? ? ? 0.039 ? ? ? ? ? ? ? ? 3.729 ? ? ? ? 0.046 ? ? 6  1 0.998 ? 
2.090 2.170  ? 27.130 ? 5959 1609 ? 1607 99.900  ? ? ? ? 0.038 ? ? ? ? ? ? ? ? 3.708 ? ? ? ? 0.044 ? ? 7  1 0.998 ? 
2.170 2.260  ? 28.250 ? 5608 1506 ? 1506 100.000 ? ? ? ? 0.036 ? ? ? ? ? ? ? ? 3.724 ? ? ? ? 0.042 ? ? 8  1 0.998 ? 
2.260 2.360  ? 29.240 ? 5482 1470 ? 1469 99.900  ? ? ? ? 0.035 ? ? ? ? ? ? ? ? 3.732 ? ? ? ? 0.040 ? ? 9  1 0.998 ? 
2.360 2.470  ? 30.940 ? 5231 1409 ? 1407 99.900  ? ? ? ? 0.033 ? ? ? ? ? ? ? ? 3.718 ? ? ? ? 0.039 ? ? 10 1 0.998 ? 
2.470 2.610  ? 32.380 ? 4920 1322 ? 1319 99.800  ? ? ? ? 0.032 ? ? ? ? ? ? ? ? 3.730 ? ? ? ? 0.037 ? ? 11 1 0.998 ? 
2.610 2.770  ? 33.140 ? 4621 1268 ? 1267 99.900  ? ? ? ? 0.032 ? ? ? ? ? ? ? ? 3.647 ? ? ? ? 0.037 ? ? 12 1 0.998 ? 
2.770 2.960  ? 34.480 ? 4319 1186 ? 1185 99.900  ? ? ? ? 0.031 ? ? ? ? ? ? ? ? 3.645 ? ? ? ? 0.036 ? ? 13 1 0.998 ? 
2.960 3.200  ? 35.890 ? 3995 1104 ? 1101 99.700  ? ? ? ? 0.031 ? ? ? ? ? ? ? ? 3.629 ? ? ? ? 0.037 ? ? 14 1 0.998 ? 
3.200 3.500  ? 37.180 ? 3567 1020 ? 1003 98.300  ? ? ? ? 0.030 ? ? ? ? ? ? ? ? 3.556 ? ? ? ? 0.035 ? ? 15 1 0.998 ? 
3.500 3.910  ? 37.400 ? 3077 917  ? 883  96.300  ? ? ? ? 0.030 ? ? ? ? ? ? ? ? 3.485 ? ? ? ? 0.035 ? ? 16 1 0.997 ? 
3.910 4.520  ? 36.060 ? 2424 818  ? 735  89.900  ? ? ? ? 0.029 ? ? ? ? ? ? ? ? 3.298 ? ? ? ? 0.035 ? ? 17 1 0.997 ? 
4.520 5.530  ? 36.480 ? 1847 672  ? 565  84.100  ? ? ? ? 0.029 ? ? ? ? ? ? ? ? 3.269 ? ? ? ? 0.034 ? ? 18 1 0.997 ? 
5.530 7.830  ? 36.090 ? 1609 533  ? 485  91.000  ? ? ? ? 0.030 ? ? ? ? ? ? ? ? 3.318 ? ? ? ? 0.035 ? ? 19 1 0.997 ? 
7.830 29.990 ? 33.870 ? 395  286  ? 137  47.900  ? ? ? ? 0.029 ? ? ? ? ? ? ? ? 2.883 ? ? ? ? 0.035 ? ? 20 1 0.997 ? 
# 
_refine.aniso_B[1][1]                            ? 
_refine.aniso_B[1][2]                            ? 
_refine.aniso_B[1][3]                            ? 
_refine.aniso_B[2][2]                            ? 
_refine.aniso_B[2][3]                            ? 
_refine.aniso_B[3][3]                            ? 
_refine.B_iso_max                                52.950 
_refine.B_iso_mean                               18.3900 
_refine.B_iso_min                                6.150 
_refine.correlation_coeff_Fo_to_Fc               ? 
_refine.correlation_coeff_Fo_to_Fc_free          ? 
_refine.details                                  ? 
_refine.diff_density_max                         ? 
_refine.diff_density_max_esd                     ? 
_refine.diff_density_min                         ? 
_refine.diff_density_min_esd                     ? 
_refine.diff_density_rms                         ? 
_refine.diff_density_rms_esd                     ? 
_refine.entry_id                                 5Y13 
_refine.pdbx_refine_id                           'X-RAY DIFFRACTION' 
_refine.ls_abs_structure_details                 ? 
_refine.ls_abs_structure_Flack                   ? 
_refine.ls_abs_structure_Flack_esd               ? 
_refine.ls_abs_structure_Rogers                  ? 
_refine.ls_abs_structure_Rogers_esd              ? 
_refine.ls_d_res_high                            1.7500 
_refine.ls_d_res_low                             29.9900 
_refine.ls_extinction_coef                       ? 
_refine.ls_extinction_coef_esd                   ? 
_refine.ls_extinction_expression                 ? 
_refine.ls_extinction_method                     ? 
_refine.ls_goodness_of_fit_all                   ? 
_refine.ls_goodness_of_fit_all_esd               ? 
_refine.ls_goodness_of_fit_obs                   ? 
_refine.ls_goodness_of_fit_obs_esd               ? 
_refine.ls_hydrogen_treatment                    ? 
_refine.ls_matrix_type                           ? 
_refine.ls_number_constraints                    ? 
_refine.ls_number_parameters                     ? 
_refine.ls_number_reflns_all                     ? 
_refine.ls_number_reflns_obs                     25251 
_refine.ls_number_reflns_R_free                  2530 
_refine.ls_number_reflns_R_work                  ? 
_refine.ls_number_restraints                     ? 
_refine.ls_percent_reflns_obs                    97.9200 
_refine.ls_percent_reflns_R_free                 10.0200 
_refine.ls_R_factor_all                          ? 
_refine.ls_R_factor_obs                          0.1801 
_refine.ls_R_factor_R_free                       0.2191 
_refine.ls_R_factor_R_free_error                 ? 
_refine.ls_R_factor_R_free_error_details         ? 
_refine.ls_R_factor_R_work                       0.1757 
_refine.ls_R_Fsqd_factor_obs                     ? 
_refine.ls_R_I_factor_obs                        ? 
_refine.ls_redundancy_reflns_all                 ? 
_refine.ls_redundancy_reflns_obs                 ? 
_refine.ls_restrained_S_all                      ? 
_refine.ls_restrained_S_obs                      ? 
_refine.ls_shift_over_esd_max                    ? 
_refine.ls_shift_over_esd_mean                   ? 
_refine.ls_structure_factor_coef                 ? 
_refine.ls_weighting_details                     ? 
_refine.ls_weighting_scheme                      ? 
_refine.ls_wR_factor_all                         ? 
_refine.ls_wR_factor_obs                         ? 
_refine.ls_wR_factor_R_free                      ? 
_refine.ls_wR_factor_R_work                      ? 
_refine.occupancy_max                            ? 
_refine.occupancy_min                            ? 
_refine.solvent_model_details                    ? 
_refine.solvent_model_param_bsol                 ? 
_refine.solvent_model_param_ksol                 ? 
_refine.ls_R_factor_gt                           ? 
_refine.ls_goodness_of_fit_gt                    ? 
_refine.ls_goodness_of_fit_ref                   ? 
_refine.ls_shift_over_su_max                     ? 
_refine.ls_shift_over_su_max_lt                  ? 
_refine.ls_shift_over_su_mean                    ? 
_refine.ls_shift_over_su_mean_lt                 ? 
_refine.pdbx_ls_sigma_I                          ? 
_refine.pdbx_ls_sigma_F                          1.470 
_refine.pdbx_ls_sigma_Fsqd                       ? 
_refine.pdbx_data_cutoff_high_absF               ? 
_refine.pdbx_data_cutoff_high_rms_absF           ? 
_refine.pdbx_data_cutoff_low_absF                ? 
_refine.pdbx_isotropic_thermal_model             ? 
_refine.pdbx_ls_cross_valid_method               'FREE R-VALUE' 
_refine.pdbx_method_to_determine_struct          ? 
_refine.pdbx_starting_model                      ? 
_refine.pdbx_stereochemistry_target_values       ? 
_refine.pdbx_R_Free_selection_details            ? 
_refine.pdbx_stereochem_target_val_spec_case     ? 
_refine.pdbx_overall_ESU_R                       ? 
_refine.pdbx_overall_ESU_R_Free                  ? 
_refine.pdbx_solvent_vdw_probe_radii             1.1100 
_refine.pdbx_solvent_ion_probe_radii             ? 
_refine.pdbx_solvent_shrinkage_radii             0.9000 
_refine.pdbx_real_space_R                        ? 
_refine.pdbx_density_correlation                 ? 
_refine.pdbx_pd_number_of_powder_patterns        ? 
_refine.pdbx_pd_number_of_points                 ? 
_refine.pdbx_pd_meas_number_of_points            ? 
_refine.pdbx_pd_proc_ls_prof_R_factor            ? 
_refine.pdbx_pd_proc_ls_prof_wR_factor           ? 
_refine.pdbx_pd_Marquardt_correlation_coeff      ? 
_refine.pdbx_pd_Fsqrd_R_factor                   ? 
_refine.pdbx_pd_ls_matrix_band_width             ? 
_refine.pdbx_overall_phase_error                 20.3700 
_refine.pdbx_overall_SU_R_free_Cruickshank_DPI   ? 
_refine.pdbx_overall_SU_R_free_Blow_DPI          ? 
_refine.pdbx_overall_SU_R_Blow_DPI               ? 
_refine.pdbx_TLS_residual_ADP_flag               ? 
_refine.pdbx_diffrn_id                           1 
_refine.overall_SU_B                             ? 
_refine.overall_SU_ML                            0.1600 
_refine.overall_SU_R_Cruickshank_DPI             ? 
_refine.overall_SU_R_free                        ? 
_refine.overall_FOM_free_R_set                   ? 
_refine.overall_FOM_work_R_set                   ? 
_refine.pdbx_average_fsc_overall                 ? 
_refine.pdbx_average_fsc_work                    ? 
_refine.pdbx_average_fsc_free                    ? 
# 
_refine_hist.cycle_id                         final 
_refine_hist.pdbx_refine_id                   'X-RAY DIFFRACTION' 
_refine_hist.d_res_high                       1.7500 
_refine_hist.d_res_low                        29.9900 
_refine_hist.pdbx_number_atoms_ligand         22 
_refine_hist.number_atoms_solvent             90 
_refine_hist.number_atoms_total               1161 
_refine_hist.pdbx_number_residues_total       136 
_refine_hist.pdbx_B_iso_mean_ligand           25.45 
_refine_hist.pdbx_B_iso_mean_solvent          24.30 
_refine_hist.pdbx_number_atoms_protein        1049 
_refine_hist.pdbx_number_atoms_nucleic_acid   0 
# 
loop_
_refine_ls_restr.pdbx_refine_id 
_refine_ls_restr.criterion 
_refine_ls_restr.dev_ideal 
_refine_ls_restr.dev_ideal_target 
_refine_ls_restr.number 
_refine_ls_restr.rejects 
_refine_ls_restr.type 
_refine_ls_restr.weight 
_refine_ls_restr.pdbx_restraint_function 
'X-RAY DIFFRACTION' ? 0.006  ? 1094 ? f_bond_d           ? ? 
'X-RAY DIFFRACTION' ? 1.075  ? 1473 ? f_angle_d          ? ? 
'X-RAY DIFFRACTION' ? 0.067  ? 168  ? f_chiral_restr     ? ? 
'X-RAY DIFFRACTION' ? 0.003  ? 184  ? f_plane_restr      ? ? 
'X-RAY DIFFRACTION' ? 14.742 ? 412  ? f_dihedral_angle_d ? ? 
# 
loop_
_refine_ls_shell.pdbx_refine_id 
_refine_ls_shell.d_res_high 
_refine_ls_shell.d_res_low 
_refine_ls_shell.number_reflns_all 
_refine_ls_shell.number_reflns_obs 
_refine_ls_shell.number_reflns_R_free 
_refine_ls_shell.number_reflns_R_work 
_refine_ls_shell.percent_reflns_obs 
_refine_ls_shell.percent_reflns_R_free 
_refine_ls_shell.R_factor_all 
_refine_ls_shell.R_factor_obs 
_refine_ls_shell.R_factor_R_free 
_refine_ls_shell.R_factor_R_free_error 
_refine_ls_shell.R_factor_R_work 
_refine_ls_shell.redundancy_reflns_all 
_refine_ls_shell.redundancy_reflns_obs 
_refine_ls_shell.wR_factor_all 
_refine_ls_shell.wR_factor_obs 
_refine_ls_shell.wR_factor_R_free 
_refine_ls_shell.wR_factor_R_work 
_refine_ls_shell.pdbx_total_number_of_bins_used 
_refine_ls_shell.pdbx_phase_error 
_refine_ls_shell.pdbx_fsc_work 
_refine_ls_shell.pdbx_fsc_free 
'X-RAY DIFFRACTION' 1.7501 1.7837  1316 . 137 1179 95.0000  . . . 0.2250 0.0000 0.1693 . . . . . . 18 . . . 
'X-RAY DIFFRACTION' 1.7837 1.8201  1465 . 146 1319 100.0000 . . . 0.2510 0.0000 0.1689 . . . . . . 18 . . . 
'X-RAY DIFFRACTION' 1.8201 1.8597  1410 . 139 1271 100.0000 . . . 0.2374 0.0000 0.1678 . . . . . . 18 . . . 
'X-RAY DIFFRACTION' 1.8597 1.9030  1452 . 145 1307 100.0000 . . . 0.2172 0.0000 0.1749 . . . . . . 18 . . . 
'X-RAY DIFFRACTION' 1.9030 1.9505  1403 . 144 1259 100.0000 . . . 0.2120 0.0000 0.1695 . . . . . . 18 . . . 
'X-RAY DIFFRACTION' 1.9505 2.0033  1444 . 145 1299 100.0000 . . . 0.2141 0.0000 0.1670 . . . . . . 18 . . . 
'X-RAY DIFFRACTION' 2.0033 2.0622  1438 . 144 1294 100.0000 . . . 0.2515 0.0000 0.1634 . . . . . . 18 . . . 
'X-RAY DIFFRACTION' 2.0622 2.1288  1413 . 139 1274 100.0000 . . . 0.2254 0.0000 0.1696 . . . . . . 18 . . . 
'X-RAY DIFFRACTION' 2.1288 2.2048  1449 . 146 1303 100.0000 . . . 0.2272 0.0000 0.1706 . . . . . . 18 . . . 
'X-RAY DIFFRACTION' 2.2048 2.2931  1420 . 147 1273 100.0000 . . . 0.2182 0.0000 0.1751 . . . . . . 18 . . . 
'X-RAY DIFFRACTION' 2.2931 2.3974  1439 . 143 1296 100.0000 . . . 0.2297 0.0000 0.1767 . . . . . . 18 . . . 
'X-RAY DIFFRACTION' 2.3974 2.5237  1450 . 146 1304 100.0000 . . . 0.2047 0.0000 0.1818 . . . . . . 18 . . . 
'X-RAY DIFFRACTION' 2.5237 2.6817  1412 . 140 1272 100.0000 . . . 0.2364 0.0000 0.1990 . . . . . . 18 . . . 
'X-RAY DIFFRACTION' 2.6817 2.8887  1434 . 147 1287 100.0000 . . . 0.2768 0.0000 0.2099 . . . . . . 18 . . . 
'X-RAY DIFFRACTION' 2.8887 3.1791  1438 . 138 1300 100.0000 . . . 0.2362 0.0000 0.1818 . . . . . . 18 . . . 
'X-RAY DIFFRACTION' 3.1791 3.6384  1425 . 142 1283 98.0000  . . . 0.1877 0.0000 0.1587 . . . . . . 18 . . . 
'X-RAY DIFFRACTION' 3.6384 4.5814  1298 . 128 1170 92.0000  . . . 0.1554 0.0000 0.1582 . . . . . . 18 . . . 
'X-RAY DIFFRACTION' 4.5814 29.9943 1145 . 114 1031 80.0000  . . . 0.2477 0.0000 0.1911 . . . . . . 18 . . . 
# 
_struct.entry_id                     5Y13 
_struct.title                        
'Crystal structure of human FABP4 complexed with ligand 5-((4-bromonaphthalene)-1-sulfonamido)pentanoic acid' 
_struct.pdbx_model_details           ? 
_struct.pdbx_formula_weight          ? 
_struct.pdbx_formula_weight_method   ? 
_struct.pdbx_model_type_details      ? 
_struct.pdbx_CASP_flag               N 
# 
_struct_keywords.entry_id        5Y13 
_struct_keywords.text            'lipid binding protein, FABP4, inhibitor' 
_struct_keywords.pdbx_keywords   'LIPID BINDING PROTEIN' 
# 
loop_
_struct_asym.id 
_struct_asym.pdbx_blank_PDB_chainid_flag 
_struct_asym.pdbx_modified 
_struct_asym.entity_id 
_struct_asym.details 
A N N 1 ? 
B N N 2 ? 
C N N 3 ? 
# 
_struct_ref.id                         1 
_struct_ref.db_name                    UNP 
_struct_ref.db_code                    FABP4_HUMAN 
_struct_ref.pdbx_db_accession          P15090 
_struct_ref.pdbx_db_isoform            ? 
_struct_ref.entity_id                  1 
_struct_ref.pdbx_seq_one_letter_code   
;MCDAFVGTWKLVSSENFDDYMKEVGVGFATRKVAGMAKPNMIISVNGDVITIKSESTFKNTEISFILGQEFDEVTADDRK
VKSTITLDGGVLVHVQKWDGKSTTIKRKREDDKLVVECVMKGVTSTRVYERA
;
_struct_ref.pdbx_align_begin           1 
# 
_struct_ref_seq.align_id                      1 
_struct_ref_seq.ref_id                        1 
_struct_ref_seq.pdbx_PDB_id_code              5Y13 
_struct_ref_seq.pdbx_strand_id                A 
_struct_ref_seq.seq_align_beg                 21 
_struct_ref_seq.pdbx_seq_align_beg_ins_code   ? 
_struct_ref_seq.seq_align_end                 152 
_struct_ref_seq.pdbx_seq_align_end_ins_code   ? 
_struct_ref_seq.pdbx_db_accession             P15090 
_struct_ref_seq.db_align_beg                  1 
_struct_ref_seq.pdbx_db_align_beg_ins_code    ? 
_struct_ref_seq.db_align_end                  132 
_struct_ref_seq.pdbx_db_align_end_ins_code    ? 
_struct_ref_seq.pdbx_auth_seq_align_beg       0 
_struct_ref_seq.pdbx_auth_seq_align_end       131 
# 
loop_
_struct_ref_seq_dif.align_id 
_struct_ref_seq_dif.pdbx_pdb_id_code 
_struct_ref_seq_dif.mon_id 
_struct_ref_seq_dif.pdbx_pdb_strand_id 
_struct_ref_seq_dif.seq_num 
_struct_ref_seq_dif.pdbx_pdb_ins_code 
_struct_ref_seq_dif.pdbx_seq_db_name 
_struct_ref_seq_dif.pdbx_seq_db_accession_code 
_struct_ref_seq_dif.db_mon_id 
_struct_ref_seq_dif.pdbx_seq_db_seq_num 
_struct_ref_seq_dif.details 
_struct_ref_seq_dif.pdbx_auth_seq_num 
_struct_ref_seq_dif.pdbx_ordinal 
1 5Y13 MET A 1  ? UNP P15090 ? ? 'expression tag' -20 1  
1 5Y13 GLY A 2  ? UNP P15090 ? ? 'expression tag' -19 2  
1 5Y13 SER A 3  ? UNP P15090 ? ? 'expression tag' -18 3  
1 5Y13 SER A 4  ? UNP P15090 ? ? 'expression tag' -17 4  
1 5Y13 HIS A 5  ? UNP P15090 ? ? 'expression tag' -16 5  
1 5Y13 HIS A 6  ? UNP P15090 ? ? 'expression tag' -15 6  
1 5Y13 HIS A 7  ? UNP P15090 ? ? 'expression tag' -14 7  
1 5Y13 HIS A 8  ? UNP P15090 ? ? 'expression tag' -13 8  
1 5Y13 HIS A 9  ? UNP P15090 ? ? 'expression tag' -12 9  
1 5Y13 HIS A 10 ? UNP P15090 ? ? 'expression tag' -11 10 
1 5Y13 SER A 11 ? UNP P15090 ? ? 'expression tag' -10 11 
1 5Y13 SER A 12 ? UNP P15090 ? ? 'expression tag' -9  12 
1 5Y13 GLY A 13 ? UNP P15090 ? ? 'expression tag' -8  13 
1 5Y13 LEU A 14 ? UNP P15090 ? ? 'expression tag' -7  14 
1 5Y13 VAL A 15 ? UNP P15090 ? ? 'expression tag' -6  15 
1 5Y13 PRO A 16 ? UNP P15090 ? ? 'expression tag' -5  16 
1 5Y13 ARG A 17 ? UNP P15090 ? ? 'expression tag' -4  17 
1 5Y13 GLY A 18 ? UNP P15090 ? ? 'expression tag' -3  18 
1 5Y13 SER A 19 ? UNP P15090 ? ? 'expression tag' -2  19 
1 5Y13 HIS A 20 ? UNP P15090 ? ? 'expression tag' -1  20 
# 
_pdbx_struct_assembly.id                   1 
_pdbx_struct_assembly.details              author_defined_assembly 
_pdbx_struct_assembly.method_details       ? 
_pdbx_struct_assembly.oligomeric_details   monomeric 
_pdbx_struct_assembly.oligomeric_count     1 
# 
loop_
_pdbx_struct_assembly_prop.biol_id 
_pdbx_struct_assembly_prop.type 
_pdbx_struct_assembly_prop.value 
_pdbx_struct_assembly_prop.details 
1 'ABSA (A^2)' 0    ? 
1 MORE         0    ? 
1 'SSA (A^2)'  7220 ? 
# 
_pdbx_struct_assembly_gen.assembly_id       1 
_pdbx_struct_assembly_gen.oper_expression   1 
_pdbx_struct_assembly_gen.asym_id_list      A,B,C 
# 
_pdbx_struct_assembly_auth_evidence.id                     1 
_pdbx_struct_assembly_auth_evidence.assembly_id            1 
_pdbx_struct_assembly_auth_evidence.experimental_support   'gel filtration' 
_pdbx_struct_assembly_auth_evidence.details                ? 
# 
_pdbx_struct_oper_list.id                   1 
_pdbx_struct_oper_list.type                 'identity operation' 
_pdbx_struct_oper_list.name                 1_555 
_pdbx_struct_oper_list.symmetry_operation   x,y,z 
_pdbx_struct_oper_list.matrix[1][1]         1.0000000000 
_pdbx_struct_oper_list.matrix[1][2]         0.0000000000 
_pdbx_struct_oper_list.matrix[1][3]         0.0000000000 
_pdbx_struct_oper_list.vector[1]            0.0000000000 
_pdbx_struct_oper_list.matrix[2][1]         0.0000000000 
_pdbx_struct_oper_list.matrix[2][2]         1.0000000000 
_pdbx_struct_oper_list.matrix[2][3]         0.0000000000 
_pdbx_struct_oper_list.vector[2]            0.0000000000 
_pdbx_struct_oper_list.matrix[3][1]         0.0000000000 
_pdbx_struct_oper_list.matrix[3][2]         0.0000000000 
_pdbx_struct_oper_list.matrix[3][3]         1.0000000000 
_pdbx_struct_oper_list.vector[3]            0.0000000000 
# 
loop_
_struct_conf.conf_type_id 
_struct_conf.id 
_struct_conf.pdbx_PDB_helix_id 
_struct_conf.beg_label_comp_id 
_struct_conf.beg_label_asym_id 
_struct_conf.beg_label_seq_id 
_struct_conf.pdbx_beg_PDB_ins_code 
_struct_conf.end_label_comp_id 
_struct_conf.end_label_asym_id 
_struct_conf.end_label_seq_id 
_struct_conf.pdbx_end_PDB_ins_code 
_struct_conf.beg_auth_comp_id 
_struct_conf.beg_auth_asym_id 
_struct_conf.beg_auth_seq_id 
_struct_conf.end_auth_comp_id 
_struct_conf.end_auth_asym_id 
_struct_conf.end_auth_seq_id 
_struct_conf.pdbx_PDB_helix_class 
_struct_conf.details 
_struct_conf.pdbx_PDB_helix_length 
HELX_P HELX_P1 AA1 HIS A 20 ? VAL A 26 ? HIS A -1 VAL A 5  5 ? 7  
HELX_P HELX_P2 AA2 ASN A 36 ? GLY A 45 ? ASN A 15 GLY A 24 1 ? 10 
HELX_P HELX_P3 AA3 GLY A 47 ? ALA A 57 ? GLY A 26 ALA A 36 1 ? 11 
# 
_struct_conf_type.id          HELX_P 
_struct_conf_type.criteria    ? 
_struct_conf_type.reference   ? 
# 
_struct_sheet.id               AA1 
_struct_sheet.type             ? 
_struct_sheet.number_strands   10 
_struct_sheet.details          ? 
# 
loop_
_struct_sheet_order.sheet_id 
_struct_sheet_order.range_id_1 
_struct_sheet_order.range_id_2 
_struct_sheet_order.offset 
_struct_sheet_order.sense 
AA1 1 2  ? anti-parallel 
AA1 2 3  ? anti-parallel 
AA1 3 4  ? anti-parallel 
AA1 4 5  ? anti-parallel 
AA1 5 6  ? anti-parallel 
AA1 6 7  ? anti-parallel 
AA1 7 8  ? anti-parallel 
AA1 8 9  ? anti-parallel 
AA1 9 10 ? anti-parallel 
# 
loop_
_struct_sheet_range.sheet_id 
_struct_sheet_range.id 
_struct_sheet_range.beg_label_comp_id 
_struct_sheet_range.beg_label_asym_id 
_struct_sheet_range.beg_label_seq_id 
_struct_sheet_range.pdbx_beg_PDB_ins_code 
_struct_sheet_range.end_label_comp_id 
_struct_sheet_range.end_label_asym_id 
_struct_sheet_range.end_label_seq_id 
_struct_sheet_range.pdbx_end_PDB_ins_code 
_struct_sheet_range.beg_auth_comp_id 
_struct_sheet_range.beg_auth_asym_id 
_struct_sheet_range.beg_auth_seq_id 
_struct_sheet_range.end_auth_comp_id 
_struct_sheet_range.end_auth_asym_id 
_struct_sheet_range.end_auth_seq_id 
AA1 1  ASN A 80  ? ILE A 86  ? ASN A 59  ILE A 65  
AA1 2  VAL A 69  ? GLU A 75  ? VAL A 48  GLU A 54  
AA1 3  ASN A 60  ? ASN A 66  ? ASN A 39  ASN A 45  
AA1 4  GLY A 27  ? GLU A 35  ? GLY A 6   GLU A 14  
AA1 5  VAL A 143 ? ARG A 151 ? VAL A 122 ARG A 130 
AA1 6  LYS A 133 ? MET A 140 ? LYS A 112 MET A 119 
AA1 7  LYS A 121 ? GLU A 130 ? LYS A 100 GLU A 109 
AA1 8  VAL A 111 ? TRP A 118 ? VAL A 90  TRP A 97  
AA1 9  LYS A 100 ? ASP A 108 ? LYS A 79  ASP A 87  
AA1 10 PHE A 91  ? VAL A 94  ? PHE A 70  VAL A 73  
# 
loop_
_pdbx_struct_sheet_hbond.sheet_id 
_pdbx_struct_sheet_hbond.range_id_1 
_pdbx_struct_sheet_hbond.range_id_2 
_pdbx_struct_sheet_hbond.range_1_label_atom_id 
_pdbx_struct_sheet_hbond.range_1_label_comp_id 
_pdbx_struct_sheet_hbond.range_1_label_asym_id 
_pdbx_struct_sheet_hbond.range_1_label_seq_id 
_pdbx_struct_sheet_hbond.range_1_PDB_ins_code 
_pdbx_struct_sheet_hbond.range_1_auth_atom_id 
_pdbx_struct_sheet_hbond.range_1_auth_comp_id 
_pdbx_struct_sheet_hbond.range_1_auth_asym_id 
_pdbx_struct_sheet_hbond.range_1_auth_seq_id 
_pdbx_struct_sheet_hbond.range_2_label_atom_id 
_pdbx_struct_sheet_hbond.range_2_label_comp_id 
_pdbx_struct_sheet_hbond.range_2_label_asym_id 
_pdbx_struct_sheet_hbond.range_2_label_seq_id 
_pdbx_struct_sheet_hbond.range_2_PDB_ins_code 
_pdbx_struct_sheet_hbond.range_2_auth_atom_id 
_pdbx_struct_sheet_hbond.range_2_auth_comp_id 
_pdbx_struct_sheet_hbond.range_2_auth_asym_id 
_pdbx_struct_sheet_hbond.range_2_auth_seq_id 
AA1 1 2  O PHE A 85  ? O PHE A 64  N ILE A 70  ? N ILE A 49  
AA1 2 3  O GLU A 75  ? O GLU A 54  N ASN A 60  ? N ASN A 39  
AA1 3 4  O MET A 61  ? O MET A 40  N TRP A 29  ? N TRP A 8   
AA1 4 5  N LYS A 30  ? N LYS A 9   O GLU A 150 ? O GLU A 129 
AA1 5 6  O ARG A 147 ? O ARG A 126 N VAL A 136 ? N VAL A 115 
AA1 6 7  O VAL A 135 ? O VAL A 114 N LYS A 128 ? N LYS A 107 
AA1 7 8  O LYS A 121 ? O LYS A 100 N TRP A 118 ? N TRP A 97  
AA1 8 9  O VAL A 113 ? O VAL A 92  N THR A 106 ? N THR A 85  
AA1 9 10 O SER A 103 ? O SER A 82  N PHE A 91  ? N PHE A 70  
# 
_struct_site.id                   AC1 
_struct_site.pdbx_evidence_code   Software 
_struct_site.pdbx_auth_asym_id    A 
_struct_site.pdbx_auth_comp_id    8K0 
_struct_site.pdbx_auth_seq_id     201 
_struct_site.pdbx_auth_ins_code   ? 
_struct_site.pdbx_num_residues    13 
_struct_site.details              'binding site for residue 8K0 A 201' 
# 
loop_
_struct_site_gen.id 
_struct_site_gen.site_id 
_struct_site_gen.pdbx_num_res 
_struct_site_gen.label_comp_id 
_struct_site_gen.label_asym_id 
_struct_site_gen.label_seq_id 
_struct_site_gen.pdbx_auth_ins_code 
_struct_site_gen.auth_comp_id 
_struct_site_gen.auth_asym_id 
_struct_site_gen.auth_seq_id 
_struct_site_gen.label_atom_id 
_struct_site_gen.label_alt_id 
_struct_site_gen.symmetry 
_struct_site_gen.details 
1  AC1 13 MET A 41  ? MET A 20  . ? 1_555 ? 
2  AC1 13 THR A 95  ? THR A 74  . ? 1_555 ? 
3  AC1 13 ASP A 97  ? ASP A 76  . ? 1_555 ? 
4  AC1 13 ARG A 99  ? ARG A 78  . ? 1_555 ? 
5  AC1 13 GLN A 116 ? GLN A 95  . ? 1_555 ? 
6  AC1 13 ILE A 125 ? ILE A 104 . ? 1_555 ? 
7  AC1 13 ARG A 147 ? ARG A 126 . ? 1_555 ? 
8  AC1 13 TYR A 149 ? TYR A 128 . ? 1_555 ? 
9  AC1 13 HOH C .   ? HOH A 303 . ? 1_555 ? 
10 AC1 13 HOH C .   ? HOH A 313 . ? 1_555 ? 
11 AC1 13 HOH C .   ? HOH A 331 . ? 1_555 ? 
12 AC1 13 HOH C .   ? HOH A 333 . ? 1_555 ? 
13 AC1 13 HOH C .   ? HOH A 381 . ? 1_555 ? 
# 
_pdbx_validate_close_contact.id               1 
_pdbx_validate_close_contact.PDB_model_num    1 
_pdbx_validate_close_contact.auth_atom_id_1   OE1 
_pdbx_validate_close_contact.auth_asym_id_1   A 
_pdbx_validate_close_contact.auth_comp_id_1   GLU 
_pdbx_validate_close_contact.auth_seq_id_1    129 
_pdbx_validate_close_contact.PDB_ins_code_1   ? 
_pdbx_validate_close_contact.label_alt_id_1   ? 
_pdbx_validate_close_contact.auth_atom_id_2   O 
_pdbx_validate_close_contact.auth_asym_id_2   A 
_pdbx_validate_close_contact.auth_comp_id_2   HOH 
_pdbx_validate_close_contact.auth_seq_id_2    301 
_pdbx_validate_close_contact.PDB_ins_code_2   ? 
_pdbx_validate_close_contact.label_alt_id_2   ? 
_pdbx_validate_close_contact.dist             2.09 
# 
loop_
_pdbx_validate_torsion.id 
_pdbx_validate_torsion.PDB_model_num 
_pdbx_validate_torsion.auth_comp_id 
_pdbx_validate_torsion.auth_asym_id 
_pdbx_validate_torsion.auth_seq_id 
_pdbx_validate_torsion.PDB_ins_code 
_pdbx_validate_torsion.label_alt_id 
_pdbx_validate_torsion.phi 
_pdbx_validate_torsion.psi 
1 1 ASP A 110 ? ? 51.02 -126.40 
2 1 LYS A 120 ? ? 57.16 -114.94 
# 
loop_
_pdbx_unobs_or_zero_occ_residues.id 
_pdbx_unobs_or_zero_occ_residues.PDB_model_num 
_pdbx_unobs_or_zero_occ_residues.polymer_flag 
_pdbx_unobs_or_zero_occ_residues.occupancy_flag 
_pdbx_unobs_or_zero_occ_residues.auth_asym_id 
_pdbx_unobs_or_zero_occ_residues.auth_comp_id 
_pdbx_unobs_or_zero_occ_residues.auth_seq_id 
_pdbx_unobs_or_zero_occ_residues.PDB_ins_code 
_pdbx_unobs_or_zero_occ_residues.label_asym_id 
_pdbx_unobs_or_zero_occ_residues.label_comp_id 
_pdbx_unobs_or_zero_occ_residues.label_seq_id 
1  1 Y 1 A MET -20 ? A MET 1  
2  1 Y 1 A GLY -19 ? A GLY 2  
3  1 Y 1 A SER -18 ? A SER 3  
4  1 Y 1 A SER -17 ? A SER 4  
5  1 Y 1 A HIS -16 ? A HIS 5  
6  1 Y 1 A HIS -15 ? A HIS 6  
7  1 Y 1 A HIS -14 ? A HIS 7  
8  1 Y 1 A HIS -13 ? A HIS 8  
9  1 Y 1 A HIS -12 ? A HIS 9  
10 1 Y 1 A HIS -11 ? A HIS 10 
11 1 Y 1 A SER -10 ? A SER 11 
12 1 Y 1 A SER -9  ? A SER 12 
13 1 Y 1 A GLY -8  ? A GLY 13 
14 1 Y 1 A LEU -7  ? A LEU 14 
15 1 Y 1 A VAL -6  ? A VAL 15 
16 1 Y 1 A PRO -5  ? A PRO 16 
# 
loop_
_chem_comp_atom.comp_id 
_chem_comp_atom.atom_id 
_chem_comp_atom.type_symbol 
_chem_comp_atom.pdbx_aromatic_flag 
_chem_comp_atom.pdbx_stereo_config 
_chem_comp_atom.pdbx_ordinal 
8K0 OAA  O  N N 1   
8K0 CAQ  C  N N 2   
8K0 OAD  O  N N 3   
8K0 CAO  C  N N 4   
8K0 CAM  C  N N 5   
8K0 CAL  C  N N 6   
8K0 CAN  C  N N 7   
8K0 NAP  N  N N 8   
8K0 SAV  S  N N 9   
8K0 OAB  O  N N 10  
8K0 OAC  O  N N 11  
8K0 CAS  C  Y N 12  
8K0 CAU  C  Y N 13  
8K0 CAK  C  Y N 14  
8K0 CAG  C  Y N 15  
8K0 CAF  C  Y N 16  
8K0 CAJ  C  Y N 17  
8K0 CAT  C  Y N 18  
8K0 CAR  C  Y N 19  
8K0 BRAE BR N N 20  
8K0 CAH  C  Y N 21  
8K0 CAI  C  Y N 22  
8K0 H1   H  N N 23  
8K0 H2   H  N N 24  
8K0 H3   H  N N 25  
8K0 H4   H  N N 26  
8K0 H5   H  N N 27  
8K0 H6   H  N N 28  
8K0 H7   H  N N 29  
8K0 H8   H  N N 30  
8K0 H9   H  N N 31  
8K0 H10  H  N N 32  
8K0 H11  H  N N 33  
8K0 H12  H  N N 34  
8K0 H13  H  N N 35  
8K0 H14  H  N N 36  
8K0 H15  H  N N 37  
8K0 H16  H  N N 38  
ALA N    N  N N 39  
ALA CA   C  N S 40  
ALA C    C  N N 41  
ALA O    O  N N 42  
ALA CB   C  N N 43  
ALA OXT  O  N N 44  
ALA H    H  N N 45  
ALA H2   H  N N 46  
ALA HA   H  N N 47  
ALA HB1  H  N N 48  
ALA HB2  H  N N 49  
ALA HB3  H  N N 50  
ALA HXT  H  N N 51  
ARG N    N  N N 52  
ARG CA   C  N S 53  
ARG C    C  N N 54  
ARG O    O  N N 55  
ARG CB   C  N N 56  
ARG CG   C  N N 57  
ARG CD   C  N N 58  
ARG NE   N  N N 59  
ARG CZ   C  N N 60  
ARG NH1  N  N N 61  
ARG NH2  N  N N 62  
ARG OXT  O  N N 63  
ARG H    H  N N 64  
ARG H2   H  N N 65  
ARG HA   H  N N 66  
ARG HB2  H  N N 67  
ARG HB3  H  N N 68  
ARG HG2  H  N N 69  
ARG HG3  H  N N 70  
ARG HD2  H  N N 71  
ARG HD3  H  N N 72  
ARG HE   H  N N 73  
ARG HH11 H  N N 74  
ARG HH12 H  N N 75  
ARG HH21 H  N N 76  
ARG HH22 H  N N 77  
ARG HXT  H  N N 78  
ASN N    N  N N 79  
ASN CA   C  N S 80  
ASN C    C  N N 81  
ASN O    O  N N 82  
ASN CB   C  N N 83  
ASN CG   C  N N 84  
ASN OD1  O  N N 85  
ASN ND2  N  N N 86  
ASN OXT  O  N N 87  
ASN H    H  N N 88  
ASN H2   H  N N 89  
ASN HA   H  N N 90  
ASN HB2  H  N N 91  
ASN HB3  H  N N 92  
ASN HD21 H  N N 93  
ASN HD22 H  N N 94  
ASN HXT  H  N N 95  
ASP N    N  N N 96  
ASP CA   C  N S 97  
ASP C    C  N N 98  
ASP O    O  N N 99  
ASP CB   C  N N 100 
ASP CG   C  N N 101 
ASP OD1  O  N N 102 
ASP OD2  O  N N 103 
ASP OXT  O  N N 104 
ASP H    H  N N 105 
ASP H2   H  N N 106 
ASP HA   H  N N 107 
ASP HB2  H  N N 108 
ASP HB3  H  N N 109 
ASP HD2  H  N N 110 
ASP HXT  H  N N 111 
CYS N    N  N N 112 
CYS CA   C  N R 113 
CYS C    C  N N 114 
CYS O    O  N N 115 
CYS CB   C  N N 116 
CYS SG   S  N N 117 
CYS OXT  O  N N 118 
CYS H    H  N N 119 
CYS H2   H  N N 120 
CYS HA   H  N N 121 
CYS HB2  H  N N 122 
CYS HB3  H  N N 123 
CYS HG   H  N N 124 
CYS HXT  H  N N 125 
GLN N    N  N N 126 
GLN CA   C  N S 127 
GLN C    C  N N 128 
GLN O    O  N N 129 
GLN CB   C  N N 130 
GLN CG   C  N N 131 
GLN CD   C  N N 132 
GLN OE1  O  N N 133 
GLN NE2  N  N N 134 
GLN OXT  O  N N 135 
GLN H    H  N N 136 
GLN H2   H  N N 137 
GLN HA   H  N N 138 
GLN HB2  H  N N 139 
GLN HB3  H  N N 140 
GLN HG2  H  N N 141 
GLN HG3  H  N N 142 
GLN HE21 H  N N 143 
GLN HE22 H  N N 144 
GLN HXT  H  N N 145 
GLU N    N  N N 146 
GLU CA   C  N S 147 
GLU C    C  N N 148 
GLU O    O  N N 149 
GLU CB   C  N N 150 
GLU CG   C  N N 151 
GLU CD   C  N N 152 
GLU OE1  O  N N 153 
GLU OE2  O  N N 154 
GLU OXT  O  N N 155 
GLU H    H  N N 156 
GLU H2   H  N N 157 
GLU HA   H  N N 158 
GLU HB2  H  N N 159 
GLU HB3  H  N N 160 
GLU HG2  H  N N 161 
GLU HG3  H  N N 162 
GLU HE2  H  N N 163 
GLU HXT  H  N N 164 
GLY N    N  N N 165 
GLY CA   C  N N 166 
GLY C    C  N N 167 
GLY O    O  N N 168 
GLY OXT  O  N N 169 
GLY H    H  N N 170 
GLY H2   H  N N 171 
GLY HA2  H  N N 172 
GLY HA3  H  N N 173 
GLY HXT  H  N N 174 
HIS N    N  N N 175 
HIS CA   C  N S 176 
HIS C    C  N N 177 
HIS O    O  N N 178 
HIS CB   C  N N 179 
HIS CG   C  Y N 180 
HIS ND1  N  Y N 181 
HIS CD2  C  Y N 182 
HIS CE1  C  Y N 183 
HIS NE2  N  Y N 184 
HIS OXT  O  N N 185 
HIS H    H  N N 186 
HIS H2   H  N N 187 
HIS HA   H  N N 188 
HIS HB2  H  N N 189 
HIS HB3  H  N N 190 
HIS HD1  H  N N 191 
HIS HD2  H  N N 192 
HIS HE1  H  N N 193 
HIS HE2  H  N N 194 
HIS HXT  H  N N 195 
HOH O    O  N N 196 
HOH H1   H  N N 197 
HOH H2   H  N N 198 
ILE N    N  N N 199 
ILE CA   C  N S 200 
ILE C    C  N N 201 
ILE O    O  N N 202 
ILE CB   C  N S 203 
ILE CG1  C  N N 204 
ILE CG2  C  N N 205 
ILE CD1  C  N N 206 
ILE OXT  O  N N 207 
ILE H    H  N N 208 
ILE H2   H  N N 209 
ILE HA   H  N N 210 
ILE HB   H  N N 211 
ILE HG12 H  N N 212 
ILE HG13 H  N N 213 
ILE HG21 H  N N 214 
ILE HG22 H  N N 215 
ILE HG23 H  N N 216 
ILE HD11 H  N N 217 
ILE HD12 H  N N 218 
ILE HD13 H  N N 219 
ILE HXT  H  N N 220 
LEU N    N  N N 221 
LEU CA   C  N S 222 
LEU C    C  N N 223 
LEU O    O  N N 224 
LEU CB   C  N N 225 
LEU CG   C  N N 226 
LEU CD1  C  N N 227 
LEU CD2  C  N N 228 
LEU OXT  O  N N 229 
LEU H    H  N N 230 
LEU H2   H  N N 231 
LEU HA   H  N N 232 
LEU HB2  H  N N 233 
LEU HB3  H  N N 234 
LEU HG   H  N N 235 
LEU HD11 H  N N 236 
LEU HD12 H  N N 237 
LEU HD13 H  N N 238 
LEU HD21 H  N N 239 
LEU HD22 H  N N 240 
LEU HD23 H  N N 241 
LEU HXT  H  N N 242 
LYS N    N  N N 243 
LYS CA   C  N S 244 
LYS C    C  N N 245 
LYS O    O  N N 246 
LYS CB   C  N N 247 
LYS CG   C  N N 248 
LYS CD   C  N N 249 
LYS CE   C  N N 250 
LYS NZ   N  N N 251 
LYS OXT  O  N N 252 
LYS H    H  N N 253 
LYS H2   H  N N 254 
LYS HA   H  N N 255 
LYS HB2  H  N N 256 
LYS HB3  H  N N 257 
LYS HG2  H  N N 258 
LYS HG3  H  N N 259 
LYS HD2  H  N N 260 
LYS HD3  H  N N 261 
LYS HE2  H  N N 262 
LYS HE3  H  N N 263 
LYS HZ1  H  N N 264 
LYS HZ2  H  N N 265 
LYS HZ3  H  N N 266 
LYS HXT  H  N N 267 
MET N    N  N N 268 
MET CA   C  N S 269 
MET C    C  N N 270 
MET O    O  N N 271 
MET CB   C  N N 272 
MET CG   C  N N 273 
MET SD   S  N N 274 
MET CE   C  N N 275 
MET OXT  O  N N 276 
MET H    H  N N 277 
MET H2   H  N N 278 
MET HA   H  N N 279 
MET HB2  H  N N 280 
MET HB3  H  N N 281 
MET HG2  H  N N 282 
MET HG3  H  N N 283 
MET HE1  H  N N 284 
MET HE2  H  N N 285 
MET HE3  H  N N 286 
MET HXT  H  N N 287 
PHE N    N  N N 288 
PHE CA   C  N S 289 
PHE C    C  N N 290 
PHE O    O  N N 291 
PHE CB   C  N N 292 
PHE CG   C  Y N 293 
PHE CD1  C  Y N 294 
PHE CD2  C  Y N 295 
PHE CE1  C  Y N 296 
PHE CE2  C  Y N 297 
PHE CZ   C  Y N 298 
PHE OXT  O  N N 299 
PHE H    H  N N 300 
PHE H2   H  N N 301 
PHE HA   H  N N 302 
PHE HB2  H  N N 303 
PHE HB3  H  N N 304 
PHE HD1  H  N N 305 
PHE HD2  H  N N 306 
PHE HE1  H  N N 307 
PHE HE2  H  N N 308 
PHE HZ   H  N N 309 
PHE HXT  H  N N 310 
PRO N    N  N N 311 
PRO CA   C  N S 312 
PRO C    C  N N 313 
PRO O    O  N N 314 
PRO CB   C  N N 315 
PRO CG   C  N N 316 
PRO CD   C  N N 317 
PRO OXT  O  N N 318 
PRO H    H  N N 319 
PRO HA   H  N N 320 
PRO HB2  H  N N 321 
PRO HB3  H  N N 322 
PRO HG2  H  N N 323 
PRO HG3  H  N N 324 
PRO HD2  H  N N 325 
PRO HD3  H  N N 326 
PRO HXT  H  N N 327 
SER N    N  N N 328 
SER CA   C  N S 329 
SER C    C  N N 330 
SER O    O  N N 331 
SER CB   C  N N 332 
SER OG   O  N N 333 
SER OXT  O  N N 334 
SER H    H  N N 335 
SER H2   H  N N 336 
SER HA   H  N N 337 
SER HB2  H  N N 338 
SER HB3  H  N N 339 
SER HG   H  N N 340 
SER HXT  H  N N 341 
THR N    N  N N 342 
THR CA   C  N S 343 
THR C    C  N N 344 
THR O    O  N N 345 
THR CB   C  N R 346 
THR OG1  O  N N 347 
THR CG2  C  N N 348 
THR OXT  O  N N 349 
THR H    H  N N 350 
THR H2   H  N N 351 
THR HA   H  N N 352 
THR HB   H  N N 353 
THR HG1  H  N N 354 
THR HG21 H  N N 355 
THR HG22 H  N N 356 
THR HG23 H  N N 357 
THR HXT  H  N N 358 
TRP N    N  N N 359 
TRP CA   C  N S 360 
TRP C    C  N N 361 
TRP O    O  N N 362 
TRP CB   C  N N 363 
TRP CG   C  Y N 364 
TRP CD1  C  Y N 365 
TRP CD2  C  Y N 366 
TRP NE1  N  Y N 367 
TRP CE2  C  Y N 368 
TRP CE3  C  Y N 369 
TRP CZ2  C  Y N 370 
TRP CZ3  C  Y N 371 
TRP CH2  C  Y N 372 
TRP OXT  O  N N 373 
TRP H    H  N N 374 
TRP H2   H  N N 375 
TRP HA   H  N N 376 
TRP HB2  H  N N 377 
TRP HB3  H  N N 378 
TRP HD1  H  N N 379 
TRP HE1  H  N N 380 
TRP HE3  H  N N 381 
TRP HZ2  H  N N 382 
TRP HZ3  H  N N 383 
TRP HH2  H  N N 384 
TRP HXT  H  N N 385 
TYR N    N  N N 386 
TYR CA   C  N S 387 
TYR C    C  N N 388 
TYR O    O  N N 389 
TYR CB   C  N N 390 
TYR CG   C  Y N 391 
TYR CD1  C  Y N 392 
TYR CD2  C  Y N 393 
TYR CE1  C  Y N 394 
TYR CE2  C  Y N 395 
TYR CZ   C  Y N 396 
TYR OH   O  N N 397 
TYR OXT  O  N N 398 
TYR H    H  N N 399 
TYR H2   H  N N 400 
TYR HA   H  N N 401 
TYR HB2  H  N N 402 
TYR HB3  H  N N 403 
TYR HD1  H  N N 404 
TYR HD2  H  N N 405 
TYR HE1  H  N N 406 
TYR HE2  H  N N 407 
TYR HH   H  N N 408 
TYR HXT  H  N N 409 
VAL N    N  N N 410 
VAL CA   C  N S 411 
VAL C    C  N N 412 
VAL O    O  N N 413 
VAL CB   C  N N 414 
VAL CG1  C  N N 415 
VAL CG2  C  N N 416 
VAL OXT  O  N N 417 
VAL H    H  N N 418 
VAL H2   H  N N 419 
VAL HA   H  N N 420 
VAL HB   H  N N 421 
VAL HG11 H  N N 422 
VAL HG12 H  N N 423 
VAL HG13 H  N N 424 
VAL HG21 H  N N 425 
VAL HG22 H  N N 426 
VAL HG23 H  N N 427 
VAL HXT  H  N N 428 
# 
loop_
_chem_comp_bond.comp_id 
_chem_comp_bond.atom_id_1 
_chem_comp_bond.atom_id_2 
_chem_comp_bond.value_order 
_chem_comp_bond.pdbx_aromatic_flag 
_chem_comp_bond.pdbx_stereo_config 
_chem_comp_bond.pdbx_ordinal 
8K0 CAF CAG  sing Y N 1   
8K0 CAF CAJ  doub Y N 2   
8K0 CAG CAK  doub Y N 3   
8K0 CAJ CAT  sing Y N 4   
8K0 CAK CAU  sing Y N 5   
8K0 CAT CAU  sing Y N 6   
8K0 CAT CAR  doub Y N 7   
8K0 CAU CAS  doub Y N 8   
8K0 OAB SAV  doub N N 9   
8K0 CAR BRAE sing N N 10  
8K0 CAR CAH  sing Y N 11  
8K0 CAS SAV  sing N N 12  
8K0 CAS CAI  sing Y N 13  
8K0 SAV NAP  sing N N 14  
8K0 SAV OAC  doub N N 15  
8K0 NAP CAN  sing N N 16  
8K0 CAN CAL  sing N N 17  
8K0 CAH CAI  doub Y N 18  
8K0 CAL CAM  sing N N 19  
8K0 CAM CAO  sing N N 20  
8K0 CAO CAQ  sing N N 21  
8K0 CAQ OAA  doub N N 22  
8K0 CAQ OAD  sing N N 23  
8K0 OAD H1   sing N N 24  
8K0 CAO H2   sing N N 25  
8K0 CAO H3   sing N N 26  
8K0 CAM H4   sing N N 27  
8K0 CAM H5   sing N N 28  
8K0 CAL H6   sing N N 29  
8K0 CAL H7   sing N N 30  
8K0 CAN H8   sing N N 31  
8K0 CAN H9   sing N N 32  
8K0 NAP H10  sing N N 33  
8K0 CAK H11  sing N N 34  
8K0 CAG H12  sing N N 35  
8K0 CAF H13  sing N N 36  
8K0 CAJ H14  sing N N 37  
8K0 CAH H15  sing N N 38  
8K0 CAI H16  sing N N 39  
ALA N   CA   sing N N 40  
ALA N   H    sing N N 41  
ALA N   H2   sing N N 42  
ALA CA  C    sing N N 43  
ALA CA  CB   sing N N 44  
ALA CA  HA   sing N N 45  
ALA C   O    doub N N 46  
ALA C   OXT  sing N N 47  
ALA CB  HB1  sing N N 48  
ALA CB  HB2  sing N N 49  
ALA CB  HB3  sing N N 50  
ALA OXT HXT  sing N N 51  
ARG N   CA   sing N N 52  
ARG N   H    sing N N 53  
ARG N   H2   sing N N 54  
ARG CA  C    sing N N 55  
ARG CA  CB   sing N N 56  
ARG CA  HA   sing N N 57  
ARG C   O    doub N N 58  
ARG C   OXT  sing N N 59  
ARG CB  CG   sing N N 60  
ARG CB  HB2  sing N N 61  
ARG CB  HB3  sing N N 62  
ARG CG  CD   sing N N 63  
ARG CG  HG2  sing N N 64  
ARG CG  HG3  sing N N 65  
ARG CD  NE   sing N N 66  
ARG CD  HD2  sing N N 67  
ARG CD  HD3  sing N N 68  
ARG NE  CZ   sing N N 69  
ARG NE  HE   sing N N 70  
ARG CZ  NH1  sing N N 71  
ARG CZ  NH2  doub N N 72  
ARG NH1 HH11 sing N N 73  
ARG NH1 HH12 sing N N 74  
ARG NH2 HH21 sing N N 75  
ARG NH2 HH22 sing N N 76  
ARG OXT HXT  sing N N 77  
ASN N   CA   sing N N 78  
ASN N   H    sing N N 79  
ASN N   H2   sing N N 80  
ASN CA  C    sing N N 81  
ASN CA  CB   sing N N 82  
ASN CA  HA   sing N N 83  
ASN C   O    doub N N 84  
ASN C   OXT  sing N N 85  
ASN CB  CG   sing N N 86  
ASN CB  HB2  sing N N 87  
ASN CB  HB3  sing N N 88  
ASN CG  OD1  doub N N 89  
ASN CG  ND2  sing N N 90  
ASN ND2 HD21 sing N N 91  
ASN ND2 HD22 sing N N 92  
ASN OXT HXT  sing N N 93  
ASP N   CA   sing N N 94  
ASP N   H    sing N N 95  
ASP N   H2   sing N N 96  
ASP CA  C    sing N N 97  
ASP CA  CB   sing N N 98  
ASP CA  HA   sing N N 99  
ASP C   O    doub N N 100 
ASP C   OXT  sing N N 101 
ASP CB  CG   sing N N 102 
ASP CB  HB2  sing N N 103 
ASP CB  HB3  sing N N 104 
ASP CG  OD1  doub N N 105 
ASP CG  OD2  sing N N 106 
ASP OD2 HD2  sing N N 107 
ASP OXT HXT  sing N N 108 
CYS N   CA   sing N N 109 
CYS N   H    sing N N 110 
CYS N   H2   sing N N 111 
CYS CA  C    sing N N 112 
CYS CA  CB   sing N N 113 
CYS CA  HA   sing N N 114 
CYS C   O    doub N N 115 
CYS C   OXT  sing N N 116 
CYS CB  SG   sing N N 117 
CYS CB  HB2  sing N N 118 
CYS CB  HB3  sing N N 119 
CYS SG  HG   sing N N 120 
CYS OXT HXT  sing N N 121 
GLN N   CA   sing N N 122 
GLN N   H    sing N N 123 
GLN N   H2   sing N N 124 
GLN CA  C    sing N N 125 
GLN CA  CB   sing N N 126 
GLN CA  HA   sing N N 127 
GLN C   O    doub N N 128 
GLN C   OXT  sing N N 129 
GLN CB  CG   sing N N 130 
GLN CB  HB2  sing N N 131 
GLN CB  HB3  sing N N 132 
GLN CG  CD   sing N N 133 
GLN CG  HG2  sing N N 134 
GLN CG  HG3  sing N N 135 
GLN CD  OE1  doub N N 136 
GLN CD  NE2  sing N N 137 
GLN NE2 HE21 sing N N 138 
GLN NE2 HE22 sing N N 139 
GLN OXT HXT  sing N N 140 
GLU N   CA   sing N N 141 
GLU N   H    sing N N 142 
GLU N   H2   sing N N 143 
GLU CA  C    sing N N 144 
GLU CA  CB   sing N N 145 
GLU CA  HA   sing N N 146 
GLU C   O    doub N N 147 
GLU C   OXT  sing N N 148 
GLU CB  CG   sing N N 149 
GLU CB  HB2  sing N N 150 
GLU CB  HB3  sing N N 151 
GLU CG  CD   sing N N 152 
GLU CG  HG2  sing N N 153 
GLU CG  HG3  sing N N 154 
GLU CD  OE1  doub N N 155 
GLU CD  OE2  sing N N 156 
GLU OE2 HE2  sing N N 157 
GLU OXT HXT  sing N N 158 
GLY N   CA   sing N N 159 
GLY N   H    sing N N 160 
GLY N   H2   sing N N 161 
GLY CA  C    sing N N 162 
GLY CA  HA2  sing N N 163 
GLY CA  HA3  sing N N 164 
GLY C   O    doub N N 165 
GLY C   OXT  sing N N 166 
GLY OXT HXT  sing N N 167 
HIS N   CA   sing N N 168 
HIS N   H    sing N N 169 
HIS N   H2   sing N N 170 
HIS CA  C    sing N N 171 
HIS CA  CB   sing N N 172 
HIS CA  HA   sing N N 173 
HIS C   O    doub N N 174 
HIS C   OXT  sing N N 175 
HIS CB  CG   sing N N 176 
HIS CB  HB2  sing N N 177 
HIS CB  HB3  sing N N 178 
HIS CG  ND1  sing Y N 179 
HIS CG  CD2  doub Y N 180 
HIS ND1 CE1  doub Y N 181 
HIS ND1 HD1  sing N N 182 
HIS CD2 NE2  sing Y N 183 
HIS CD2 HD2  sing N N 184 
HIS CE1 NE2  sing Y N 185 
HIS CE1 HE1  sing N N 186 
HIS NE2 HE2  sing N N 187 
HIS OXT HXT  sing N N 188 
HOH O   H1   sing N N 189 
HOH O   H2   sing N N 190 
ILE N   CA   sing N N 191 
ILE N   H    sing N N 192 
ILE N   H2   sing N N 193 
ILE CA  C    sing N N 194 
ILE CA  CB   sing N N 195 
ILE CA  HA   sing N N 196 
ILE C   O    doub N N 197 
ILE C   OXT  sing N N 198 
ILE CB  CG1  sing N N 199 
ILE CB  CG2  sing N N 200 
ILE CB  HB   sing N N 201 
ILE CG1 CD1  sing N N 202 
ILE CG1 HG12 sing N N 203 
ILE CG1 HG13 sing N N 204 
ILE CG2 HG21 sing N N 205 
ILE CG2 HG22 sing N N 206 
ILE CG2 HG23 sing N N 207 
ILE CD1 HD11 sing N N 208 
ILE CD1 HD12 sing N N 209 
ILE CD1 HD13 sing N N 210 
ILE OXT HXT  sing N N 211 
LEU N   CA   sing N N 212 
LEU N   H    sing N N 213 
LEU N   H2   sing N N 214 
LEU CA  C    sing N N 215 
LEU CA  CB   sing N N 216 
LEU CA  HA   sing N N 217 
LEU C   O    doub N N 218 
LEU C   OXT  sing N N 219 
LEU CB  CG   sing N N 220 
LEU CB  HB2  sing N N 221 
LEU CB  HB3  sing N N 222 
LEU CG  CD1  sing N N 223 
LEU CG  CD2  sing N N 224 
LEU CG  HG   sing N N 225 
LEU CD1 HD11 sing N N 226 
LEU CD1 HD12 sing N N 227 
LEU CD1 HD13 sing N N 228 
LEU CD2 HD21 sing N N 229 
LEU CD2 HD22 sing N N 230 
LEU CD2 HD23 sing N N 231 
LEU OXT HXT  sing N N 232 
LYS N   CA   sing N N 233 
LYS N   H    sing N N 234 
LYS N   H2   sing N N 235 
LYS CA  C    sing N N 236 
LYS CA  CB   sing N N 237 
LYS CA  HA   sing N N 238 
LYS C   O    doub N N 239 
LYS C   OXT  sing N N 240 
LYS CB  CG   sing N N 241 
LYS CB  HB2  sing N N 242 
LYS CB  HB3  sing N N 243 
LYS CG  CD   sing N N 244 
LYS CG  HG2  sing N N 245 
LYS CG  HG3  sing N N 246 
LYS CD  CE   sing N N 247 
LYS CD  HD2  sing N N 248 
LYS CD  HD3  sing N N 249 
LYS CE  NZ   sing N N 250 
LYS CE  HE2  sing N N 251 
LYS CE  HE3  sing N N 252 
LYS NZ  HZ1  sing N N 253 
LYS NZ  HZ2  sing N N 254 
LYS NZ  HZ3  sing N N 255 
LYS OXT HXT  sing N N 256 
MET N   CA   sing N N 257 
MET N   H    sing N N 258 
MET N   H2   sing N N 259 
MET CA  C    sing N N 260 
MET CA  CB   sing N N 261 
MET CA  HA   sing N N 262 
MET C   O    doub N N 263 
MET C   OXT  sing N N 264 
MET CB  CG   sing N N 265 
MET CB  HB2  sing N N 266 
MET CB  HB3  sing N N 267 
MET CG  SD   sing N N 268 
MET CG  HG2  sing N N 269 
MET CG  HG3  sing N N 270 
MET SD  CE   sing N N 271 
MET CE  HE1  sing N N 272 
MET CE  HE2  sing N N 273 
MET CE  HE3  sing N N 274 
MET OXT HXT  sing N N 275 
PHE N   CA   sing N N 276 
PHE N   H    sing N N 277 
PHE N   H2   sing N N 278 
PHE CA  C    sing N N 279 
PHE CA  CB   sing N N 280 
PHE CA  HA   sing N N 281 
PHE C   O    doub N N 282 
PHE C   OXT  sing N N 283 
PHE CB  CG   sing N N 284 
PHE CB  HB2  sing N N 285 
PHE CB  HB3  sing N N 286 
PHE CG  CD1  doub Y N 287 
PHE CG  CD2  sing Y N 288 
PHE CD1 CE1  sing Y N 289 
PHE CD1 HD1  sing N N 290 
PHE CD2 CE2  doub Y N 291 
PHE CD2 HD2  sing N N 292 
PHE CE1 CZ   doub Y N 293 
PHE CE1 HE1  sing N N 294 
PHE CE2 CZ   sing Y N 295 
PHE CE2 HE2  sing N N 296 
PHE CZ  HZ   sing N N 297 
PHE OXT HXT  sing N N 298 
PRO N   CA   sing N N 299 
PRO N   CD   sing N N 300 
PRO N   H    sing N N 301 
PRO CA  C    sing N N 302 
PRO CA  CB   sing N N 303 
PRO CA  HA   sing N N 304 
PRO C   O    doub N N 305 
PRO C   OXT  sing N N 306 
PRO CB  CG   sing N N 307 
PRO CB  HB2  sing N N 308 
PRO CB  HB3  sing N N 309 
PRO CG  CD   sing N N 310 
PRO CG  HG2  sing N N 311 
PRO CG  HG3  sing N N 312 
PRO CD  HD2  sing N N 313 
PRO CD  HD3  sing N N 314 
PRO OXT HXT  sing N N 315 
SER N   CA   sing N N 316 
SER N   H    sing N N 317 
SER N   H2   sing N N 318 
SER CA  C    sing N N 319 
SER CA  CB   sing N N 320 
SER CA  HA   sing N N 321 
SER C   O    doub N N 322 
SER C   OXT  sing N N 323 
SER CB  OG   sing N N 324 
SER CB  HB2  sing N N 325 
SER CB  HB3  sing N N 326 
SER OG  HG   sing N N 327 
SER OXT HXT  sing N N 328 
THR N   CA   sing N N 329 
THR N   H    sing N N 330 
THR N   H2   sing N N 331 
THR CA  C    sing N N 332 
THR CA  CB   sing N N 333 
THR CA  HA   sing N N 334 
THR C   O    doub N N 335 
THR C   OXT  sing N N 336 
THR CB  OG1  sing N N 337 
THR CB  CG2  sing N N 338 
THR CB  HB   sing N N 339 
THR OG1 HG1  sing N N 340 
THR CG2 HG21 sing N N 341 
THR CG2 HG22 sing N N 342 
THR CG2 HG23 sing N N 343 
THR OXT HXT  sing N N 344 
TRP N   CA   sing N N 345 
TRP N   H    sing N N 346 
TRP N   H2   sing N N 347 
TRP CA  C    sing N N 348 
TRP CA  CB   sing N N 349 
TRP CA  HA   sing N N 350 
TRP C   O    doub N N 351 
TRP C   OXT  sing N N 352 
TRP CB  CG   sing N N 353 
TRP CB  HB2  sing N N 354 
TRP CB  HB3  sing N N 355 
TRP CG  CD1  doub Y N 356 
TRP CG  CD2  sing Y N 357 
TRP CD1 NE1  sing Y N 358 
TRP CD1 HD1  sing N N 359 
TRP CD2 CE2  doub Y N 360 
TRP CD2 CE3  sing Y N 361 
TRP NE1 CE2  sing Y N 362 
TRP NE1 HE1  sing N N 363 
TRP CE2 CZ2  sing Y N 364 
TRP CE3 CZ3  doub Y N 365 
TRP CE3 HE3  sing N N 366 
TRP CZ2 CH2  doub Y N 367 
TRP CZ2 HZ2  sing N N 368 
TRP CZ3 CH2  sing Y N 369 
TRP CZ3 HZ3  sing N N 370 
TRP CH2 HH2  sing N N 371 
TRP OXT HXT  sing N N 372 
TYR N   CA   sing N N 373 
TYR N   H    sing N N 374 
TYR N   H2   sing N N 375 
TYR CA  C    sing N N 376 
TYR CA  CB   sing N N 377 
TYR CA  HA   sing N N 378 
TYR C   O    doub N N 379 
TYR C   OXT  sing N N 380 
TYR CB  CG   sing N N 381 
TYR CB  HB2  sing N N 382 
TYR CB  HB3  sing N N 383 
TYR CG  CD1  doub Y N 384 
TYR CG  CD2  sing Y N 385 
TYR CD1 CE1  sing Y N 386 
TYR CD1 HD1  sing N N 387 
TYR CD2 CE2  doub Y N 388 
TYR CD2 HD2  sing N N 389 
TYR CE1 CZ   doub Y N 390 
TYR CE1 HE1  sing N N 391 
TYR CE2 CZ   sing Y N 392 
TYR CE2 HE2  sing N N 393 
TYR CZ  OH   sing N N 394 
TYR OH  HH   sing N N 395 
TYR OXT HXT  sing N N 396 
VAL N   CA   sing N N 397 
VAL N   H    sing N N 398 
VAL N   H2   sing N N 399 
VAL CA  C    sing N N 400 
VAL CA  CB   sing N N 401 
VAL CA  HA   sing N N 402 
VAL C   O    doub N N 403 
VAL C   OXT  sing N N 404 
VAL CB  CG1  sing N N 405 
VAL CB  CG2  sing N N 406 
VAL CB  HB   sing N N 407 
VAL CG1 HG11 sing N N 408 
VAL CG1 HG12 sing N N 409 
VAL CG1 HG13 sing N N 410 
VAL CG2 HG21 sing N N 411 
VAL CG2 HG22 sing N N 412 
VAL CG2 HG23 sing N N 413 
VAL OXT HXT  sing N N 414 
# 
_pdbx_entity_instance_feature.ordinal        1 
_pdbx_entity_instance_feature.comp_id        8K0 
_pdbx_entity_instance_feature.asym_id        ? 
_pdbx_entity_instance_feature.seq_num        ? 
_pdbx_entity_instance_feature.auth_comp_id   8K0 
_pdbx_entity_instance_feature.auth_asym_id   ? 
_pdbx_entity_instance_feature.auth_seq_num   ? 
_pdbx_entity_instance_feature.feature_type   'SUBJECT OF INVESTIGATION' 
_pdbx_entity_instance_feature.details        ? 
# 
_atom_sites.entry_id                    5Y13 
_atom_sites.fract_transf_matrix[1][1]   -0.01591630 
_atom_sites.fract_transf_matrix[1][2]   0.02211480 
_atom_sites.fract_transf_matrix[1][3]   -0.01390522 
_atom_sites.fract_transf_matrix[2][1]   -0.01590272 
_atom_sites.fract_transf_matrix[2][2]   -0.00773100 
_atom_sites.fract_transf_matrix[2][3]   0.00590735 
_atom_sites.fract_transf_matrix[3][1]   0.00053841 
_atom_sites.fract_transf_matrix[3][2]   0.00733328 
_atom_sites.fract_transf_matrix[3][3]   0.01104654 
_atom_sites.fract_transf_vector[1]      -0.236978 
_atom_sites.fract_transf_vector[2]      0.183564 
_atom_sites.fract_transf_vector[3]      -0.194038 
# 
loop_
_atom_type.symbol 
BR 
C  
N  
O  
S  
# 
loop_
_atom_site.group_PDB 
_atom_site.id 
_atom_site.type_symbol 
_atom_site.label_atom_id 
_atom_site.label_alt_id 
_atom_site.label_comp_id 
_atom_site.label_asym_id 
_atom_site.label_entity_id 
_atom_site.label_seq_id 
_atom_site.pdbx_PDB_ins_code 
_atom_site.Cartn_x 
_atom_site.Cartn_y 
_atom_site.Cartn_z 
_atom_site.occupancy 
_atom_site.B_iso_or_equiv 
_atom_site.pdbx_formal_charge 
_atom_site.auth_seq_id 
_atom_site.auth_comp_id 
_atom_site.auth_asym_id 
_atom_site.auth_atom_id 
_atom_site.pdbx_PDB_model_num 
ATOM   1    N  N    . ARG A 1 17  ? -13.808 8.240   20.694  1.00 44.17 ? -4  ARG A N    1 
ATOM   2    C  CA   . ARG A 1 17  ? -12.774 7.267   21.018  1.00 43.95 ? -4  ARG A CA   1 
ATOM   3    C  C    . ARG A 1 17  ? -11.464 7.957   21.384  1.00 45.78 ? -4  ARG A C    1 
ATOM   4    O  O    . ARG A 1 17  ? -11.199 9.083   20.957  1.00 49.06 ? -4  ARG A O    1 
ATOM   5    C  CB   . ARG A 1 17  ? -12.551 6.313   19.842  1.00 42.07 ? -4  ARG A CB   1 
ATOM   6    N  N    . GLY A 1 18  ? -10.650 7.276   22.183  1.00 45.38 ? -3  GLY A N    1 
ATOM   7    C  CA   . GLY A 1 18  ? -9.327  7.766   22.515  1.00 36.11 ? -3  GLY A CA   1 
ATOM   8    C  C    . GLY A 1 18  ? -8.331  7.344   21.453  1.00 33.01 ? -3  GLY A C    1 
ATOM   9    O  O    . GLY A 1 18  ? -8.720  6.859   20.388  1.00 38.30 ? -3  GLY A O    1 
ATOM   10   N  N    . SER A 1 19  ? -7.046  7.521   21.748  1.00 35.47 ? -2  SER A N    1 
ATOM   11   C  CA   . SER A 1 19  ? -5.986  7.195   20.802  1.00 31.35 ? -2  SER A CA   1 
ATOM   12   C  C    . SER A 1 19  ? -5.967  5.710   20.454  1.00 31.55 ? -2  SER A C    1 
ATOM   13   O  O    . SER A 1 19  ? -6.411  4.864   21.232  1.00 37.51 ? -2  SER A O    1 
ATOM   14   C  CB   . SER A 1 19  ? -4.622  7.603   21.362  1.00 31.19 ? -2  SER A CB   1 
ATOM   15   O  OG   . SER A 1 19  ? -4.564  8.990   21.639  1.00 33.95 ? -2  SER A OG   1 
ATOM   16   N  N    . HIS A 1 20  ? -5.448  5.409   19.270  1.00 35.45 ? -1  HIS A N    1 
ATOM   17   C  CA   . HIS A 1 20  ? -5.211  4.041   18.844  1.00 34.93 ? -1  HIS A CA   1 
ATOM   18   C  C    . HIS A 1 20  ? -3.775  3.968   18.352  1.00 33.87 ? -1  HIS A C    1 
ATOM   19   O  O    . HIS A 1 20  ? -3.247  4.950   17.839  1.00 27.13 ? -1  HIS A O    1 
ATOM   20   C  CB   . HIS A 1 20  ? -6.172  3.659   17.721  1.00 35.02 ? -1  HIS A CB   1 
ATOM   21   N  N    . MET A 1 21  ? -3.137  2.813   18.508  1.00 35.28 ? 0   MET A N    1 
ATOM   22   C  CA   . MET A 1 21  ? -1.759  2.656   18.047  1.00 28.60 ? 0   MET A CA   1 
ATOM   23   C  C    . MET A 1 21  ? -1.652  2.915   16.535  1.00 32.58 ? 0   MET A C    1 
ATOM   24   O  O    . MET A 1 21  ? -0.613  3.364   16.047  1.00 28.47 ? 0   MET A O    1 
ATOM   25   C  CB   . MET A 1 21  ? -1.220  1.270   18.429  1.00 29.10 ? 0   MET A CB   1 
ATOM   26   C  CG   . MET A 1 21  ? 0.261   1.079   18.161  1.00 29.74 ? 0   MET A CG   1 
ATOM   27   S  SD   . MET A 1 21  ? 0.552   0.507   16.474  1.00 44.25 ? 0   MET A SD   1 
ATOM   28   C  CE   . MET A 1 21  ? -0.089  -1.154  16.616  1.00 35.17 ? 0   MET A CE   1 
ATOM   29   N  N    . CYS A 1 22  ? -2.740  2.655   15.811  1.00 27.37 ? 1   CYS A N    1 
ATOM   30   C  CA   . CYS A 1 22  ? -2.806  2.924   14.370  1.00 24.76 ? 1   CYS A CA   1 
ATOM   31   C  C    . CYS A 1 22  ? -2.709  4.420   14.033  1.00 26.06 ? 1   CYS A C    1 
ATOM   32   O  O    . CYS A 1 22  ? -2.501  4.797   12.872  1.00 20.96 ? 1   CYS A O    1 
ATOM   33   C  CB   . CYS A 1 22  ? -4.088  2.334   13.774  1.00 38.08 ? 1   CYS A CB   1 
ATOM   34   S  SG   . CYS A 1 22  ? -3.829  1.025   12.536  1.00 35.39 ? 1   CYS A SG   1 
ATOM   35   N  N    . ASP A 1 23  ? -2.845  5.277   15.042  1.00 19.84 ? 2   ASP A N    1 
ATOM   36   C  CA   . ASP A 1 23  ? -2.786  6.718   14.803  1.00 23.93 ? 2   ASP A CA   1 
ATOM   37   C  C    . ASP A 1 23  ? -1.415  7.177   14.306  1.00 20.58 ? 2   ASP A C    1 
ATOM   38   O  O    . ASP A 1 23  ? -1.299  8.264   13.736  1.00 21.16 ? 2   ASP A O    1 
ATOM   39   C  CB   . ASP A 1 23  ? -3.191  7.513   16.050  1.00 24.07 ? 2   ASP A CB   1 
ATOM   40   C  CG   . ASP A 1 23  ? -4.642  7.289   16.445  1.00 30.65 ? 2   ASP A CG   1 
ATOM   41   O  OD1  . ASP A 1 23  ? -5.448  6.845   15.596  1.00 31.66 ? 2   ASP A OD1  1 
ATOM   42   O  OD2  . ASP A 1 23  ? -4.978  7.568   17.612  1.00 36.32 1 2   ASP A OD2  1 
ATOM   43   N  N    . ALA A 1 24  ? -0.386  6.349   14.501  1.00 15.67 ? 3   ALA A N    1 
ATOM   44   C  CA   . ALA A 1 24  ? 0.958   6.675   14.028  1.00 23.13 ? 3   ALA A CA   1 
ATOM   45   C  C    . ALA A 1 24  ? 1.049   6.673   12.498  1.00 19.60 ? 3   ALA A C    1 
ATOM   46   O  O    . ALA A 1 24  ? 2.003   7.214   11.922  1.00 19.46 ? 3   ALA A O    1 
ATOM   47   C  CB   . ALA A 1 24  ? 1.984   5.715   14.612  1.00 21.10 ? 3   ALA A CB   1 
ATOM   48   N  N    . PHE A 1 25  ? 0.079   6.044   11.842  1.00 15.36 ? 4   PHE A N    1 
ATOM   49   C  CA   . PHE A 1 25  ? 0.045   6.065   10.384  1.00 13.66 ? 4   PHE A CA   1 
ATOM   50   C  C    . PHE A 1 25  ? -0.755  7.247   9.861   1.00 15.05 ? 4   PHE A C    1 
ATOM   51   O  O    . PHE A 1 25  ? -0.647  7.601   8.696   1.00 14.95 ? 4   PHE A O    1 
ATOM   52   C  CB   . PHE A 1 25  ? -0.538  4.760   9.819   1.00 13.28 ? 4   PHE A CB   1 
ATOM   53   C  CG   . PHE A 1 25  ? 0.314   3.555   10.073  1.00 16.56 ? 4   PHE A CG   1 
ATOM   54   C  CD1  . PHE A 1 25  ? 1.349   3.229   9.213   1.00 14.16 ? 4   PHE A CD1  1 
ATOM   55   C  CD2  . PHE A 1 25  ? 0.079   2.741   11.165  1.00 18.96 ? 4   PHE A CD2  1 
ATOM   56   C  CE1  . PHE A 1 25  ? 2.135   2.123   9.442   1.00 13.44 ? 4   PHE A CE1  1 
ATOM   57   C  CE2  . PHE A 1 25  ? 0.866   1.629   11.400  1.00 19.59 ? 4   PHE A CE2  1 
ATOM   58   C  CZ   . PHE A 1 25  ? 1.890   1.318   10.533  1.00 18.96 ? 4   PHE A CZ   1 
ATOM   59   N  N    . VAL A 1 26  ? -1.564  7.858   10.720  1.00 12.66 ? 5   VAL A N    1 
ATOM   60   C  CA   . VAL A 1 26  ? -2.511  8.875   10.277  1.00 10.03 ? 5   VAL A CA   1 
ATOM   61   C  C    . VAL A 1 26  ? -1.813  10.127  9.780   1.00 17.72 ? 5   VAL A C    1 
ATOM   62   O  O    . VAL A 1 26  ? -0.897  10.629  10.430  1.00 17.52 ? 5   VAL A O    1 
ATOM   63   C  CB   . VAL A 1 26  ? -3.482  9.249   11.415  1.00 17.87 ? 5   VAL A CB   1 
ATOM   64   C  CG1  . VAL A 1 26  ? -4.303  10.471  11.054  1.00 18.30 ? 5   VAL A CG1  1 
ATOM   65   C  CG2  . VAL A 1 26  ? -4.373  8.066   11.710  1.00 14.62 ? 5   VAL A CG2  1 
ATOM   66   N  N    . GLY A 1 27  ? -2.250  10.630  8.630   1.00 15.67 ? 6   GLY A N    1 
ATOM   67   C  CA   . GLY A 1 27  ? -1.700  11.866  8.102   1.00 14.79 ? 6   GLY A CA   1 
ATOM   68   C  C    . GLY A 1 27  ? -1.597  11.893  6.593   1.00 17.13 ? 6   GLY A C    1 
ATOM   69   O  O    . GLY A 1 27  ? -2.138  11.031  5.902   1.00 14.18 ? 6   GLY A O    1 
ATOM   70   N  N    . THR A 1 28  ? -0.896  12.894  6.075   1.00 12.76 ? 7   THR A N    1 
ATOM   71   C  CA   . THR A 1 28  ? -0.702  13.006  4.631   1.00 14.56 ? 7   THR A CA   1 
ATOM   72   C  C    . THR A 1 28  ? 0.772   12.763  4.316   1.00 14.37 ? 7   THR A C    1 
ATOM   73   O  O    . THR A 1 28  ? 1.649   13.381  4.922   1.00 17.76 ? 7   THR A O    1 
ATOM   74   C  CB   . THR A 1 28  ? -1.138  14.390  4.099   1.00 23.50 ? 7   THR A CB   1 
ATOM   75   O  OG1  . THR A 1 28  ? -2.510  14.632  4.441   1.00 28.64 ? 7   THR A OG1  1 
ATOM   76   C  CG2  . THR A 1 28  ? -0.991  14.453  2.592   1.00 19.98 ? 7   THR A CG2  1 
ATOM   77   N  N    . TRP A 1 29  ? 1.028   11.856  3.375   1.00 12.31 ? 8   TRP A N    1 
ATOM   78   C  CA   . TRP A 1 29  ? 2.367   11.351  3.109   1.00 13.45 ? 8   TRP A CA   1 
ATOM   79   C  C    . TRP A 1 29  ? 2.701   11.521  1.632   1.00 15.30 ? 8   TRP A C    1 
ATOM   80   O  O    . TRP A 1 29  ? 1.809   11.456  0.778   1.00 17.02 ? 8   TRP A O    1 
ATOM   81   C  CB   . TRP A 1 29  ? 2.449   9.856   3.470   1.00 13.88 ? 8   TRP A CB   1 
ATOM   82   C  CG   . TRP A 1 29  ? 2.157   9.554   4.905   1.00 11.07 ? 8   TRP A CG   1 
ATOM   83   C  CD1  . TRP A 1 29  ? 0.944   9.243   5.450   1.00 13.76 ? 8   TRP A CD1  1 
ATOM   84   C  CD2  . TRP A 1 29  ? 3.093   9.554   5.985   1.00 10.92 ? 8   TRP A CD2  1 
ATOM   85   N  NE1  . TRP A 1 29  ? 1.069   9.038   6.806   1.00 13.36 ? 8   TRP A NE1  1 
ATOM   86   C  CE2  . TRP A 1 29  ? 2.381   9.221   7.157   1.00 12.73 ? 8   TRP A CE2  1 
ATOM   87   C  CE3  . TRP A 1 29  ? 4.465   9.797   6.076   1.00 12.49 ? 8   TRP A CE3  1 
ATOM   88   C  CZ2  . TRP A 1 29  ? 2.995   9.130   8.404   1.00 16.29 ? 8   TRP A CZ2  1 
ATOM   89   C  CZ3  . TRP A 1 29  ? 5.075   9.703   7.317   1.00 14.63 ? 8   TRP A CZ3  1 
ATOM   90   C  CH2  . TRP A 1 29  ? 4.338   9.378   8.464   1.00 16.17 ? 8   TRP A CH2  1 
ATOM   91   N  N    . LYS A 1 30  ? 3.974   11.735  1.319   1.00 11.87 ? 9   LYS A N    1 
ATOM   92   C  CA   . LYS A 1 30  ? 4.396   11.840  -0.083  1.00 12.55 ? 9   LYS A CA   1 
ATOM   93   C  C    . LYS A 1 30  ? 5.572   10.913  -0.373  1.00 11.23 ? 9   LYS A C    1 
ATOM   94   O  O    . LYS A 1 30  ? 6.496   10.803  0.425   1.00 13.44 ? 9   LYS A O    1 
ATOM   95   C  CB   . LYS A 1 30  ? 4.765   13.282  -0.438  1.00 14.06 ? 9   LYS A CB   1 
ATOM   96   C  CG   . LYS A 1 30  ? 5.884   13.854  0.385   1.00 16.42 ? 9   LYS A CG   1 
ATOM   97   C  CD   . LYS A 1 30  ? 6.404   15.142  -0.240  1.00 29.52 ? 9   LYS A CD   1 
ATOM   98   C  CE   . LYS A 1 30  ? 7.628   15.651  0.488   1.00 31.76 ? 9   LYS A CE   1 
ATOM   99   N  NZ   . LYS A 1 30  ? 7.303   16.004  1.901   1.00 38.61 ? 9   LYS A NZ   1 
ATOM   100  N  N    . LEU A 1 31  ? 5.520   10.233  -1.517  1.00 12.00 ? 10  LEU A N    1 
ATOM   101  C  CA   . LEU A 1 31  ? 6.556   9.276   -1.897  1.00 11.51 ? 10  LEU A CA   1 
ATOM   102  C  C    . LEU A 1 31  ? 7.848   10.005  -2.206  1.00 14.52 ? 10  LEU A C    1 
ATOM   103  O  O    . LEU A 1 31  ? 7.853   10.898  -3.050  1.00 16.96 ? 10  LEU A O    1 
ATOM   104  C  CB   . LEU A 1 31  ? 6.128   8.519   -3.154  1.00 13.25 ? 10  LEU A CB   1 
ATOM   105  C  CG   . LEU A 1 31  ? 7.156   7.498   -3.616  1.00 12.80 ? 10  LEU A CG   1 
ATOM   106  C  CD1  . LEU A 1 31  ? 7.161   6.329   -2.646  1.00 11.34 ? 10  LEU A CD1  1 
ATOM   107  C  CD2  . LEU A 1 31  ? 6.866   7.042   -5.037  1.00 17.99 ? 10  LEU A CD2  1 
ATOM   108  N  N    . VAL A 1 32  ? 8.933   9.631   -1.532  1.00 11.64 ? 11  VAL A N    1 
ATOM   109  C  CA   . VAL A 1 32  ? 10.230  10.274  -1.766  1.00 17.44 ? 11  VAL A CA   1 
ATOM   110  C  C    . VAL A 1 32  ? 11.278  9.342   -2.381  1.00 23.06 ? 11  VAL A C    1 
ATOM   111  O  O    . VAL A 1 32  ? 12.262  9.805   -2.963  1.00 15.77 ? 11  VAL A O    1 
ATOM   112  C  CB   . VAL A 1 32  ? 10.783  10.943  -0.483  1.00 18.05 ? 11  VAL A CB   1 
ATOM   113  C  CG1  . VAL A 1 32  ? 9.802   11.977  0.031   1.00 16.26 ? 11  VAL A CG1  1 
ATOM   114  C  CG2  . VAL A 1 32  ? 11.093  9.905   0.596   1.00 16.93 ? 11  VAL A CG2  1 
ATOM   115  N  N    . SER A 1 33  ? 11.081  8.033   -2.252  1.00 12.78 ? 12  SER A N    1 
ATOM   116  C  CA   . SER A 1 33  ? 12.003  7.084   -2.871  1.00 16.24 ? 12  SER A CA   1 
ATOM   117  C  C    . SER A 1 33  ? 11.339  5.758   -3.182  1.00 17.74 ? 12  SER A C    1 
ATOM   118  O  O    . SER A 1 33  ? 10.398  5.337   -2.511  1.00 13.51 ? 12  SER A O    1 
ATOM   119  C  CB   . SER A 1 33  ? 13.258  6.863   -2.023  1.00 16.97 ? 12  SER A CB   1 
ATOM   120  O  OG   . SER A 1 33  ? 12.950  6.311   -0.764  1.00 23.47 ? 12  SER A OG   1 
ATOM   121  N  N    . SER A 1 34  ? 11.837  5.106   -4.220  1.00 14.71 ? 13  SER A N    1 
ATOM   122  C  CA   . SER A 1 34  ? 11.286  3.826   -4.635  1.00 13.15 ? 13  SER A CA   1 
ATOM   123  C  C    . SER A 1 34  ? 12.435  2.978   -5.138  1.00 19.71 ? 13  SER A C    1 
ATOM   124  O  O    . SER A 1 34  ? 13.261  3.457   -5.912  1.00 18.73 ? 13  SER A O    1 
ATOM   125  C  CB   . SER A 1 34  ? 10.252  4.044   -5.738  1.00 18.69 ? 13  SER A CB   1 
ATOM   126  O  OG   . SER A 1 34  ? 9.689   2.826   -6.182  1.00 18.14 ? 13  SER A OG   1 
ATOM   127  N  N    . GLU A 1 35  ? 12.503  1.732   -4.685  1.00 13.35 ? 14  GLU A N    1 
ATOM   128  C  CA   . GLU A 1 35  ? 13.547  0.818   -5.139  1.00 15.46 ? 14  GLU A CA   1 
ATOM   129  C  C    . GLU A 1 35  ? 12.944  -0.503  -5.576  1.00 15.18 ? 14  GLU A C    1 
ATOM   130  O  O    . GLU A 1 35  ? 12.122  -1.084  -4.862  1.00 14.79 ? 14  GLU A O    1 
ATOM   131  C  CB   . GLU A 1 35  ? 14.591  0.568   -4.041  1.00 19.44 ? 14  GLU A CB   1 
ATOM   132  C  CG   . GLU A 1 35  ? 15.501  1.756   -3.743  1.00 27.29 ? 14  GLU A CG   1 
ATOM   133  C  CD   . GLU A 1 35  ? 16.712  1.842   -4.669  1.00 35.64 ? 14  GLU A CD   1 
ATOM   134  O  OE1  . GLU A 1 35  ? 16.877  0.967   -5.550  1.00 39.00 ? 14  GLU A OE1  1 
ATOM   135  O  OE2  . GLU A 1 35  ? 17.513  2.790   -4.508  1.00 48.92 1 14  GLU A OE2  1 
ATOM   136  N  N    A ASN A 1 36  ? 13.357  -0.968  -6.753  0.50 12.93 ? 15  ASN A N    1 
ATOM   137  N  N    B ASN A 1 36  ? 13.348  -0.945  -6.763  0.50 12.91 ? 15  ASN A N    1 
ATOM   138  C  CA   A ASN A 1 36  ? 12.975  -2.278  -7.293  0.50 14.44 ? 15  ASN A CA   1 
ATOM   139  C  CA   B ASN A 1 36  ? 12.973  -2.247  -7.313  0.50 14.45 ? 15  ASN A CA   1 
ATOM   140  C  C    A ASN A 1 36  ? 11.491  -2.422  -7.630  0.50 15.12 ? 15  ASN A C    1 
ATOM   141  C  C    B ASN A 1 36  ? 11.484  -2.417  -7.577  0.50 15.13 ? 15  ASN A C    1 
ATOM   142  O  O    A ASN A 1 36  ? 11.007  -3.535  -7.822  0.50 13.52 ? 15  ASN A O    1 
ATOM   143  O  O    B ASN A 1 36  ? 10.990  -3.538  -7.667  0.50 13.52 ? 15  ASN A O    1 
ATOM   144  C  CB   A ASN A 1 36  ? 13.419  -3.415  -6.356  0.50 17.37 ? 15  ASN A CB   1 
ATOM   145  C  CB   B ASN A 1 36  ? 13.498  -3.376  -6.424  0.50 17.40 ? 15  ASN A CB   1 
ATOM   146  C  CG   A ASN A 1 36  ? 13.842  -4.676  -7.107  0.50 15.48 ? 15  ASN A CG   1 
ATOM   147  C  CG   B ASN A 1 36  ? 14.995  -3.284  -6.200  0.50 18.43 ? 15  ASN A CG   1 
ATOM   148  O  OD1  A ASN A 1 36  ? 14.464  -4.606  -8.169  0.50 13.22 ? 15  ASN A OD1  1 
ATOM   149  O  OD1  B ASN A 1 36  ? 15.464  -3.240  -5.063  0.50 24.04 ? 15  ASN A OD1  1 
ATOM   150  N  ND2  A ASN A 1 36  ? 13.509  -5.836  -6.551  0.50 16.01 ? 15  ASN A ND2  1 
ATOM   151  N  ND2  B ASN A 1 36  ? 15.751  -3.246  -7.286  0.50 22.83 ? 15  ASN A ND2  1 
ATOM   152  N  N    . PHE A 1 37  ? 10.773  -1.306  -7.714  1.00 15.98 ? 16  PHE A N    1 
ATOM   153  C  CA   . PHE A 1 37  ? 9.329   -1.358  -7.933  1.00 14.22 ? 16  PHE A CA   1 
ATOM   154  C  C    . PHE A 1 37  ? 8.989   -1.907  -9.311  1.00 15.53 ? 16  PHE A C    1 
ATOM   155  O  O    . PHE A 1 37  ? 7.979   -2.578  -9.480  1.00 13.93 ? 16  PHE A O    1 
ATOM   156  C  CB   . PHE A 1 37  ? 8.676   0.009   -7.735  1.00 13.66 ? 16  PHE A CB   1 
ATOM   157  C  CG   . PHE A 1 37  ? 7.182   -0.054  -7.535  1.00 14.70 ? 16  PHE A CG   1 
ATOM   158  C  CD1  . PHE A 1 37  ? 6.636   -0.856  -6.542  1.00 15.16 ? 16  PHE A CD1  1 
ATOM   159  C  CD2  . PHE A 1 37  ? 6.328   0.702   -8.323  1.00 17.48 ? 16  PHE A CD2  1 
ATOM   160  C  CE1  . PHE A 1 37  ? 5.268   -0.904  -6.341  1.00 15.91 ? 16  PHE A CE1  1 
ATOM   161  C  CE2  . PHE A 1 37  ? 4.953   0.656   -8.125  1.00 12.47 ? 16  PHE A CE2  1 
ATOM   162  C  CZ   . PHE A 1 37  ? 4.428   -0.150  -7.137  1.00 14.52 ? 16  PHE A CZ   1 
ATOM   163  N  N    . ASP A 1 38  ? 9.825   -1.621  -10.306 1.00 14.49 ? 17  ASP A N    1 
ATOM   164  C  CA   . ASP A 1 38  ? 9.543   -2.153  -11.638 1.00 16.12 ? 17  ASP A CA   1 
ATOM   165  C  C    . ASP A 1 38  ? 9.598   -3.678  -11.644 1.00 16.01 ? 17  ASP A C    1 
ATOM   166  O  O    . ASP A 1 38  ? 8.718   -4.343  -12.198 1.00 13.94 ? 17  ASP A O    1 
ATOM   167  C  CB   . ASP A 1 38  ? 10.500  -1.583  -12.687 1.00 21.21 ? 17  ASP A CB   1 
ATOM   168  C  CG   . ASP A 1 38  ? 10.214  -2.116  -14.078 1.00 23.19 ? 17  ASP A CG   1 
ATOM   169  O  OD1  . ASP A 1 38  ? 11.057  -2.862  -14.619 1.00 33.95 ? 17  ASP A OD1  1 
ATOM   170  O  OD2  . ASP A 1 38  ? 9.139   -1.802  -14.631 1.00 26.08 1 17  ASP A OD2  1 
ATOM   171  N  N    . ASP A 1 39  ? 10.621  -4.226  -11.000 1.00 15.96 ? 18  ASP A N    1 
ATOM   172  C  CA   . ASP A 1 39  ? 10.764  -5.671  -10.905 1.00 14.77 ? 18  ASP A CA   1 
ATOM   173  C  C    . ASP A 1 39  ? 9.646   -6.300  -10.064 1.00 15.28 ? 18  ASP A C    1 
ATOM   174  O  O    . ASP A 1 39  ? 9.133   -7.367  -10.414 1.00 15.33 ? 18  ASP A O    1 
ATOM   175  C  CB   . ASP A 1 39  ? 12.153  -6.028  -10.384 1.00 15.70 ? 18  ASP A CB   1 
ATOM   176  C  CG   . ASP A 1 39  ? 13.231  -5.873  -11.464 1.00 22.57 ? 18  ASP A CG   1 
ATOM   177  O  OD1  . ASP A 1 39  ? 12.873  -5.872  -12.659 1.00 32.39 ? 18  ASP A OD1  1 
ATOM   178  O  OD2  . ASP A 1 39  ? 14.421  -5.764  -11.131 1.00 25.68 1 18  ASP A OD2  1 
ATOM   179  N  N    . TYR A 1 40  ? 9.259   -5.634  -8.975  1.00 13.53 ? 19  TYR A N    1 
ATOM   180  C  CA   . TYR A 1 40  ? 8.070   -6.058  -8.217  1.00 8.99  ? 19  TYR A CA   1 
ATOM   181  C  C    . TYR A 1 40  ? 6.835   -6.111  -9.105  1.00 10.57 ? 19  TYR A C    1 
ATOM   182  O  O    . TYR A 1 40  ? 6.140   -7.126  -9.135  1.00 11.48 ? 19  TYR A O    1 
ATOM   183  C  CB   . TYR A 1 40  ? 7.801   -5.142  -7.015  1.00 9.99  ? 19  TYR A CB   1 
ATOM   184  C  CG   . TYR A 1 40  ? 6.475   -5.424  -6.342  1.00 13.01 ? 19  TYR A CG   1 
ATOM   185  C  CD1  . TYR A 1 40  ? 6.321   -6.513  -5.494  1.00 12.09 ? 19  TYR A CD1  1 
ATOM   186  C  CD2  . TYR A 1 40  ? 5.376   -4.592  -6.555  1.00 10.80 ? 19  TYR A CD2  1 
ATOM   187  C  CE1  . TYR A 1 40  ? 5.105   -6.769  -4.872  1.00 12.83 ? 19  TYR A CE1  1 
ATOM   188  C  CE2  . TYR A 1 40  ? 4.151   -4.848  -5.954  1.00 10.81 ? 19  TYR A CE2  1 
ATOM   189  C  CZ   . TYR A 1 40  ? 4.023   -5.935  -5.115  1.00 12.08 ? 19  TYR A CZ   1 
ATOM   190  O  OH   . TYR A 1 40  ? 2.811   -6.175  -4.509  1.00 11.10 ? 19  TYR A OH   1 
ATOM   191  N  N    . MET A 1 41  ? 6.565   -5.032  -9.840  1.00 11.05 ? 20  MET A N    1 
ATOM   192  C  CA   . MET A 1 41  ? 5.402   -5.017  -10.724 1.00 12.25 ? 20  MET A CA   1 
ATOM   193  C  C    . MET A 1 41  ? 5.485   -6.115  -11.779 1.00 10.47 ? 20  MET A C    1 
ATOM   194  O  O    . MET A 1 41  ? 4.473   -6.727  -12.102 1.00 10.64 ? 20  MET A O    1 
ATOM   195  C  CB   . MET A 1 41  ? 5.209   -3.663  -11.406 1.00 11.69 ? 20  MET A CB   1 
ATOM   196  C  CG   . MET A 1 41  ? 4.829   -2.540  -10.448 1.00 15.14 ? 20  MET A CG   1 
ATOM   197  S  SD   . MET A 1 41  ? 4.439   -1.051  -11.379 1.00 14.93 ? 20  MET A SD   1 
ATOM   198  C  CE   . MET A 1 41  ? 6.062   -0.570  -11.923 1.00 14.92 ? 20  MET A CE   1 
ATOM   199  N  N    . LYS A 1 42  ? 6.682   -6.360  -12.303 1.00 11.75 ? 21  LYS A N    1 
ATOM   200  C  CA   . LYS A 1 42  ? 6.862   -7.449  -13.267 1.00 13.09 ? 21  LYS A CA   1 
ATOM   201  C  C    . LYS A 1 42  ? 6.391   -8.762  -12.660 1.00 15.01 ? 21  LYS A C    1 
ATOM   202  O  O    . LYS A 1 42  ? 5.639   -9.517  -13.283 1.00 16.73 ? 21  LYS A O    1 
ATOM   203  C  CB   . LYS A 1 42  ? 8.327   -7.582  -13.681 1.00 20.03 ? 21  LYS A CB   1 
ATOM   204  C  CG   . LYS A 1 42  ? 8.797   -6.561  -14.703 1.00 18.12 ? 21  LYS A CG   1 
ATOM   205  C  CD   . LYS A 1 42  ? 10.246  -6.837  -15.064 1.00 22.36 ? 21  LYS A CD   1 
ATOM   206  C  CE   . LYS A 1 42  ? 10.807  -5.785  -15.989 1.00 33.99 ? 21  LYS A CE   1 
ATOM   207  N  NZ   . LYS A 1 42  ? 12.203  -6.128  -16.386 1.00 40.64 ? 21  LYS A NZ   1 
ATOM   208  N  N    . GLU A 1 43  ? 6.818   -9.016  -11.428 1.00 13.21 ? 22  GLU A N    1 
ATOM   209  C  CA   . GLU A 1 43  ? 6.505   -10.269 -10.755 1.00 18.54 ? 22  GLU A CA   1 
ATOM   210  C  C    . GLU A 1 43  ? 5.000   -10.386 -10.510 1.00 17.43 ? 22  GLU A C    1 
ATOM   211  O  O    . GLU A 1 43  ? 4.431   -11.476 -10.602 1.00 17.96 ? 22  GLU A O    1 
ATOM   212  C  CB   . GLU A 1 43  ? 7.301   -10.372 -9.449  1.00 19.70 ? 22  GLU A CB   1 
ATOM   213  C  CG   . GLU A 1 43  ? 7.598   -11.797 -8.990  1.00 27.13 ? 22  GLU A CG   1 
ATOM   214  C  CD   . GLU A 1 43  ? 8.507   -12.566 -9.940  1.00 27.86 ? 22  GLU A CD   1 
ATOM   215  O  OE1  . GLU A 1 43  ? 9.187   -11.944 -10.782 1.00 24.13 ? 22  GLU A OE1  1 
ATOM   216  O  OE2  . GLU A 1 43  ? 8.534   -13.809 -9.846  1.00 41.50 1 22  GLU A OE2  1 
ATOM   217  N  N    . VAL A 1 44  ? 4.361   -9.255  -10.216 1.00 14.98 ? 23  VAL A N    1 
ATOM   218  C  CA   . VAL A 1 44  ? 2.920   -9.202  -9.996  1.00 12.94 ? 23  VAL A CA   1 
ATOM   219  C  C    . VAL A 1 44  ? 2.138   -9.485  -11.279 1.00 19.82 ? 23  VAL A C    1 
ATOM   220  O  O    . VAL A 1 44  ? 1.007   -9.977  -11.228 1.00 16.63 ? 23  VAL A O    1 
ATOM   221  C  CB   . VAL A 1 44  ? 2.497   -7.834  -9.366  1.00 15.24 ? 23  VAL A CB   1 
ATOM   222  C  CG1  . VAL A 1 44  ? 0.989   -7.614  -9.437  1.00 14.18 ? 23  VAL A CG1  1 
ATOM   223  C  CG2  . VAL A 1 44  ? 2.972   -7.756  -7.934  1.00 14.90 ? 23  VAL A CG2  1 
ATOM   224  N  N    . GLY A 1 45  ? 2.754   -9.200  -12.427 1.00 16.26 ? 24  GLY A N    1 
ATOM   225  C  CA   . GLY A 1 45  ? 2.129   -9.453  -13.716 1.00 15.31 ? 24  GLY A CA   1 
ATOM   226  C  C    . GLY A 1 45  ? 1.648   -8.210  -14.447 1.00 19.11 ? 24  GLY A C    1 
ATOM   227  O  O    . GLY A 1 45  ? 0.897   -8.299  -15.412 1.00 15.85 ? 24  GLY A O    1 
ATOM   228  N  N    . VAL A 1 46  ? 2.086   -7.045  -13.985 1.00 16.45 ? 25  VAL A N    1 
ATOM   229  C  CA   . VAL A 1 46  ? 1.699   -5.776  -14.594 1.00 10.12 ? 25  VAL A CA   1 
ATOM   230  C  C    . VAL A 1 46  ? 2.289   -5.632  -15.995 1.00 13.65 ? 25  VAL A C    1 
ATOM   231  O  O    . VAL A 1 46  ? 3.469   -5.893  -16.199 1.00 13.02 ? 25  VAL A O    1 
ATOM   232  C  CB   . VAL A 1 46  ? 2.172   -4.603  -13.725 1.00 12.91 ? 25  VAL A CB   1 
ATOM   233  C  CG1  . VAL A 1 46  ? 1.693   -3.279  -14.307 1.00 15.26 ? 25  VAL A CG1  1 
ATOM   234  C  CG2  . VAL A 1 46  ? 1.685   -4.792  -12.280 1.00 14.15 ? 25  VAL A CG2  1 
ATOM   235  N  N    . GLY A 1 47  ? 1.458   -5.216  -16.946 1.00 15.49 ? 26  GLY A N    1 
ATOM   236  C  CA   . GLY A 1 47  ? 1.885   -5.074  -18.325 1.00 19.10 ? 26  GLY A CA   1 
ATOM   237  C  C    . GLY A 1 47  ? 2.837   -3.915  -18.546 1.00 19.66 ? 26  GLY A C    1 
ATOM   238  O  O    . GLY A 1 47  ? 2.964   -3.032  -17.694 1.00 15.96 ? 26  GLY A O    1 
ATOM   239  N  N    . PHE A 1 48  ? 3.500   -3.913  -19.699 1.00 14.90 ? 27  PHE A N    1 
ATOM   240  C  CA   . PHE A 1 48  ? 4.537   -2.926  -19.999 1.00 13.74 ? 27  PHE A CA   1 
ATOM   241  C  C    . PHE A 1 48  ? 4.108   -1.467  -19.797 1.00 15.56 ? 27  PHE A C    1 
ATOM   242  O  O    . PHE A 1 48  ? 4.756   -0.712  -19.062 1.00 15.99 ? 27  PHE A O    1 
ATOM   243  C  CB   . PHE A 1 48  ? 5.045   -3.112  -21.435 1.00 15.83 ? 27  PHE A CB   1 
ATOM   244  C  CG   . PHE A 1 48  ? 6.085   -2.111  -21.835 1.00 17.04 ? 27  PHE A CG   1 
ATOM   245  C  CD1  . PHE A 1 48  ? 7.430   -2.373  -21.623 1.00 16.24 ? 27  PHE A CD1  1 
ATOM   246  C  CD2  . PHE A 1 48  ? 5.721   -0.911  -22.428 1.00 16.49 ? 27  PHE A CD2  1 
ATOM   247  C  CE1  . PHE A 1 48  ? 8.399   -1.441  -21.983 1.00 20.83 ? 27  PHE A CE1  1 
ATOM   248  C  CE2  . PHE A 1 48  ? 6.682   0.025   -22.777 1.00 14.75 ? 27  PHE A CE2  1 
ATOM   249  C  CZ   . PHE A 1 48  ? 8.020   -0.247  -22.566 1.00 15.89 ? 27  PHE A CZ   1 
ATOM   250  N  N    . ALA A 1 49  ? 3.030   -1.071  -20.465 1.00 16.61 ? 28  ALA A N    1 
ATOM   251  C  CA   . ALA A 1 49  ? 2.620   0.328   -20.476 1.00 14.05 ? 28  ALA A CA   1 
ATOM   252  C  C    . ALA A 1 49  ? 2.206   0.781   -19.087 1.00 17.77 ? 28  ALA A C    1 
ATOM   253  O  O    . ALA A 1 49  ? 2.560   1.877   -18.646 1.00 15.10 ? 28  ALA A O    1 
ATOM   254  C  CB   . ALA A 1 49  ? 1.495   0.555   -21.483 1.00 17.73 ? 28  ALA A CB   1 
ATOM   255  N  N    . THR A 1 50  ? 1.481   -0.078  -18.382 1.00 13.83 ? 29  THR A N    1 
ATOM   256  C  CA   . THR A 1 50  ? 1.076   0.249   -17.016 1.00 12.37 ? 29  THR A CA   1 
ATOM   257  C  C    . THR A 1 50  ? 2.285   0.387   -16.096 1.00 17.53 ? 29  THR A C    1 
ATOM   258  O  O    . THR A 1 50  ? 2.328   1.299   -15.268 1.00 15.08 ? 29  THR A O    1 
ATOM   259  C  CB   . THR A 1 50  ? 0.071   -0.789  -16.462 1.00 15.21 ? 29  THR A CB   1 
ATOM   260  O  OG1  . THR A 1 50  ? -1.084  -0.807  -17.307 1.00 17.51 ? 29  THR A OG1  1 
ATOM   261  C  CG2  . THR A 1 50  ? -0.362  -0.420  -15.044 1.00 18.19 ? 29  THR A CG2  1 
ATOM   262  N  N    . ARG A 1 51  ? 3.265   -0.503  -16.239 1.00 13.95 ? 30  ARG A N    1 
ATOM   263  C  CA   . ARG A 1 51  ? 4.481   -0.403  -15.434 1.00 13.50 ? 30  ARG A CA   1 
ATOM   264  C  C    . ARG A 1 51  ? 5.201   0.914   -15.674 1.00 15.80 ? 30  ARG A C    1 
ATOM   265  O  O    . ARG A 1 51  ? 5.687   1.544   -14.738 1.00 12.56 ? 30  ARG A O    1 
ATOM   266  C  CB   . ARG A 1 51  ? 5.467   -1.543  -15.733 1.00 14.75 ? 30  ARG A CB   1 
ATOM   267  C  CG   . ARG A 1 51  ? 5.109   -2.885  -15.119 1.00 16.66 ? 30  ARG A CG   1 
ATOM   268  C  CD   . ARG A 1 51  ? 6.360   -3.755  -14.933 1.00 15.64 ? 30  ARG A CD   1 
ATOM   269  N  NE   . ARG A 1 51  ? 7.287   -3.697  -16.066 1.00 16.63 ? 30  ARG A NE   1 
ATOM   270  C  CZ   . ARG A 1 51  ? 7.146   -4.382  -17.199 1.00 20.76 ? 30  ARG A CZ   1 
ATOM   271  N  NH1  . ARG A 1 51  ? 6.101   -5.185  -17.379 1.00 15.65 ? 30  ARG A NH1  1 
ATOM   272  N  NH2  . ARG A 1 51  ? 8.051   -4.260  -18.161 1.00 19.62 ? 30  ARG A NH2  1 
ATOM   273  N  N    . LYS A 1 52  ? 5.287   1.328   -16.933 1.00 14.60 ? 31  LYS A N    1 
ATOM   274  C  CA   . LYS A 1 52  ? 6.037   2.544   -17.246 1.00 14.69 ? 31  LYS A CA   1 
ATOM   275  C  C    . LYS A 1 52  ? 5.355   3.769   -16.656 1.00 14.97 ? 31  LYS A C    1 
ATOM   276  O  O    . LYS A 1 52  ? 6.006   4.613   -16.037 1.00 16.68 ? 31  LYS A O    1 
ATOM   277  C  CB   . LYS A 1 52  ? 6.220   2.709   -18.760 1.00 16.55 ? 31  LYS A CB   1 
ATOM   278  C  CG   . LYS A 1 52  ? 7.089   1.628   -19.372 1.00 19.24 ? 31  LYS A CG   1 
ATOM   279  C  CD   . LYS A 1 52  ? 8.452   1.623   -18.704 1.00 22.00 ? 31  LYS A CD   1 
ATOM   280  C  CE   . LYS A 1 52  ? 9.148   0.290   -18.878 1.00 29.19 ? 31  LYS A CE   1 
ATOM   281  N  NZ   . LYS A 1 52  ? 10.396  0.222   -18.074 1.00 36.96 ? 31  LYS A NZ   1 
ATOM   282  N  N    . VAL A 1 53  ? 4.045   3.862   -16.848 1.00 13.29 ? 32  VAL A N    1 
ATOM   283  C  CA   . VAL A 1 53  ? 3.281   4.996   -16.333 1.00 11.26 ? 32  VAL A CA   1 
ATOM   284  C  C    . VAL A 1 53  ? 3.166   4.958   -14.805 1.00 13.95 ? 32  VAL A C    1 
ATOM   285  O  O    . VAL A 1 53  ? 3.345   5.980   -14.138 1.00 15.20 ? 32  VAL A O    1 
ATOM   286  C  CB   . VAL A 1 53  ? 1.885   5.078   -16.987 1.00 13.78 ? 32  VAL A CB   1 
ATOM   287  C  CG1  . VAL A 1 53  ? 1.034   6.152   -16.309 1.00 21.90 ? 32  VAL A CG1  1 
ATOM   288  C  CG2  . VAL A 1 53  ? 2.034   5.363   -18.473 1.00 17.89 ? 32  VAL A CG2  1 
ATOM   289  N  N    . ALA A 1 54  ? 2.892   3.783   -14.247 1.00 11.82 ? 33  ALA A N    1 
ATOM   290  C  CA   . ALA A 1 54  ? 2.829   3.639   -12.784 1.00 13.92 ? 33  ALA A CA   1 
ATOM   291  C  C    . ALA A 1 54  ? 4.168   3.911   -12.096 1.00 13.52 ? 33  ALA A C    1 
ATOM   292  O  O    . ALA A 1 54  ? 4.215   4.513   -11.022 1.00 15.80 ? 33  ALA A O    1 
ATOM   293  C  CB   . ALA A 1 54  ? 2.293   2.264   -12.384 1.00 14.46 ? 33  ALA A CB   1 
ATOM   294  N  N    . GLY A 1 55  ? 5.261   3.483   -12.722 1.00 13.26 ? 34  GLY A N    1 
ATOM   295  C  CA   . GLY A 1 55  ? 6.590   3.705   -12.172 1.00 16.07 ? 34  GLY A CA   1 
ATOM   296  C  C    . GLY A 1 55  ? 6.984   5.168   -12.046 1.00 17.29 ? 34  GLY A C    1 
ATOM   297  O  O    . GLY A 1 55  ? 7.800   5.528   -11.199 1.00 16.04 ? 34  GLY A O    1 
ATOM   298  N  N    . MET A 1 56  ? 6.396   6.017   -12.884 1.00 13.90 ? 35  MET A N    1 
ATOM   299  C  CA   . MET A 1 56  ? 6.676   7.446   -12.848 1.00 13.93 ? 35  MET A CA   1 
ATOM   300  C  C    . MET A 1 56  ? 5.974   8.156   -11.696 1.00 13.02 ? 35  MET A C    1 
ATOM   301  O  O    . MET A 1 56  ? 6.408   9.221   -11.278 1.00 14.21 ? 35  MET A O    1 
ATOM   302  C  CB   . MET A 1 56  ? 6.257   8.116   -14.161 1.00 15.05 ? 35  MET A CB   1 
ATOM   303  C  CG   . MET A 1 56  ? 7.086   7.708   -15.363 1.00 13.16 ? 35  MET A CG   1 
ATOM   304  S  SD   . MET A 1 56  ? 8.799   8.243   -15.244 1.00 15.98 ? 35  MET A SD   1 
ATOM   305  C  CE   . MET A 1 56  ? 8.605   10.011  -15.113 1.00 17.97 ? 35  MET A CE   1 
ATOM   306  N  N    . ALA A 1 57  ? 4.893   7.564   -11.199 1.00 13.60 ? 36  ALA A N    1 
ATOM   307  C  CA   . ALA A 1 57  ? 4.033   8.226   -10.226 1.00 16.26 ? 36  ALA A CA   1 
ATOM   308  C  C    . ALA A 1 57  ? 4.732   8.509   -8.904  1.00 15.13 ? 36  ALA A C    1 
ATOM   309  O  O    . ALA A 1 57  ? 5.486   7.684   -8.390  1.00 13.14 ? 36  ALA A O    1 
ATOM   310  C  CB   . ALA A 1 57  ? 2.771   7.404   -9.981  1.00 15.48 ? 36  ALA A CB   1 
ATOM   311  N  N    . LYS A 1 58  ? 4.458   9.686   -8.360  1.00 11.65 ? 37  LYS A N    1 
ATOM   312  C  CA   . LYS A 1 58  ? 4.937   10.065  -7.047  1.00 11.13 ? 37  LYS A CA   1 
ATOM   313  C  C    . LYS A 1 58  ? 3.705   10.371  -6.208  1.00 14.37 ? 37  LYS A C    1 
ATOM   314  O  O    . LYS A 1 58  ? 3.344   11.530  -6.023  1.00 14.02 ? 37  LYS A O    1 
ATOM   315  C  CB   . LYS A 1 58  ? 5.843   11.299  -7.153  1.00 15.21 ? 37  LYS A CB   1 
ATOM   316  C  CG   . LYS A 1 58  ? 7.097   11.071  -7.982  1.00 21.90 ? 37  LYS A CG   1 
ATOM   317  C  CD   . LYS A 1 58  ? 8.061   10.143  -7.267  1.00 25.87 ? 37  LYS A CD   1 
ATOM   318  C  CE   . LYS A 1 58  ? 9.469   10.261  -7.845  1.00 30.68 ? 37  LYS A CE   1 
ATOM   319  N  NZ   . LYS A 1 58  ? 9.489   9.960   -9.296  1.00 34.29 ? 37  LYS A NZ   1 
ATOM   320  N  N    . PRO A 1 59  ? 3.026   9.320   -5.717  1.00 11.29 ? 38  PRO A N    1 
ATOM   321  C  CA   . PRO A 1 59  ? 1.720   9.524   -5.077  1.00 13.38 ? 38  PRO A CA   1 
ATOM   322  C  C    . PRO A 1 59  ? 1.779   10.226  -3.726  1.00 14.19 ? 38  PRO A C    1 
ATOM   323  O  O    . PRO A 1 59  ? 2.802   10.202  -3.040  1.00 13.04 ? 38  PRO A O    1 
ATOM   324  C  CB   . PRO A 1 59  ? 1.208   8.097   -4.854  1.00 13.51 ? 38  PRO A CB   1 
ATOM   325  C  CG   . PRO A 1 59  ? 2.087   7.210   -5.685  1.00 16.66 ? 38  PRO A CG   1 
ATOM   326  C  CD   . PRO A 1 59  ? 3.406   7.899   -5.749  1.00 14.82 ? 38  PRO A CD   1 
ATOM   327  N  N    . ASN A 1 60  ? 0.669   10.861  -3.377  1.00 12.59 ? 39  ASN A N    1 
ATOM   328  C  CA   . ASN A 1 60  ? 0.399   11.260  -1.998  1.00 14.64 ? 39  ASN A CA   1 
ATOM   329  C  C    . ASN A 1 60  ? -0.523  10.229  -1.378  1.00 13.23 ? 39  ASN A C    1 
ATOM   330  O  O    . ASN A 1 60  ? -1.489  9.805   -2.002  1.00 19.12 ? 39  ASN A O    1 
ATOM   331  C  CB   . ASN A 1 60  ? -0.270  12.626  -1.935  1.00 15.92 ? 39  ASN A CB   1 
ATOM   332  C  CG   . ASN A 1 60  ? 0.725   13.755  -1.818  1.00 28.43 ? 39  ASN A CG   1 
ATOM   333  O  OD1  . ASN A 1 60  ? 1.824   13.676  -2.348  1.00 23.44 ? 39  ASN A OD1  1 
ATOM   334  N  ND2  . ASN A 1 60  ? 0.354   14.802  -1.087  1.00 39.68 ? 39  ASN A ND2  1 
ATOM   335  N  N    . MET A 1 61  ? -0.226  9.832   -0.150  1.00 13.32 ? 40  MET A N    1 
ATOM   336  C  CA   . MET A 1 61  ? -1.057  8.866   0.542   1.00 15.34 ? 40  MET A CA   1 
ATOM   337  C  C    . MET A 1 61  ? -1.642  9.560   1.754   1.00 15.20 ? 40  MET A C    1 
ATOM   338  O  O    . MET A 1 61  ? -0.932  10.228  2.487   1.00 13.35 ? 40  MET A O    1 
ATOM   339  C  CB   . MET A 1 61  ? -0.210  7.669   0.967   1.00 16.04 ? 40  MET A CB   1 
ATOM   340  C  CG   . MET A 1 61  ? -0.978  6.564   1.642   1.00 17.02 ? 40  MET A CG   1 
ATOM   341  S  SD   . MET A 1 61  ? 0.072   5.146   1.976   1.00 19.51 ? 40  MET A SD   1 
ATOM   342  C  CE   . MET A 1 61  ? 1.551   5.941   2.611   1.00 22.60 ? 40  MET A CE   1 
ATOM   343  N  N    . ILE A 1 62  ? -2.945  9.414   1.942   1.00 13.94 ? 41  ILE A N    1 
ATOM   344  C  CA   . ILE A 1 62  ? -3.627  10.048  3.054   1.00 13.23 ? 41  ILE A CA   1 
ATOM   345  C  C    . ILE A 1 62  ? -4.259  8.923   3.850   1.00 12.08 ? 41  ILE A C    1 
ATOM   346  O  O    . ILE A 1 62  ? -5.079  8.172   3.323   1.00 14.28 ? 41  ILE A O    1 
ATOM   347  C  CB   . ILE A 1 62  ? -4.700  11.046  2.557   1.00 17.41 ? 41  ILE A CB   1 
ATOM   348  C  CG1  . ILE A 1 62  ? -4.063  12.138  1.676   1.00 24.59 ? 41  ILE A CG1  1 
ATOM   349  C  CG2  . ILE A 1 62  ? -5.430  11.677  3.728   1.00 21.96 ? 41  ILE A CG2  1 
ATOM   350  C  CD1  . ILE A 1 62  ? -4.025  11.818  0.169   1.00 26.85 ? 41  ILE A CD1  1 
ATOM   351  N  N    . ILE A 1 63  ? -3.847  8.786   5.106   1.00 10.26 ? 42  ILE A N    1 
ATOM   352  C  CA   . ILE A 1 63  ? -4.345  7.716   5.952   1.00 9.43  ? 42  ILE A CA   1 
ATOM   353  C  C    . ILE A 1 63  ? -5.140  8.330   7.083   1.00 9.86  ? 42  ILE A C    1 
ATOM   354  O  O    . ILE A 1 63  ? -4.682  9.272   7.735   1.00 13.66 ? 42  ILE A O    1 
ATOM   355  C  CB   . ILE A 1 63  ? -3.191  6.872   6.524   1.00 11.01 ? 42  ILE A CB   1 
ATOM   356  C  CG1  . ILE A 1 63  ? -2.362  6.277   5.381   1.00 11.17 ? 42  ILE A CG1  1 
ATOM   357  C  CG2  . ILE A 1 63  ? -3.713  5.772   7.459   1.00 9.33  ? 42  ILE A CG2  1 
ATOM   358  C  CD1  . ILE A 1 63  ? -1.233  5.398   5.852   1.00 12.10 ? 42  ILE A CD1  1 
ATOM   359  N  N    . SER A 1 64  ? -6.338  7.811   7.313   1.00 8.78  ? 43  SER A N    1 
ATOM   360  C  CA   . SER A 1 64  ? -7.150  8.302   8.412   1.00 12.38 ? 43  SER A CA   1 
ATOM   361  C  C    . SER A 1 64  ? -7.815  7.146   9.144   1.00 12.01 ? 43  SER A C    1 
ATOM   362  O  O    . SER A 1 64  ? -7.977  6.053   8.595   1.00 10.22 ? 43  SER A O    1 
ATOM   363  C  CB   . SER A 1 64  ? -8.195  9.286   7.893   1.00 16.14 ? 43  SER A CB   1 
ATOM   364  O  OG   . SER A 1 64  ? -8.964  8.700   6.858   1.00 16.84 ? 43  SER A OG   1 
ATOM   365  N  N    . VAL A 1 65  ? -8.184  7.391   10.397  1.00 12.68 ? 44  VAL A N    1 
ATOM   366  C  CA   . VAL A 1 65  ? -8.875  6.393   11.196  1.00 12.40 ? 44  VAL A CA   1 
ATOM   367  C  C    . VAL A 1 65  ? -10.119 7.022   11.819  1.00 16.36 ? 44  VAL A C    1 
ATOM   368  O  O    . VAL A 1 65  ? -10.077 8.143   12.326  1.00 14.96 ? 44  VAL A O    1 
ATOM   369  C  CB   . VAL A 1 65  ? -7.972  5.795   12.297  1.00 14.31 ? 44  VAL A CB   1 
ATOM   370  C  CG1  . VAL A 1 65  ? -8.689  4.649   12.989  1.00 15.17 ? 44  VAL A CG1  1 
ATOM   371  C  CG2  . VAL A 1 65  ? -6.662  5.294   11.696  1.00 14.71 ? 44  VAL A CG2  1 
ATOM   372  N  N    . ASN A 1 66  ? -11.229 6.300   11.751  1.00 13.08 ? 45  ASN A N    1 
ATOM   373  C  CA   . ASN A 1 66  ? -12.496 6.761   12.303  1.00 14.76 ? 45  ASN A CA   1 
ATOM   374  C  C    . ASN A 1 66  ? -13.181 5.542   12.922  1.00 16.83 ? 45  ASN A C    1 
ATOM   375  O  O    . ASN A 1 66  ? -13.736 4.694   12.214  1.00 14.05 ? 45  ASN A O    1 
ATOM   376  C  CB   . ASN A 1 66  ? -13.343 7.400   11.194  1.00 14.25 ? 45  ASN A CB   1 
ATOM   377  C  CG   . ASN A 1 66  ? -14.647 8.007   11.701  1.00 18.88 ? 45  ASN A CG   1 
ATOM   378  O  OD1  . ASN A 1 66  ? -15.251 7.525   12.661  1.00 16.97 ? 45  ASN A OD1  1 
ATOM   379  N  ND2  . ASN A 1 66  ? -15.096 9.065   11.034  1.00 16.60 ? 45  ASN A ND2  1 
ATOM   380  N  N    . GLY A 1 67  ? -13.109 5.432   14.244  1.00 15.99 ? 46  GLY A N    1 
ATOM   381  C  CA   . GLY A 1 67  ? -13.544 4.212   14.905  1.00 15.59 ? 46  GLY A CA   1 
ATOM   382  C  C    . GLY A 1 67  ? -12.687 3.021   14.498  1.00 18.47 ? 46  GLY A C    1 
ATOM   383  O  O    . GLY A 1 67  ? -11.457 3.078   14.575  1.00 23.11 ? 46  GLY A O    1 
ATOM   384  N  N    . ASP A 1 68  ? -13.329 1.946   14.040  1.00 15.04 ? 47  ASP A N    1 
ATOM   385  C  CA   . ASP A 1 68  ? -12.618 0.727   13.664  1.00 15.74 ? 47  ASP A CA   1 
ATOM   386  C  C    . ASP A 1 68  ? -12.248 0.754   12.190  1.00 12.70 ? 47  ASP A C    1 
ATOM   387  O  O    . ASP A 1 68  ? -11.631 -0.182  11.686  1.00 18.01 ? 47  ASP A O    1 
ATOM   388  C  CB   . ASP A 1 68  ? -13.490 -0.507  13.906  1.00 22.40 ? 47  ASP A CB   1 
ATOM   389  C  CG   . ASP A 1 68  ? -13.686 -0.819  15.380  1.00 27.92 ? 47  ASP A CG   1 
ATOM   390  O  OD1  . ASP A 1 68  ? -12.778 -0.530  16.189  1.00 28.38 ? 47  ASP A OD1  1 
ATOM   391  O  OD2  . ASP A 1 68  ? -14.752 -1.370  15.720  1.00 34.45 1 47  ASP A OD2  1 
ATOM   392  N  N    . VAL A 1 69  ? -12.646 1.814   11.493  1.00 12.13 ? 48  VAL A N    1 
ATOM   393  C  CA   . VAL A 1 69  ? -12.445 1.871   10.047  1.00 9.07  ? 48  VAL A CA   1 
ATOM   394  C  C    . VAL A 1 69  ? -11.200 2.673   9.717   1.00 9.67  ? 48  VAL A C    1 
ATOM   395  O  O    . VAL A 1 69  ? -11.064 3.823   10.135  1.00 11.08 ? 48  VAL A O    1 
ATOM   396  C  CB   . VAL A 1 69  ? -13.656 2.498   9.317   1.00 12.21 ? 48  VAL A CB   1 
ATOM   397  C  CG1  . VAL A 1 69  ? -13.419 2.530   7.810   1.00 12.36 ? 48  VAL A CG1  1 
ATOM   398  C  CG2  . VAL A 1 69  ? -14.926 1.720   9.643   1.00 12.98 ? 48  VAL A CG2  1 
ATOM   399  N  N    . ILE A 1 70  ? -10.294 2.050   8.971   1.00 8.25  ? 49  ILE A N    1 
ATOM   400  C  CA   . ILE A 1 70  ? -9.087  2.719   8.511   1.00 8.50  ? 49  ILE A CA   1 
ATOM   401  C  C    . ILE A 1 70  ? -9.267  3.012   7.029   1.00 12.66 ? 49  ILE A C    1 
ATOM   402  O  O    . ILE A 1 70  ? -9.768  2.169   6.289   1.00 9.46  ? 49  ILE A O    1 
ATOM   403  C  CB   . ILE A 1 70  ? -7.837  1.826   8.712   1.00 8.74  ? 49  ILE A CB   1 
ATOM   404  C  CG1  . ILE A 1 70  ? -7.725  1.378   10.171  1.00 14.12 ? 49  ILE A CG1  1 
ATOM   405  C  CG2  . ILE A 1 70  ? -6.568  2.546   8.254   1.00 11.49 ? 49  ILE A CG2  1 
ATOM   406  C  CD1  . ILE A 1 70  ? -6.636  0.332   10.380  1.00 20.97 ? 49  ILE A CD1  1 
ATOM   407  N  N    . THR A 1 71  ? -8.881  4.211   6.604   1.00 8.91  ? 50  THR A N    1 
ATOM   408  C  CA   . THR A 1 71  ? -8.994  4.587   5.196   1.00 9.33  ? 50  THR A CA   1 
ATOM   409  C  C    . THR A 1 71  ? -7.622  4.973   4.669   1.00 8.79  ? 50  THR A C    1 
ATOM   410  O  O    . THR A 1 71  ? -6.906  5.777   5.277   1.00 8.01  ? 50  THR A O    1 
ATOM   411  C  CB   . THR A 1 71  ? -9.980  5.765   4.980   1.00 12.32 ? 50  THR A CB   1 
ATOM   412  O  OG1  . THR A 1 71  ? -11.300 5.374   5.371   1.00 14.14 ? 50  THR A OG1  1 
ATOM   413  C  CG2  . THR A 1 71  ? -10.013 6.176   3.511   1.00 13.73 ? 50  THR A CG2  1 
ATOM   414  N  N    . ILE A 1 72  ? -7.232  4.366   3.556   1.00 8.90  ? 51  ILE A N    1 
ATOM   415  C  CA   . ILE A 1 72  ? -5.992  4.746   2.912   1.00 8.74  ? 51  ILE A CA   1 
ATOM   416  C  C    . ILE A 1 72  ? -6.331  5.230   1.515   1.00 10.71 ? 51  ILE A C    1 
ATOM   417  O  O    . ILE A 1 72  ? -6.842  4.473   0.699   1.00 11.73 ? 51  ILE A O    1 
ATOM   418  C  CB   . ILE A 1 72  ? -5.006  3.567   2.790   1.00 9.98  ? 51  ILE A CB   1 
ATOM   419  C  CG1  . ILE A 1 72  ? -4.690  2.978   4.166   1.00 11.05 ? 51  ILE A CG1  1 
ATOM   420  C  CG2  . ILE A 1 72  ? -3.707  4.028   2.090   1.00 11.33 ? 51  ILE A CG2  1 
ATOM   421  C  CD1  . ILE A 1 72  ? -3.744  1.791   4.122   1.00 13.38 ? 51  ILE A CD1  1 
ATOM   422  N  N    . LYS A 1 73  ? -6.034  6.495   1.249   1.00 10.29 ? 52  LYS A N    1 
ATOM   423  C  CA   . LYS A 1 73  ? -6.273  7.085   -0.055  1.00 13.26 ? 52  LYS A CA   1 
ATOM   424  C  C    . LYS A 1 73  ? -4.938  7.352   -0.731  1.00 16.30 ? 52  LYS A C    1 
ATOM   425  O  O    . LYS A 1 73  ? -3.979  7.775   -0.085  1.00 15.25 ? 52  LYS A O    1 
ATOM   426  C  CB   . LYS A 1 73  ? -7.062  8.387   0.112   1.00 14.62 ? 52  LYS A CB   1 
ATOM   427  C  CG   . LYS A 1 73  ? -7.235  9.187   -1.155  1.00 25.74 ? 52  LYS A CG   1 
ATOM   428  C  CD   . LYS A 1 73  ? -7.902  10.524  -0.874  1.00 34.84 ? 52  LYS A CD   1 
ATOM   429  C  CE   . LYS A 1 73  ? -9.312  10.335  -0.354  1.00 29.81 ? 52  LYS A CE   1 
ATOM   430  N  NZ   . LYS A 1 73  ? -9.999  11.646  -0.134  1.00 43.44 ? 52  LYS A NZ   1 
ATOM   431  N  N    . SER A 1 74  ? -4.862  7.079   -2.027  1.00 13.29 ? 53  SER A N    1 
ATOM   432  C  CA   . SER A 1 74  ? -3.669  7.417   -2.781  1.00 13.47 ? 53  SER A CA   1 
ATOM   433  C  C    . SER A 1 74  ? -4.060  8.328   -3.932  1.00 15.90 ? 53  SER A C    1 
ATOM   434  O  O    . SER A 1 74  ? -4.981  8.019   -4.682  1.00 19.10 ? 53  SER A O    1 
ATOM   435  C  CB   . SER A 1 74  ? -2.985  6.159   -3.305  1.00 17.38 ? 53  SER A CB   1 
ATOM   436  O  OG   . SER A 1 74  ? -1.829  6.493   -4.066  1.00 21.24 ? 53  SER A OG   1 
ATOM   437  N  N    . GLU A 1 75  ? -3.370  9.458   -4.050  1.00 15.26 ? 54  GLU A N    1 
ATOM   438  C  CA   . GLU A 1 75  ? -3.609  10.380  -5.156  1.00 14.97 ? 54  GLU A CA   1 
ATOM   439  C  C    . GLU A 1 75  ? -2.353  10.529  -5.974  1.00 13.25 ? 54  GLU A C    1 
ATOM   440  O  O    . GLU A 1 75  ? -1.305  10.877  -5.440  1.00 10.81 ? 54  GLU A O    1 
ATOM   441  C  CB   . GLU A 1 75  ? -4.003  11.754  -4.634  1.00 23.62 ? 54  GLU A CB   1 
ATOM   442  C  CG   . GLU A 1 75  ? -5.398  11.824  -4.082  1.00 27.15 ? 54  GLU A CG   1 
ATOM   443  C  CD   . GLU A 1 75  ? -5.718  13.210  -3.581  1.00 38.42 ? 54  GLU A CD   1 
ATOM   444  O  OE1  . GLU A 1 75  ? -4.771  13.908  -3.143  1.00 37.76 ? 54  GLU A OE1  1 
ATOM   445  O  OE2  . GLU A 1 75  ? -6.903  13.599  -3.640  1.00 42.91 1 54  GLU A OE2  1 
ATOM   446  N  N    . SER A 1 76  ? -2.453  10.286  -7.276  1.00 13.82 ? 55  SER A N    1 
ATOM   447  C  CA   . SER A 1 76  ? -1.306  10.545  -8.132  1.00 17.17 ? 55  SER A CA   1 
ATOM   448  C  C    . SER A 1 76  ? -1.760  10.810  -9.549  1.00 18.09 ? 55  SER A C    1 
ATOM   449  O  O    . SER A 1 76  ? -2.952  10.731  -9.858  1.00 19.25 ? 55  SER A O    1 
ATOM   450  C  CB   . SER A 1 76  ? -0.304  9.386   -8.097  1.00 24.55 ? 55  SER A CB   1 
ATOM   451  O  OG   . SER A 1 76  ? -0.720  8.301   -8.906  1.00 16.91 ? 55  SER A OG   1 
ATOM   452  N  N    . THR A 1 77  ? -0.801  11.128  -10.409 1.00 18.41 ? 56  THR A N    1 
ATOM   453  C  CA   . THR A 1 77  ? -1.101  11.352  -11.812 1.00 16.92 ? 56  THR A CA   1 
ATOM   454  C  C    . THR A 1 77  ? -1.487  10.050  -12.510 1.00 23.22 ? 56  THR A C    1 
ATOM   455  O  O    . THR A 1 77  ? -2.132  10.073  -13.560 1.00 26.05 ? 56  THR A O    1 
ATOM   456  C  CB   . THR A 1 77  ? 0.102   11.981  -12.532 1.00 18.27 ? 56  THR A CB   1 
ATOM   457  O  OG1  . THR A 1 77  ? 1.242   11.128  -12.369 1.00 24.58 ? 56  THR A OG1  1 
ATOM   458  C  CG2  . THR A 1 77  ? 0.418   13.344  -11.933 1.00 19.07 ? 56  THR A CG2  1 
ATOM   459  N  N    . PHE A 1 78  ? -1.096  8.921   -11.923 1.00 21.19 ? 57  PHE A N    1 
ATOM   460  C  CA   . PHE A 1 78  ? -1.401  7.603   -12.483 1.00 19.47 ? 57  PHE A CA   1 
ATOM   461  C  C    . PHE A 1 78  ? -2.830  7.172   -12.164 1.00 21.36 ? 57  PHE A C    1 
ATOM   462  O  O    . PHE A 1 78  ? -3.624  6.893   -13.061 1.00 21.79 ? 57  PHE A O    1 
ATOM   463  C  CB   . PHE A 1 78  ? -0.403  6.562   -11.969 1.00 16.40 ? 57  PHE A CB   1 
ATOM   464  C  CG   . PHE A 1 78  ? -0.767  5.143   -12.312 1.00 20.37 ? 57  PHE A CG   1 
ATOM   465  C  CD1  . PHE A 1 78  ? -0.979  4.766   -13.629 1.00 19.62 ? 57  PHE A CD1  1 
ATOM   466  C  CD2  . PHE A 1 78  ? -0.866  4.178   -11.320 1.00 19.35 ? 57  PHE A CD2  1 
ATOM   467  C  CE1  . PHE A 1 78  ? -1.307  3.448   -13.954 1.00 22.81 ? 57  PHE A CE1  1 
ATOM   468  C  CE2  . PHE A 1 78  ? -1.191  2.859   -11.635 1.00 20.99 ? 57  PHE A CE2  1 
ATOM   469  C  CZ   . PHE A 1 78  ? -1.412  2.497   -12.956 1.00 22.90 ? 57  PHE A CZ   1 
ATOM   470  N  N    . LYS A 1 79  ? -3.159  7.129   -10.880 1.00 21.67 ? 58  LYS A N    1 
ATOM   471  C  CA   . LYS A 1 79  ? -4.486  6.710   -10.469 1.00 22.76 ? 58  LYS A CA   1 
ATOM   472  C  C    . LYS A 1 79  ? -4.822  7.323   -9.118  1.00 21.76 ? 58  LYS A C    1 
ATOM   473  O  O    . LYS A 1 79  ? -3.930  7.649   -8.324  1.00 23.95 ? 58  LYS A O    1 
ATOM   474  C  CB   . LYS A 1 79  ? -4.552  5.181   -10.413 1.00 19.42 ? 58  LYS A CB   1 
ATOM   475  C  CG   . LYS A 1 79  ? -5.936  4.596   -10.220 1.00 32.45 ? 58  LYS A CG   1 
ATOM   476  C  CD   . LYS A 1 79  ? -6.823  4.842   -11.432 1.00 33.58 ? 58  LYS A CD   1 
ATOM   477  C  CE   . LYS A 1 79  ? -8.251  4.390   -11.179 1.00 36.15 ? 58  LYS A CE   1 
ATOM   478  N  NZ   . LYS A 1 79  ? -9.161  4.821   -12.282 1.00 45.71 ? 58  LYS A NZ   1 
ATOM   479  N  N    . ASN A 1 80  ? -6.107  7.526   -8.876  1.00 13.72 ? 59  ASN A N    1 
ATOM   480  C  CA   . ASN A 1 80  ? -6.572  7.866   -7.545  1.00 16.35 ? 59  ASN A CA   1 
ATOM   481  C  C    . ASN A 1 80  ? -7.269  6.635   -7.002  1.00 19.92 ? 59  ASN A C    1 
ATOM   482  O  O    . ASN A 1 80  ? -8.109  6.047   -7.682  1.00 21.40 ? 59  ASN A O    1 
ATOM   483  C  CB   . ASN A 1 80  ? -7.526  9.058   -7.590  1.00 24.58 ? 59  ASN A CB   1 
ATOM   484  C  CG   . ASN A 1 80  ? -6.832  10.340  -8.012  1.00 26.58 ? 59  ASN A CG   1 
ATOM   485  O  OD1  . ASN A 1 80  ? -5.675  10.575  -7.667  1.00 20.52 ? 59  ASN A OD1  1 
ATOM   486  N  ND2  . ASN A 1 80  ? -7.535  11.169  -8.776  1.00 30.48 ? 59  ASN A ND2  1 
ATOM   487  N  N    . THR A 1 81  ? -6.889  6.217   -5.802  1.00 12.74 ? 60  THR A N    1 
ATOM   488  C  CA   . THR A 1 81  ? -7.507  5.054   -5.181  1.00 14.10 ? 60  THR A CA   1 
ATOM   489  C  C    . THR A 1 81  ? -7.912  5.353   -3.742  1.00 10.49 ? 60  THR A C    1 
ATOM   490  O  O    . THR A 1 81  ? -7.387  6.261   -3.103  1.00 13.12 ? 60  THR A O    1 
ATOM   491  C  CB   . THR A 1 81  ? -6.563  3.826   -5.175  1.00 13.49 ? 60  THR A CB   1 
ATOM   492  O  OG1  . THR A 1 81  ? -5.418  4.098   -4.353  1.00 17.03 ? 60  THR A OG1  1 
ATOM   493  C  CG2  . THR A 1 81  ? -6.107  3.482   -6.583  1.00 17.89 ? 60  THR A CG2  1 
ATOM   494  N  N    . GLU A 1 82  ? -8.862  4.573   -3.240  1.00 11.53 ? 61  GLU A N    1 
ATOM   495  C  CA   . GLU A 1 82  ? -9.259  4.685   -1.851  1.00 12.44 ? 61  GLU A CA   1 
ATOM   496  C  C    . GLU A 1 82  ? -9.728  3.324   -1.382  1.00 14.77 ? 61  GLU A C    1 
ATOM   497  O  O    . GLU A 1 82  ? -10.523 2.662   -2.061  1.00 13.16 ? 61  GLU A O    1 
ATOM   498  C  CB   . GLU A 1 82  ? -10.366 5.725   -1.680  1.00 16.67 ? 61  GLU A CB   1 
ATOM   499  C  CG   . GLU A 1 82  ? -10.766 5.969   -0.225  1.00 20.88 ? 61  GLU A CG   1 
ATOM   500  C  CD   . GLU A 1 82  ? -11.925 6.945   -0.089  1.00 31.60 ? 61  GLU A CD   1 
ATOM   501  O  OE1  . GLU A 1 82  ? -12.862 6.663   0.691   1.00 32.90 ? 61  GLU A OE1  1 
ATOM   502  O  OE2  . GLU A 1 82  ? -11.897 7.996   -0.761  1.00 34.30 1 61  GLU A OE2  1 
ATOM   503  N  N    . ILE A 1 83  ? -9.192  2.892   -0.245  1.00 11.99 ? 62  ILE A N    1 
ATOM   504  C  CA   . ILE A 1 83  ? -9.680  1.692   0.422   1.00 9.05  ? 62  ILE A CA   1 
ATOM   505  C  C    . ILE A 1 83  ? -10.049 2.023   1.859   1.00 10.06 ? 62  ILE A C    1 
ATOM   506  O  O    . ILE A 1 83  ? -9.350  2.776   2.542   1.00 11.10 ? 62  ILE A O    1 
ATOM   507  C  CB   . ILE A 1 83  ? -8.657  0.524   0.414   1.00 11.95 ? 62  ILE A CB   1 
ATOM   508  C  CG1  . ILE A 1 83  ? -7.301  0.973   0.967   1.00 12.51 ? 62  ILE A CG1  1 
ATOM   509  C  CG2  . ILE A 1 83  ? -8.519  -0.062  -0.997  1.00 16.09 ? 62  ILE A CG2  1 
ATOM   510  C  CD1  . ILE A 1 83  ? -6.310  -0.167  1.127   1.00 14.63 ? 62  ILE A CD1  1 
ATOM   511  N  N    . SER A 1 84  ? -11.158 1.454   2.306   1.00 9.41  ? 63  SER A N    1 
ATOM   512  C  CA   . SER A 1 84  ? -11.567 1.533   3.700   1.00 9.41  ? 63  SER A CA   1 
ATOM   513  C  C    . SER A 1 84  ? -11.785 0.113   4.208   1.00 10.76 ? 63  SER A C    1 
ATOM   514  O  O    . SER A 1 84  ? -12.291 -0.746  3.490   1.00 11.06 ? 63  SER A O    1 
ATOM   515  C  CB   . SER A 1 84  ? -12.841 2.360   3.855   1.00 13.03 ? 63  SER A CB   1 
ATOM   516  O  OG   . SER A 1 84  ? -12.583 3.713   3.543   1.00 12.99 ? 63  SER A OG   1 
ATOM   517  N  N    . PHE A 1 85  ? -11.385 -0.143  5.443   1.00 8.54  ? 64  PHE A N    1 
ATOM   518  C  CA   . PHE A 1 85  ? -11.370 -1.514  5.918   1.00 8.45  ? 64  PHE A CA   1 
ATOM   519  C  C    . PHE A 1 85  ? -11.293 -1.577  7.424   1.00 8.94  ? 64  PHE A C    1 
ATOM   520  O  O    . PHE A 1 85  ? -10.940 -0.594  8.082   1.00 9.05  ? 64  PHE A O    1 
ATOM   521  C  CB   . PHE A 1 85  ? -10.170 -2.267  5.319   1.00 7.26  ? 64  PHE A CB   1 
ATOM   522  C  CG   . PHE A 1 85  ? -8.834  -1.634  5.635   1.00 9.73  ? 64  PHE A CG   1 
ATOM   523  C  CD1  . PHE A 1 85  ? -8.304  -0.645  4.808   1.00 10.10 ? 64  PHE A CD1  1 
ATOM   524  C  CD2  . PHE A 1 85  ? -8.107  -2.034  6.747   1.00 10.37 ? 64  PHE A CD2  1 
ATOM   525  C  CE1  . PHE A 1 85  ? -7.080  -0.050  5.095   1.00 8.79  ? 64  PHE A CE1  1 
ATOM   526  C  CE2  . PHE A 1 85  ? -6.874  -1.446  7.047   1.00 10.47 ? 64  PHE A CE2  1 
ATOM   527  C  CZ   . PHE A 1 85  ? -6.362  -0.452  6.220   1.00 10.51 ? 64  PHE A CZ   1 
ATOM   528  N  N    . ILE A 1 86  ? -11.648 -2.745  7.948   1.00 10.08 ? 65  ILE A N    1 
ATOM   529  C  CA   . ILE A 1 86  ? -11.538 -3.048  9.366   1.00 13.60 ? 65  ILE A CA   1 
ATOM   530  C  C    . ILE A 1 86  ? -10.470 -4.135  9.491   1.00 9.67  ? 65  ILE A C    1 
ATOM   531  O  O    . ILE A 1 86  ? -10.436 -5.052  8.685   1.00 12.02 ? 65  ILE A O    1 
ATOM   532  C  CB   . ILE A 1 86  ? -12.889 -3.543  9.917   1.00 15.65 ? 65  ILE A CB   1 
ATOM   533  C  CG1  . ILE A 1 86  ? -13.919 -2.401  9.884   1.00 13.68 ? 65  ILE A CG1  1 
ATOM   534  C  CG2  . ILE A 1 86  ? -12.728 -4.085  11.334  1.00 12.76 ? 65  ILE A CG2  1 
ATOM   535  C  CD1  . ILE A 1 86  ? -15.359 -2.864  10.139  1.00 14.41 ? 65  ILE A CD1  1 
ATOM   536  N  N    . LEU A 1 87  ? -9.579  -4.018  10.472  1.00 10.98 ? 66  LEU A N    1 
ATOM   537  C  CA   . LEU A 1 87  ? -8.483  -4.984  10.591  1.00 8.25  ? 66  LEU A CA   1 
ATOM   538  C  C    . LEU A 1 87  ? -9.005  -6.411  10.726  1.00 10.69 ? 66  LEU A C    1 
ATOM   539  O  O    . LEU A 1 87  ? -9.955  -6.672  11.464  1.00 11.57 ? 66  LEU A O    1 
ATOM   540  C  CB   . LEU A 1 87  ? -7.551  -4.641  11.762  1.00 7.54  ? 66  LEU A CB   1 
ATOM   541  C  CG   . LEU A 1 87  ? -6.825  -3.300  11.679  1.00 9.81  ? 66  LEU A CG   1 
ATOM   542  C  CD1  . LEU A 1 87  ? -6.216  -2.958  13.032  1.00 13.76 ? 66  LEU A CD1  1 
ATOM   543  C  CD2  . LEU A 1 87  ? -5.744  -3.352  10.607  1.00 11.52 ? 66  LEU A CD2  1 
ATOM   544  N  N    . GLY A 1 88  ? -8.408  -7.312  9.954   1.00 9.95  ? 67  GLY A N    1 
ATOM   545  C  CA   . GLY A 1 88  ? -8.719  -8.728  9.988   1.00 10.31 ? 67  GLY A CA   1 
ATOM   546  C  C    . GLY A 1 88  ? -9.942  -9.131  9.183   1.00 11.51 ? 67  GLY A C    1 
ATOM   547  O  O    . GLY A 1 88  ? -10.294 -10.313 9.150   1.00 14.60 ? 67  GLY A O    1 
ATOM   548  N  N    . GLN A 1 89  ? -10.585 -8.164  8.533   1.00 10.33 ? 68  GLN A N    1 
ATOM   549  C  CA   . GLN A 1 89  ? -11.807 -8.430  7.770   1.00 10.86 ? 68  GLN A CA   1 
ATOM   550  C  C    . GLN A 1 89  ? -11.602 -8.253  6.270   1.00 12.63 ? 68  GLN A C    1 
ATOM   551  O  O    . GLN A 1 89  ? -11.360 -7.147  5.792   1.00 10.32 ? 68  GLN A O    1 
ATOM   552  C  CB   . GLN A 1 89  ? -12.949 -7.537  8.256   1.00 10.37 ? 68  GLN A CB   1 
ATOM   553  C  CG   . GLN A 1 89  ? -13.133 -7.596  9.765   1.00 12.90 ? 68  GLN A CG   1 
ATOM   554  C  CD   . GLN A 1 89  ? -14.494 -7.119  10.233  1.00 16.22 ? 68  GLN A CD   1 
ATOM   555  O  OE1  . GLN A 1 89  ? -15.268 -6.533  9.477   1.00 21.22 ? 68  GLN A OE1  1 
ATOM   556  N  NE2  . GLN A 1 89  ? -14.795 -7.384  11.497  1.00 20.31 ? 68  GLN A NE2  1 
ATOM   557  N  N    . GLU A 1 90  ? -11.708 -9.358  5.535   1.00 8.87  ? 69  GLU A N    1 
ATOM   558  C  CA   . GLU A 1 90  ? -11.453 -9.373  4.096   1.00 10.04 ? 69  GLU A CA   1 
ATOM   559  C  C    . GLU A 1 90  ? -12.368 -8.415  3.322   1.00 13.25 ? 69  GLU A C    1 
ATOM   560  O  O    . GLU A 1 90  ? -13.546 -8.245  3.663   1.00 11.61 ? 69  GLU A O    1 
ATOM   561  C  CB   . GLU A 1 90  ? -11.591 -10.799 3.570   1.00 12.38 ? 69  GLU A CB   1 
ATOM   562  C  CG   . GLU A 1 90  ? -11.159 -10.989 2.124   1.00 17.89 ? 69  GLU A CG   1 
ATOM   563  C  CD   . GLU A 1 90  ? -11.277 -12.429 1.677   1.00 29.72 ? 69  GLU A CD   1 
ATOM   564  O  OE1  . GLU A 1 90  ? -12.402 -12.970 1.718   1.00 35.64 ? 69  GLU A OE1  1 
ATOM   565  O  OE2  . GLU A 1 90  ? -10.243 -13.019 1.299   1.00 30.64 1 69  GLU A OE2  1 
ATOM   566  N  N    . PHE A 1 91  ? -11.815 -7.776  2.293   1.00 11.78 ? 70  PHE A N    1 
ATOM   567  C  CA   . PHE A 1 91  ? -12.588 -6.876  1.444   1.00 9.49  ? 70  PHE A CA   1 
ATOM   568  C  C    . PHE A 1 91  ? -12.164 -6.961  -0.021  1.00 14.85 ? 70  PHE A C    1 
ATOM   569  O  O    . PHE A 1 91  ? -11.088 -7.480  -0.338  1.00 11.62 ? 70  PHE A O    1 
ATOM   570  C  CB   . PHE A 1 91  ? -12.499 -5.425  1.941   1.00 9.79  ? 70  PHE A CB   1 
ATOM   571  C  CG   . PHE A 1 91  ? -11.097 -4.857  1.950   1.00 11.90 ? 70  PHE A CG   1 
ATOM   572  C  CD1  . PHE A 1 91  ? -10.241 -5.098  3.012   1.00 10.09 ? 70  PHE A CD1  1 
ATOM   573  C  CD2  . PHE A 1 91  ? -10.641 -4.073  0.900   1.00 13.97 ? 70  PHE A CD2  1 
ATOM   574  C  CE1  . PHE A 1 91  ? -8.944  -4.581  3.021   1.00 8.95  ? 70  PHE A CE1  1 
ATOM   575  C  CE2  . PHE A 1 91  ? -9.352  -3.546  0.906   1.00 15.02 ? 70  PHE A CE2  1 
ATOM   576  C  CZ   . PHE A 1 91  ? -8.506  -3.795  1.976   1.00 10.65 ? 70  PHE A CZ   1 
ATOM   577  N  N    . ASP A 1 92  ? -13.017 -6.433  -0.896  1.00 14.50 ? 71  ASP A N    1 
ATOM   578  C  CA   . ASP A 1 92  ? -12.740 -6.378  -2.328  1.00 16.42 ? 71  ASP A CA   1 
ATOM   579  C  C    . ASP A 1 92  ? -11.963 -5.117  -2.634  1.00 12.97 ? 71  ASP A C    1 
ATOM   580  O  O    . ASP A 1 92  ? -12.327 -4.038  -2.178  1.00 16.71 ? 71  ASP A O    1 
ATOM   581  C  CB   . ASP A 1 92  ? -14.041 -6.344  -3.145  1.00 17.11 ? 71  ASP A CB   1 
ATOM   582  C  CG   . ASP A 1 92  ? -14.844 -7.613  -3.034  1.00 23.81 ? 71  ASP A CG   1 
ATOM   583  O  OD1  . ASP A 1 92  ? -14.267 -8.694  -3.260  1.00 20.52 ? 71  ASP A OD1  1 
ATOM   584  O  OD2  . ASP A 1 92  ? -16.061 -7.523  -2.724  1.00 21.24 1 71  ASP A OD2  1 
ATOM   585  N  N    . GLU A 1 93  ? -10.898 -5.245  -3.419  1.00 13.65 ? 72  GLU A N    1 
ATOM   586  C  CA   . GLU A 1 93  ? -10.083 -4.092  -3.771  1.00 14.51 ? 72  GLU A CA   1 
ATOM   587  C  C    . GLU A 1 93  ? -9.816  -4.131  -5.265  1.00 17.89 ? 72  GLU A C    1 
ATOM   588  O  O    . GLU A 1 93  ? -9.463  -5.168  -5.790  1.00 15.24 ? 72  GLU A O    1 
ATOM   589  C  CB   . GLU A 1 93  ? -8.742  -4.106  -3.018  1.00 13.89 ? 72  GLU A CB   1 
ATOM   590  C  CG   . GLU A 1 93  ? -7.830  -2.912  -3.354  1.00 15.71 ? 72  GLU A CG   1 
ATOM   591  C  CD   . GLU A 1 93  ? -6.475  -2.952  -2.653  1.00 14.96 ? 72  GLU A CD   1 
ATOM   592  O  OE1  . GLU A 1 93  ? -6.150  -3.986  -2.025  1.00 16.03 ? 72  GLU A OE1  1 
ATOM   593  O  OE2  . GLU A 1 93  ? -5.734  -1.941  -2.732  1.00 18.36 1 72  GLU A OE2  1 
ATOM   594  N  N    . VAL A 1 94  ? -10.003 -3.003  -5.942  1.00 17.54 ? 73  VAL A N    1 
ATOM   595  C  CA   . VAL A 1 94  ? -9.542  -2.878  -7.315  1.00 13.72 ? 73  VAL A CA   1 
ATOM   596  C  C    . VAL A 1 94  ? -8.278  -2.049  -7.234  1.00 14.22 ? 73  VAL A C    1 
ATOM   597  O  O    . VAL A 1 94  ? -8.316  -0.869  -6.887  1.00 15.12 ? 73  VAL A O    1 
ATOM   598  C  CB   . VAL A 1 94  ? -10.567 -2.182  -8.215  1.00 23.78 ? 73  VAL A CB   1 
ATOM   599  C  CG1  . VAL A 1 94  ? -10.054 -2.141  -9.658  1.00 21.29 ? 73  VAL A CG1  1 
ATOM   600  C  CG2  . VAL A 1 94  ? -11.902 -2.903  -8.140  1.00 26.48 ? 73  VAL A CG2  1 
ATOM   601  N  N    . THR A 1 95  ? -7.152  -2.688  -7.508  1.00 14.33 ? 74  THR A N    1 
ATOM   602  C  CA   . THR A 1 95  ? -5.855  -2.043  -7.329  1.00 13.53 ? 74  THR A CA   1 
ATOM   603  C  C    . THR A 1 95  ? -5.587  -0.976  -8.392  1.00 15.93 ? 74  THR A C    1 
ATOM   604  O  O    . THR A 1 95  ? -6.276  -0.912  -9.411  1.00 17.53 ? 74  THR A O    1 
ATOM   605  C  CB   . THR A 1 95  ? -4.730  -3.081  -7.365  1.00 15.14 ? 74  THR A CB   1 
ATOM   606  O  OG1  . THR A 1 95  ? -4.668  -3.661  -8.670  1.00 14.80 ? 74  THR A OG1  1 
ATOM   607  C  CG2  . THR A 1 95  ? -4.989  -4.179  -6.346  1.00 13.56 ? 74  THR A CG2  1 
ATOM   608  N  N    . ALA A 1 96  ? -4.582  -0.144  -8.140  1.00 14.46 ? 75  ALA A N    1 
ATOM   609  C  CA   . ALA A 1 96  ? -4.201  0.928   -9.066  1.00 16.77 ? 75  ALA A CA   1 
ATOM   610  C  C    . ALA A 1 96  ? -3.929  0.394   -10.463 1.00 19.11 ? 75  ALA A C    1 
ATOM   611  O  O    . ALA A 1 96  ? -4.166  1.087   -11.457 1.00 19.55 ? 75  ALA A O    1 
ATOM   612  C  CB   . ALA A 1 96  ? -2.978  1.654   -8.555  1.00 18.06 ? 75  ALA A CB   1 
ATOM   613  N  N    . ASP A 1 97  ? -3.429  -0.836  -10.527 1.00 16.41 ? 76  ASP A N    1 
ATOM   614  C  CA   . ASP A 1 97  ? -3.070  -1.463  -11.800 1.00 13.75 ? 76  ASP A CA   1 
ATOM   615  C  C    . ASP A 1 97  ? -4.218  -2.333  -12.321 1.00 17.75 ? 76  ASP A C    1 
ATOM   616  O  O    . ASP A 1 97  ? -4.029  -3.178  -13.201 1.00 22.71 ? 76  ASP A O    1 
ATOM   617  C  CB   . ASP A 1 97  ? -1.777  -2.272  -11.666 1.00 13.90 ? 76  ASP A CB   1 
ATOM   618  C  CG   . ASP A 1 97  ? -1.902  -3.427  -10.691 1.00 15.32 ? 76  ASP A CG   1 
ATOM   619  O  OD1  . ASP A 1 97  ? -2.276  -3.178  -9.528  1.00 17.87 ? 76  ASP A OD1  1 
ATOM   620  O  OD2  . ASP A 1 97  ? -1.644  -4.587  -11.088 1.00 18.51 1 76  ASP A OD2  1 
ATOM   621  N  N    . ASP A 1 98  ? -5.401  -2.107  -11.751 1.00 17.81 ? 77  ASP A N    1 
ATOM   622  C  CA   . ASP A 1 98  ? -6.648  -2.743  -12.180 1.00 19.89 ? 77  ASP A CA   1 
ATOM   623  C  C    . ASP A 1 98  ? -6.720  -4.258  -11.958 1.00 24.23 ? 77  ASP A C    1 
ATOM   624  O  O    . ASP A 1 98  ? -7.380  -4.965  -12.713 1.00 23.36 ? 77  ASP A O    1 
ATOM   625  C  CB   . ASP A 1 98  ? -6.962  -2.404  -13.647 1.00 22.56 ? 77  ASP A CB   1 
ATOM   626  C  CG   . ASP A 1 98  ? -8.451  -2.337  -13.924 1.00 41.63 ? 77  ASP A CG   1 
ATOM   627  O  OD1  . ASP A 1 98  ? -8.912  -3.021  -14.863 1.00 47.52 ? 77  ASP A OD1  1 
ATOM   628  O  OD2  . ASP A 1 98  ? -9.159  -1.592  -13.207 1.00 42.68 1 77  ASP A OD2  1 
ATOM   629  N  N    . ARG A 1 99  ? -6.044  -4.765  -10.936 1.00 16.30 ? 78  ARG A N    1 
ATOM   630  C  CA   . ARG A 1 99  ? -6.312  -6.133  -10.503 1.00 13.67 ? 78  ARG A CA   1 
ATOM   631  C  C    . ARG A 1 99  ? -7.520  -6.114  -9.583  1.00 16.56 ? 78  ARG A C    1 
ATOM   632  O  O    . ARG A 1 99  ? -7.706  -5.169  -8.814  1.00 17.25 ? 78  ARG A O    1 
ATOM   633  C  CB   . ARG A 1 99  ? -5.124  -6.734  -9.757  1.00 15.42 ? 78  ARG A CB   1 
ATOM   634  C  CG   . ARG A 1 99  ? -4.003  -7.247  -10.645 1.00 15.50 ? 78  ARG A CG   1 
ATOM   635  C  CD   . ARG A 1 99  ? -2.806  -7.646  -9.800  1.00 18.27 ? 78  ARG A CD   1 
ATOM   636  N  NE   . ARG A 1 99  ? -2.238  -6.467  -9.161  1.00 16.58 ? 78  ARG A NE   1 
ATOM   637  C  CZ   . ARG A 1 99  ? -1.940  -6.361  -7.868  1.00 17.32 ? 78  ARG A CZ   1 
ATOM   638  N  NH1  . ARG A 1 99  ? -2.121  -7.380  -7.039  1.00 11.84 ? 78  ARG A NH1  1 
ATOM   639  N  NH2  . ARG A 1 99  ? -1.444  -5.223  -7.408  1.00 18.03 ? 78  ARG A NH2  1 
ATOM   640  N  N    . LYS A 1 100 ? -8.341  -7.151  -9.678  1.00 14.99 ? 79  LYS A N    1 
ATOM   641  C  CA   . LYS A 1 100 ? -9.479  -7.323  -8.785  1.00 11.57 ? 79  LYS A CA   1 
ATOM   642  C  C    . LYS A 1 100 ? -9.103  -8.364  -7.752  1.00 12.00 ? 79  LYS A C    1 
ATOM   643  O  O    . LYS A 1 100 ? -9.059  -9.557  -8.049  1.00 15.38 ? 79  LYS A O    1 
ATOM   644  C  CB   . LYS A 1 100 ? -10.717 -7.761  -9.570  1.00 16.49 ? 79  LYS A CB   1 
ATOM   645  C  CG   . LYS A 1 100 ? -11.439 -6.617  -10.280 1.00 24.35 ? 79  LYS A CG   1 
ATOM   646  C  CD   . LYS A 1 100 ? -10.680 -6.109  -11.500 1.00 35.66 ? 79  LYS A CD   1 
ATOM   647  C  CE   . LYS A 1 100 ? -11.447 -4.992  -12.198 1.00 41.72 ? 79  LYS A CE   1 
ATOM   648  N  NZ   . LYS A 1 100 ? -10.734 -4.504  -13.410 1.00 47.72 ? 79  LYS A NZ   1 
ATOM   649  N  N    . VAL A 1 101 ? -8.807  -7.902  -6.538  1.00 11.62 ? 80  VAL A N    1 
ATOM   650  C  CA   . VAL A 1 101 ? -8.195  -8.756  -5.534  1.00 11.64 ? 80  VAL A CA   1 
ATOM   651  C  C    . VAL A 1 101 ? -9.038  -8.850  -4.260  1.00 10.82 ? 80  VAL A C    1 
ATOM   652  O  O    . VAL A 1 101 ? -9.904  -8.009  -3.998  1.00 12.23 ? 80  VAL A O    1 
ATOM   653  C  CB   . VAL A 1 101 ? -6.779  -8.242  -5.138  1.00 12.17 ? 80  VAL A CB   1 
ATOM   654  C  CG1  . VAL A 1 101 ? -5.933  -7.961  -6.378  1.00 11.07 ? 80  VAL A CG1  1 
ATOM   655  C  CG2  . VAL A 1 101 ? -6.880  -6.985  -4.285  1.00 13.19 ? 80  VAL A CG2  1 
ATOM   656  N  N    . LYS A 1 102 ? -8.783  -9.896  -3.487  1.00 10.98 ? 81  LYS A N    1 
ATOM   657  C  CA   . LYS A 1 102 ? -9.379  -10.033 -2.168  1.00 11.32 ? 81  LYS A CA   1 
ATOM   658  C  C    . LYS A 1 102 ? -8.293  -9.659  -1.182  1.00 12.50 ? 81  LYS A C    1 
ATOM   659  O  O    . LYS A 1 102 ? -7.224  -10.272 -1.181  1.00 10.87 ? 81  LYS A O    1 
ATOM   660  C  CB   . LYS A 1 102 ? -9.829  -11.474 -1.922  1.00 13.30 ? 81  LYS A CB   1 
ATOM   661  C  CG   . LYS A 1 102 ? -10.932 -11.959 -2.858  1.00 24.91 ? 81  LYS A CG   1 
ATOM   662  C  CD   . LYS A 1 102 ? -12.235 -11.216 -2.626  1.00 26.10 ? 81  LYS A CD   1 
ATOM   663  C  CE   . LYS A 1 102 ? -13.376 -11.863 -3.416  1.00 26.52 ? 81  LYS A CE   1 
ATOM   664  N  NZ   . LYS A 1 102 ? -14.651 -11.118 -3.250  1.00 28.87 ? 81  LYS A NZ   1 
ATOM   665  N  N    . SER A 1 103 ? -8.557  -8.651  -0.352  1.00 11.03 ? 82  SER A N    1 
ATOM   666  C  CA   . SER A 1 103 ? -7.514  -8.085  0.503   1.00 9.66  ? 82  SER A CA   1 
ATOM   667  C  C    . SER A 1 103 ? -7.866  -8.268  1.967   1.00 9.30  ? 82  SER A C    1 
ATOM   668  O  O    . SER A 1 103 ? -9.021  -8.142  2.347   1.00 10.62 ? 82  SER A O    1 
ATOM   669  C  CB   . SER A 1 103 ? -7.345  -6.591  0.217   1.00 11.13 ? 82  SER A CB   1 
ATOM   670  O  OG   . SER A 1 103 ? -6.682  -6.376  -1.025  1.00 13.54 ? 82  SER A OG   1 
ATOM   671  N  N    . THR A 1 104 ? -6.862  -8.561  2.785   1.00 10.38 ? 83  THR A N    1 
ATOM   672  C  CA   . THR A 1 104 ? -7.039  -8.582  4.233   1.00 7.27  ? 83  THR A CA   1 
ATOM   673  C  C    . THR A 1 104 ? -5.871  -7.845  4.856   1.00 10.88 ? 83  THR A C    1 
ATOM   674  O  O    . THR A 1 104 ? -4.715  -8.116  4.526   1.00 10.54 ? 83  THR A O    1 
ATOM   675  C  CB   . THR A 1 104 ? -7.073  -10.009 4.781   1.00 11.47 ? 83  THR A CB   1 
ATOM   676  O  OG1  . THR A 1 104 ? -8.098  -10.751 4.110   1.00 12.82 ? 83  THR A OG1  1 
ATOM   677  C  CG2  . THR A 1 104 ? -7.368  -9.989  6.281   1.00 11.58 ? 83  THR A CG2  1 
ATOM   678  N  N    . ILE A 1 105 ? -6.173  -6.903  5.741   1.00 8.95  ? 84  ILE A N    1 
ATOM   679  C  CA   . ILE A 1 105 ? -5.121  -6.110  6.380   1.00 8.23  ? 84  ILE A CA   1 
ATOM   680  C  C    . ILE A 1 105 ? -5.196  -6.304  7.889   1.00 12.79 ? 84  ILE A C    1 
ATOM   681  O  O    . ILE A 1 105 ? -6.267  -6.220  8.479   1.00 10.64 ? 84  ILE A O    1 
ATOM   682  C  CB   . ILE A 1 105 ? -5.254  -4.618  6.031   1.00 8.20  ? 84  ILE A CB   1 
ATOM   683  C  CG1  . ILE A 1 105 ? -5.177  -4.426  4.512   1.00 7.49  ? 84  ILE A CG1  1 
ATOM   684  C  CG2  . ILE A 1 105 ? -4.183  -3.793  6.749   1.00 11.29 ? 84  ILE A CG2  1 
ATOM   685  C  CD1  . ILE A 1 105 ? -5.302  -2.979  4.051   1.00 10.70 ? 84  ILE A CD1  1 
ATOM   686  N  N    . THR A 1 106 ? -4.055  -6.615  8.496   1.00 9.16  ? 85  THR A N    1 
ATOM   687  C  CA   . THR A 1 106 ? -3.985  -6.837  9.930   1.00 10.37 ? 85  THR A CA   1 
ATOM   688  C  C    . THR A 1 106 ? -2.841  -6.023  10.515  1.00 13.10 ? 85  THR A C    1 
ATOM   689  O  O    . THR A 1 106 ? -2.010  -5.498  9.785   1.00 13.09 ? 85  THR A O    1 
ATOM   690  C  CB   . THR A 1 106 ? -3.755  -8.328  10.242  1.00 12.65 ? 85  THR A CB   1 
ATOM   691  O  OG1  . THR A 1 106 ? -2.584  -8.781  9.548   1.00 14.21 ? 85  THR A OG1  1 
ATOM   692  C  CG2  . THR A 1 106 ? -4.957  -9.152  9.775   1.00 15.65 ? 85  THR A CG2  1 
ATOM   693  N  N    . LEU A 1 107 ? -2.810  -5.911  11.836  1.00 11.69 ? 86  LEU A N    1 
ATOM   694  C  CA   . LEU A 1 107 ? -1.681  -5.294  12.514  1.00 13.12 ? 86  LEU A CA   1 
ATOM   695  C  C    . LEU A 1 107 ? -0.848  -6.397  13.142  1.00 19.51 ? 86  LEU A C    1 
ATOM   696  O  O    . LEU A 1 107 ? -1.378  -7.274  13.821  1.00 28.87 ? 86  LEU A O    1 
ATOM   697  C  CB   . LEU A 1 107 ? -2.165  -4.343  13.603  1.00 15.16 ? 86  LEU A CB   1 
ATOM   698  C  CG   . LEU A 1 107 ? -2.194  -2.837  13.322  1.00 20.18 ? 86  LEU A CG   1 
ATOM   699  C  CD1  . LEU A 1 107 ? -2.787  -2.080  14.494  1.00 16.71 ? 86  LEU A CD1  1 
ATOM   700  C  CD2  . LEU A 1 107 ? -0.820  -2.277  12.985  1.00 15.79 ? 86  LEU A CD2  1 
ATOM   701  N  N    . ASP A 1 108 ? 0.453   -6.369  12.892  1.00 18.45 ? 87  ASP A N    1 
ATOM   702  C  CA   . ASP A 1 108 ? 1.363   -7.330  13.494  1.00 19.40 ? 87  ASP A CA   1 
ATOM   703  C  C    . ASP A 1 108 ? 2.498   -6.550  14.124  1.00 16.34 ? 87  ASP A C    1 
ATOM   704  O  O    . ASP A 1 108 ? 3.371   -6.053  13.420  1.00 17.00 ? 87  ASP A O    1 
ATOM   705  C  CB   . ASP A 1 108 ? 1.911   -8.305  12.449  1.00 27.71 ? 87  ASP A CB   1 
ATOM   706  C  CG   . ASP A 1 108 ? 3.052   -9.167  12.986  1.00 37.66 ? 87  ASP A CG   1 
ATOM   707  O  OD1  . ASP A 1 108 ? 3.079   -9.444  14.205  1.00 36.32 ? 87  ASP A OD1  1 
ATOM   708  O  OD2  . ASP A 1 108 ? 3.923   -9.574  12.184  1.00 40.33 1 87  ASP A OD2  1 
ATOM   709  N  N    . GLY A 1 109 ? 2.477   -6.436  15.449  1.00 20.71 ? 88  GLY A N    1 
ATOM   710  C  CA   . GLY A 1 109 ? 3.517   -5.709  16.156  1.00 22.05 ? 88  GLY A CA   1 
ATOM   711  C  C    . GLY A 1 109 ? 3.782   -4.335  15.568  1.00 24.56 ? 88  GLY A C    1 
ATOM   712  O  O    . GLY A 1 109 ? 4.929   -3.971  15.293  1.00 23.21 ? 88  GLY A O    1 
ATOM   713  N  N    . GLY A 1 110 ? 2.712   -3.578  15.346  1.00 14.89 ? 89  GLY A N    1 
ATOM   714  C  CA   . GLY A 1 110 ? 2.849   -2.211  14.878  1.00 15.04 ? 89  GLY A CA   1 
ATOM   715  C  C    . GLY A 1 110 ? 2.887   -2.035  13.373  1.00 20.91 ? 89  GLY A C    1 
ATOM   716  O  O    . GLY A 1 110 ? 2.808   -0.911  12.874  1.00 20.64 ? 89  GLY A O    1 
ATOM   717  N  N    . VAL A 1 111 ? 3.018   -3.143  12.651  1.00 12.46 ? 90  VAL A N    1 
ATOM   718  C  CA   . VAL A 1 111 ? 3.137   -3.096  11.198  1.00 12.04 ? 90  VAL A CA   1 
ATOM   719  C  C    . VAL A 1 111 ? 1.806   -3.452  10.542  1.00 14.02 ? 90  VAL A C    1 
ATOM   720  O  O    . VAL A 1 111 ? 1.203   -4.467  10.876  1.00 12.73 ? 90  VAL A O    1 
ATOM   721  C  CB   . VAL A 1 111 ? 4.222   -4.075  10.715  1.00 14.15 ? 90  VAL A CB   1 
ATOM   722  C  CG1  . VAL A 1 111 ? 4.344   -4.038  9.184   1.00 15.32 ? 90  VAL A CG1  1 
ATOM   723  C  CG2  . VAL A 1 111 ? 5.569   -3.758  11.374  1.00 19.10 ? 90  VAL A CG2  1 
ATOM   724  N  N    . LEU A 1 112 ? 1.334   -2.619  9.617   1.00 12.58 ? 91  LEU A N    1 
ATOM   725  C  CA   . LEU A 1 112 ? 0.137   -2.970  8.868   1.00 11.75 ? 91  LEU A CA   1 
ATOM   726  C  C    . LEU A 1 112 ? 0.553   -3.953  7.799   1.00 11.39 ? 91  LEU A C    1 
ATOM   727  O  O    . LEU A 1 112 ? 1.388   -3.637  6.946   1.00 11.31 ? 91  LEU A O    1 
ATOM   728  C  CB   . LEU A 1 112 ? -0.504  -1.752  8.205   1.00 13.33 ? 91  LEU A CB   1 
ATOM   729  C  CG   . LEU A 1 112 ? -1.311  -0.799  9.078   1.00 18.91 ? 91  LEU A CG   1 
ATOM   730  C  CD1  . LEU A 1 112 ? -1.642  0.458   8.288   1.00 17.46 ? 91  LEU A CD1  1 
ATOM   731  C  CD2  . LEU A 1 112 ? -2.584  -1.483  9.552   1.00 14.75 ? 91  LEU A CD2  1 
ATOM   732  N  N    . VAL A 1 113 ? -0.023  -5.145  7.863   1.00 9.17  ? 92  VAL A N    1 
ATOM   733  C  CA   . VAL A 1 113 ? 0.279   -6.194  6.906   1.00 7.51  ? 92  VAL A CA   1 
ATOM   734  C  C    . VAL A 1 113 ? -0.928  -6.410  6.008   1.00 9.90  ? 92  VAL A C    1 
ATOM   735  O  O    . VAL A 1 113 ? -2.007  -6.783  6.479   1.00 9.56  ? 92  VAL A O    1 
ATOM   736  C  CB   . VAL A 1 113 ? 0.643   -7.507  7.619   1.00 12.93 ? 92  VAL A CB   1 
ATOM   737  C  CG1  . VAL A 1 113 ? 1.005   -8.566  6.607   1.00 13.62 ? 92  VAL A CG1  1 
ATOM   738  C  CG2  . VAL A 1 113 ? 1.801   -7.276  8.586   1.00 14.31 ? 92  VAL A CG2  1 
ATOM   739  N  N    . HIS A 1 114 ? -0.723  -6.196  4.711   1.00 8.92  ? 93  HIS A N    1 
ATOM   740  C  CA   . HIS A 1 114 ? -1.793  -6.185  3.709   1.00 8.94  ? 93  HIS A CA   1 
ATOM   741  C  C    . HIS A 1 114 ? -1.543  -7.302  2.693   1.00 11.84 ? 93  HIS A C    1 
ATOM   742  O  O    . HIS A 1 114 ? -0.564  -7.263  1.964   1.00 9.45  ? 93  HIS A O    1 
ATOM   743  C  CB   . HIS A 1 114 ? -1.778  -4.799  3.035   1.00 6.15  ? 93  HIS A CB   1 
ATOM   744  C  CG   . HIS A 1 114 ? -2.789  -4.615  1.942   1.00 7.60  ? 93  HIS A CG   1 
ATOM   745  N  ND1  . HIS A 1 114 ? -2.909  -3.428  1.249   1.00 9.67  ? 93  HIS A ND1  1 
ATOM   746  C  CD2  . HIS A 1 114 ? -3.731  -5.445  1.434   1.00 10.49 ? 93  HIS A CD2  1 
ATOM   747  C  CE1  . HIS A 1 114 ? -3.876  -3.539  0.356   1.00 9.97  ? 93  HIS A CE1  1 
ATOM   748  N  NE2  . HIS A 1 114 ? -4.385  -4.757  0.439   1.00 13.43 ? 93  HIS A NE2  1 
ATOM   749  N  N    . VAL A 1 115 ? -2.412  -8.311  2.663   1.00 8.02  ? 94  VAL A N    1 
ATOM   750  C  CA   . VAL A 1 115 ? -2.245  -9.401  1.711   1.00 7.58  ? 94  VAL A CA   1 
ATOM   751  C  C    . VAL A 1 115 ? -3.309  -9.281  0.631   1.00 12.07 ? 94  VAL A C    1 
ATOM   752  O  O    . VAL A 1 115 ? -4.501  -9.164  0.946   1.00 11.20 ? 94  VAL A O    1 
ATOM   753  C  CB   . VAL A 1 115 ? -2.382  -10.770 2.409   1.00 16.22 ? 94  VAL A CB   1 
ATOM   754  C  CG1  . VAL A 1 115 ? -2.200  -11.906 1.413   1.00 16.36 ? 94  VAL A CG1  1 
ATOM   755  C  CG2  . VAL A 1 115 ? -1.384  -10.893 3.551   1.00 16.47 ? 94  VAL A CG2  1 
ATOM   756  N  N    . GLN A 1 116 ? -2.875  -9.308  -0.627  1.00 9.57  ? 95  GLN A N    1 
ATOM   757  C  CA   . GLN A 1 116 ? -3.778  -9.322  -1.776  1.00 11.03 ? 95  GLN A CA   1 
ATOM   758  C  C    . GLN A 1 116 ? -3.744  -10.696 -2.437  1.00 14.04 ? 95  GLN A C    1 
ATOM   759  O  O    . GLN A 1 116 ? -2.663  -11.231 -2.695  1.00 10.86 ? 95  GLN A O    1 
ATOM   760  C  CB   . GLN A 1 116 ? -3.387  -8.258  -2.802  1.00 10.69 ? 95  GLN A CB   1 
ATOM   761  C  CG   . GLN A 1 116 ? -3.470  -6.806  -2.322  1.00 10.30 ? 95  GLN A CG   1 
ATOM   762  C  CD   . GLN A 1 116 ? -2.914  -5.827  -3.358  1.00 11.86 ? 95  GLN A CD   1 
ATOM   763  O  OE1  . GLN A 1 116 ? -2.147  -6.209  -4.247  1.00 13.00 ? 95  GLN A OE1  1 
ATOM   764  N  NE2  . GLN A 1 116 ? -3.297  -4.563  -3.244  1.00 8.46  ? 95  GLN A NE2  1 
ATOM   765  N  N    . LYS A 1 117 ? -4.925  -11.256 -2.714  1.00 11.23 ? 96  LYS A N    1 
ATOM   766  C  CA   . LYS A 1 117 ? -5.045  -12.576 -3.342  1.00 11.96 ? 96  LYS A CA   1 
ATOM   767  C  C    . LYS A 1 117 ? -5.855  -12.445 -4.621  1.00 12.88 ? 96  LYS A C    1 
ATOM   768  O  O    . LYS A 1 117 ? -6.937  -11.864 -4.613  1.00 12.53 ? 96  LYS A O    1 
ATOM   769  C  CB   . LYS A 1 117 ? -5.791  -13.559 -2.427  1.00 16.92 ? 96  LYS A CB   1 
ATOM   770  C  CG   . LYS A 1 117 ? -5.234  -13.725 -1.017  1.00 20.17 ? 96  LYS A CG   1 
ATOM   771  C  CD   . LYS A 1 117 ? -3.966  -14.560 -0.995  1.00 26.94 ? 96  LYS A CD   1 
ATOM   772  C  CE   . LYS A 1 117 ? -3.643  -15.037 0.419   1.00 32.83 ? 96  LYS A CE   1 
ATOM   773  N  NZ   . LYS A 1 117 ? -2.200  -15.404 0.588   1.00 28.48 ? 96  LYS A NZ   1 
ATOM   774  N  N    . TRP A 1 118 ? -5.344  -12.983 -5.722  1.00 12.59 ? 97  TRP A N    1 
ATOM   775  C  CA   . TRP A 1 118 ? -6.106  -12.977 -6.962  1.00 15.73 ? 97  TRP A CA   1 
ATOM   776  C  C    . TRP A 1 118 ? -5.547  -14.027 -7.903  1.00 20.10 ? 97  TRP A C    1 
ATOM   777  O  O    . TRP A 1 118 ? -4.336  -14.247 -7.943  1.00 16.97 ? 97  TRP A O    1 
ATOM   778  C  CB   . TRP A 1 118 ? -6.028  -11.599 -7.627  1.00 15.86 ? 97  TRP A CB   1 
ATOM   779  C  CG   . TRP A 1 118 ? -4.712  -11.356 -8.313  1.00 16.38 ? 97  TRP A CG   1 
ATOM   780  C  CD1  . TRP A 1 118 ? -4.477  -11.398 -9.659  1.00 17.34 ? 97  TRP A CD1  1 
ATOM   781  C  CD2  . TRP A 1 118 ? -3.444  -11.072 -7.691  1.00 14.05 ? 97  TRP A CD2  1 
ATOM   782  N  NE1  . TRP A 1 118 ? -3.150  -11.136 -9.916  1.00 18.20 ? 97  TRP A NE1  1 
ATOM   783  C  CE2  . TRP A 1 118 ? -2.495  -10.931 -8.728  1.00 14.35 ? 97  TRP A CE2  1 
ATOM   784  C  CE3  . TRP A 1 118 ? -3.023  -10.904 -6.365  1.00 14.25 ? 97  TRP A CE3  1 
ATOM   785  C  CZ2  . TRP A 1 118 ? -1.154  -10.649 -8.482  1.00 15.85 ? 97  TRP A CZ2  1 
ATOM   786  C  CZ3  . TRP A 1 118 ? -1.678  -10.614 -6.121  1.00 12.71 ? 97  TRP A CZ3  1 
ATOM   787  C  CH2  . TRP A 1 118 ? -0.766  -10.484 -7.177  1.00 14.85 ? 97  TRP A CH2  1 
ATOM   788  N  N    . ASP A 1 119 ? -6.431  -14.687 -8.646  1.00 20.82 ? 98  ASP A N    1 
ATOM   789  C  CA   . ASP A 1 119 ? -6.013  -15.618 -9.695  1.00 25.56 ? 98  ASP A CA   1 
ATOM   790  C  C    . ASP A 1 119 ? -5.052  -16.674 -9.155  1.00 22.64 ? 98  ASP A C    1 
ATOM   791  O  O    . ASP A 1 119 ? -4.152  -17.124 -9.860  1.00 28.50 ? 98  ASP A O    1 
ATOM   792  C  CB   . ASP A 1 119 ? -5.364  -14.844 -10.849 1.00 26.67 ? 98  ASP A CB   1 
ATOM   793  C  CG   . ASP A 1 119 ? -5.350  -15.630 -12.150 1.00 35.71 ? 98  ASP A CG   1 
ATOM   794  O  OD1  . ASP A 1 119 ? -6.281  -16.431 -12.376 1.00 44.25 ? 98  ASP A OD1  1 
ATOM   795  O  OD2  . ASP A 1 119 ? -4.411  -15.439 -12.949 1.00 47.25 1 98  ASP A OD2  1 
ATOM   796  N  N    . GLY A 1 120 ? -5.239  -17.061 -7.898  1.00 21.99 ? 99  GLY A N    1 
ATOM   797  C  CA   . GLY A 1 120 ? -4.358  -18.024 -7.264  1.00 20.43 ? 99  GLY A CA   1 
ATOM   798  C  C    . GLY A 1 120 ? -2.984  -17.476 -6.923  1.00 26.24 ? 99  GLY A C    1 
ATOM   799  O  O    . GLY A 1 120 ? -2.071  -18.232 -6.588  1.00 27.20 ? 99  GLY A O    1 
ATOM   800  N  N    . LYS A 1 121 ? -2.830  -16.159 -7.010  1.00 21.49 ? 100 LYS A N    1 
ATOM   801  C  CA   . LYS A 1 121 ? -1.570  -15.514 -6.649  1.00 17.38 ? 100 LYS A CA   1 
ATOM   802  C  C    . LYS A 1 121 ? -1.729  -14.735 -5.344  1.00 18.95 ? 100 LYS A C    1 
ATOM   803  O  O    . LYS A 1 121 ? -2.847  -14.458 -4.908  1.00 14.45 ? 100 LYS A O    1 
ATOM   804  C  CB   . LYS A 1 121 ? -1.117  -14.562 -7.750  1.00 17.62 ? 100 LYS A CB   1 
ATOM   805  C  CG   . LYS A 1 121 ? -0.780  -15.238 -9.066  1.00 24.06 ? 100 LYS A CG   1 
ATOM   806  C  CD   . LYS A 1 121 ? -0.679  -14.211 -10.173 1.00 27.03 ? 100 LYS A CD   1 
ATOM   807  C  CE   . LYS A 1 121 ? -0.509  -14.873 -11.529 1.00 28.03 ? 100 LYS A CE   1 
ATOM   808  N  NZ   . LYS A 1 121 ? -0.530  -13.856 -12.615 1.00 37.44 ? 100 LYS A NZ   1 
ATOM   809  N  N    . SER A 1 122 ? -0.606  -14.382 -4.728  1.00 13.95 ? 101 SER A N    1 
ATOM   810  C  CA   . SER A 1 122 ? -0.639  -13.626 -3.480  1.00 11.94 ? 101 SER A CA   1 
ATOM   811  C  C    . SER A 1 122 ? 0.548   -12.671 -3.391  1.00 14.27 ? 101 SER A C    1 
ATOM   812  O  O    . SER A 1 122 ? 1.649   -13.021 -3.776  1.00 15.21 ? 101 SER A O    1 
ATOM   813  C  CB   . SER A 1 122 ? -0.603  -14.586 -2.289  1.00 17.45 ? 101 SER A CB   1 
ATOM   814  O  OG   . SER A 1 122 ? -0.696  -13.888 -1.064  1.00 26.51 ? 101 SER A OG   1 
ATOM   815  N  N    . THR A 1 123 ? 0.317   -11.468 -2.876  1.00 10.60 ? 102 THR A N    1 
ATOM   816  C  CA   . THR A 1 123 ? 1.408   -10.537 -2.620  1.00 9.59  ? 102 THR A CA   1 
ATOM   817  C  C    . THR A 1 123 ? 1.151   -9.884  -1.265  1.00 11.13 ? 102 THR A C    1 
ATOM   818  O  O    . THR A 1 123 ? 0.007   -9.783  -0.837  1.00 10.42 ? 102 THR A O    1 
ATOM   819  C  CB   . THR A 1 123 ? 1.546   -9.483  -3.737  1.00 11.69 ? 102 THR A CB   1 
ATOM   820  O  OG1  . THR A 1 123 ? 2.714   -8.672  -3.507  1.00 12.83 ? 102 THR A OG1  1 
ATOM   821  C  CG2  . THR A 1 123 ? 0.314   -8.598  -3.812  1.00 11.09 ? 102 THR A CG2  1 
ATOM   822  N  N    . THR A 1 124 ? 2.217   -9.479  -0.586  1.00 8.42  ? 103 THR A N    1 
ATOM   823  C  CA   . THR A 1 124 ? 2.115   -8.878  0.737   1.00 10.84 ? 103 THR A CA   1 
ATOM   824  C  C    . THR A 1 124 ? 2.756   -7.501  0.737   1.00 11.12 ? 103 THR A C    1 
ATOM   825  O  O    . THR A 1 124 ? 3.877   -7.322  0.263   1.00 12.83 ? 103 THR A O    1 
ATOM   826  C  CB   . THR A 1 124 ? 2.789   -9.764  1.814   1.00 15.18 ? 103 THR A CB   1 
ATOM   827  O  OG1  . THR A 1 124 ? 2.121   -11.029 1.863   1.00 16.50 ? 103 THR A OG1  1 
ATOM   828  C  CG2  . THR A 1 124 ? 2.697   -9.124  3.184   1.00 14.63 ? 103 THR A CG2  1 
ATOM   829  N  N    . ILE A 1 125 ? 2.019   -6.535  1.263   1.00 11.05 ? 104 ILE A N    1 
ATOM   830  C  CA   . ILE A 1 125 ? 2.473   -5.165  1.356   1.00 9.02  ? 104 ILE A CA   1 
ATOM   831  C  C    . ILE A 1 125 ? 2.523   -4.790  2.832   1.00 9.13  ? 104 ILE A C    1 
ATOM   832  O  O    . ILE A 1 125 ? 1.520   -4.852  3.521   1.00 10.95 ? 104 ILE A O    1 
ATOM   833  C  CB   . ILE A 1 125 ? 1.483   -4.246  0.626   1.00 10.92 ? 104 ILE A CB   1 
ATOM   834  C  CG1  . ILE A 1 125 ? 1.311   -4.719  -0.822  1.00 11.38 ? 104 ILE A CG1  1 
ATOM   835  C  CG2  . ILE A 1 125 ? 1.942   -2.792  0.711   1.00 15.87 ? 104 ILE A CG2  1 
ATOM   836  C  CD1  . ILE A 1 125 ? -0.036  -4.391  -1.417  1.00 20.91 ? 104 ILE A CD1  1 
ATOM   837  N  N    . LYS A 1 126 ? 3.703   -4.428  3.314   1.00 7.83  ? 105 LYS A N    1 
ATOM   838  C  CA   . LYS A 1 126 ? 3.858   -4.045  4.709   1.00 11.32 ? 105 LYS A CA   1 
ATOM   839  C  C    . LYS A 1 126 ? 4.096   -2.552  4.796   1.00 9.47  ? 105 LYS A C    1 
ATOM   840  O  O    . LYS A 1 126 ? 4.894   -1.998  4.038   1.00 10.79 ? 105 LYS A O    1 
ATOM   841  C  CB   . LYS A 1 126 ? 5.018   -4.810  5.350   1.00 11.12 ? 105 LYS A CB   1 
ATOM   842  C  CG   . LYS A 1 126 ? 4.749   -6.301  5.457   1.00 15.18 ? 105 LYS A CG   1 
ATOM   843  C  CD   . LYS A 1 126 ? 5.696   -6.976  6.440   1.00 21.03 ? 105 LYS A CD   1 
ATOM   844  C  CE   . LYS A 1 126 ? 5.412   -8.476  6.512   1.00 36.10 ? 105 LYS A CE   1 
ATOM   845  N  NZ   . LYS A 1 126 ? 6.389   -9.193  7.383   1.00 39.49 ? 105 LYS A NZ   1 
ATOM   846  N  N    . ARG A 1 127 ? 3.375   -1.905  5.700   1.00 9.37  ? 106 ARG A N    1 
ATOM   847  C  CA   . ARG A 1 127 ? 3.508   -0.472  5.896   1.00 9.89  ? 106 ARG A CA   1 
ATOM   848  C  C    . ARG A 1 127 ? 3.940   -0.285  7.339   1.00 10.22 ? 106 ARG A C    1 
ATOM   849  O  O    . ARG A 1 127 ? 3.295   -0.796  8.261   1.00 13.10 ? 106 ARG A O    1 
ATOM   850  C  CB   . ARG A 1 127 ? 2.176   0.241   5.614   1.00 9.25  ? 106 ARG A CB   1 
ATOM   851  C  CG   . ARG A 1 127 ? 1.726   0.187   4.143   1.00 13.46 ? 106 ARG A CG   1 
ATOM   852  C  CD   . ARG A 1 127 ? 0.287   0.679   3.949   1.00 16.18 ? 106 ARG A CD   1 
ATOM   853  N  NE   . ARG A 1 127 ? -0.143  0.703   2.544   1.00 14.75 ? 106 ARG A NE   1 
ATOM   854  C  CZ   . ARG A 1 127 ? -0.885  -0.238  1.966   1.00 16.91 ? 106 ARG A CZ   1 
ATOM   855  N  NH1  . ARG A 1 127 ? -1.292  -1.290  2.657   1.00 16.94 ? 106 ARG A NH1  1 
ATOM   856  N  NH2  . ARG A 1 127 ? -1.234  -0.128  0.688   1.00 19.19 ? 106 ARG A NH2  1 
ATOM   857  N  N    . LYS A 1 128 ? 5.055   0.401   7.541   1.00 11.78 ? 107 LYS A N    1 
ATOM   858  C  CA   . LYS A 1 128 ? 5.542   0.584   8.903   1.00 13.86 ? 107 LYS A CA   1 
ATOM   859  C  C    . LYS A 1 128 ? 6.102   1.977   9.107   1.00 16.14 ? 107 LYS A C    1 
ATOM   860  O  O    . LYS A 1 128 ? 6.562   2.620   8.169   1.00 14.59 ? 107 LYS A O    1 
ATOM   861  C  CB   . LYS A 1 128 ? 6.605   -0.458  9.250   1.00 22.54 ? 107 LYS A CB   1 
ATOM   862  C  CG   . LYS A 1 128 ? 7.858   -0.367  8.396   1.00 28.47 ? 107 LYS A CG   1 
ATOM   863  C  CD   . LYS A 1 128 ? 8.171   -1.700  7.724   1.00 34.14 ? 107 LYS A CD   1 
ATOM   864  C  CE   . LYS A 1 128 ? 8.450   -2.786  8.746   1.00 40.97 ? 107 LYS A CE   1 
ATOM   865  N  NZ   . LYS A 1 128 ? 8.759   -4.089  8.093   1.00 40.93 ? 107 LYS A NZ   1 
ATOM   866  N  N    . ARG A 1 129 ? 6.063   2.436   10.351  1.00 14.13 ? 108 ARG A N    1 
ATOM   867  C  CA   . ARG A 1 129 ? 6.669   3.716   10.699  1.00 14.50 ? 108 ARG A CA   1 
ATOM   868  C  C    . ARG A 1 129 ? 8.123   3.509   11.089  1.00 19.31 ? 108 ARG A C    1 
ATOM   869  O  O    . ARG A 1 129 ? 8.443   2.664   11.923  1.00 20.91 ? 108 ARG A O    1 
ATOM   870  C  CB   . ARG A 1 129 ? 5.900   4.376   11.841  1.00 21.61 ? 108 ARG A CB   1 
ATOM   871  C  CG   . ARG A 1 129 ? 4.685   5.168   11.392  1.00 22.38 ? 108 ARG A CG   1 
ATOM   872  C  CD   . ARG A 1 129 ? 5.089   6.473   10.684  1.00 23.55 ? 108 ARG A CD   1 
ATOM   873  N  NE   . ARG A 1 129 ? 6.104   7.250   11.409  1.00 21.75 ? 108 ARG A NE   1 
ATOM   874  C  CZ   . ARG A 1 129 ? 5.832   8.145   12.356  1.00 27.15 ? 108 ARG A CZ   1 
ATOM   875  N  NH1  . ARG A 1 129 ? 4.575   8.385   12.710  1.00 25.14 ? 108 ARG A NH1  1 
ATOM   876  N  NH2  . ARG A 1 129 ? 6.815   8.800   12.962  1.00 34.77 ? 108 ARG A NH2  1 
ATOM   877  N  N    . GLU A 1 130 ? 9.003   4.270   10.457  1.00 13.30 ? 109 GLU A N    1 
ATOM   878  C  CA   . GLU A 1 130 ? 10.430  4.197   10.727  1.00 16.29 ? 109 GLU A CA   1 
ATOM   879  C  C    . GLU A 1 130 ? 10.941  5.620   10.837  1.00 14.76 ? 109 GLU A C    1 
ATOM   880  O  O    . GLU A 1 130 ? 10.937  6.346   9.852   1.00 14.82 ? 109 GLU A O    1 
ATOM   881  C  CB   . GLU A 1 130 ? 11.160  3.488   9.587   1.00 21.73 ? 109 GLU A CB   1 
ATOM   882  C  CG   . GLU A 1 130 ? 10.718  2.049   9.354   1.00 30.82 ? 109 GLU A CG   1 
ATOM   883  C  CD   . GLU A 1 130 ? 11.395  1.070   10.297  1.00 37.74 ? 109 GLU A CD   1 
ATOM   884  O  OE1  . GLU A 1 130 ? 10.817  -0.014  10.551  1.00 42.17 ? 109 GLU A OE1  1 
ATOM   885  O  OE2  . GLU A 1 130 ? 12.510  1.382   10.772  1.00 40.36 1 109 GLU A OE2  1 
ATOM   886  N  N    . ASP A 1 131 ? 11.404  6.009   12.025  1.00 17.28 ? 110 ASP A N    1 
ATOM   887  C  CA   . ASP A 1 131 ? 11.718  7.405   12.292  1.00 14.45 ? 110 ASP A CA   1 
ATOM   888  C  C    . ASP A 1 131 ? 10.517  8.266   11.891  1.00 12.33 ? 110 ASP A C    1 
ATOM   889  O  O    . ASP A 1 131 ? 9.403   7.996   12.326  1.00 14.30 ? 110 ASP A O    1 
ATOM   890  C  CB   . ASP A 1 131 ? 13.014  7.837   11.595  1.00 16.01 ? 110 ASP A CB   1 
ATOM   891  C  CG   . ASP A 1 131 ? 14.221  7.052   12.083  1.00 25.85 ? 110 ASP A CG   1 
ATOM   892  O  OD1  . ASP A 1 131 ? 14.259  6.735   13.289  1.00 27.81 ? 110 ASP A OD1  1 
ATOM   893  O  OD2  . ASP A 1 131 ? 15.123  6.749   11.269  1.00 27.55 1 110 ASP A OD2  1 
ATOM   894  N  N    . ASP A 1 132 ? 10.730  9.276   11.053  1.00 11.87 ? 111 ASP A N    1 
ATOM   895  C  CA   . ASP A 1 132 ? 9.633   10.155  10.652  1.00 15.26 ? 111 ASP A CA   1 
ATOM   896  C  C    . ASP A 1 132 ? 9.026   9.722   9.325   1.00 14.24 ? 111 ASP A C    1 
ATOM   897  O  O    . ASP A 1 132 ? 8.218   10.438  8.731   1.00 15.35 ? 111 ASP A O    1 
ATOM   898  C  CB   . ASP A 1 132 ? 10.115  11.601  10.551  1.00 16.45 ? 111 ASP A CB   1 
ATOM   899  C  CG   . ASP A 1 132 ? 10.325  12.242  11.913  1.00 19.70 ? 111 ASP A CG   1 
ATOM   900  O  OD1  . ASP A 1 132 ? 9.504   12.002  12.819  1.00 16.85 ? 111 ASP A OD1  1 
ATOM   901  O  OD2  . ASP A 1 132 ? 11.312  12.988  12.072  1.00 17.27 1 111 ASP A OD2  1 
ATOM   902  N  N    . LYS A 1 133 ? 9.420   8.544   8.866   1.00 13.04 ? 112 LYS A N    1 
ATOM   903  C  CA   . LYS A 1 133 ? 8.986   8.069   7.559   1.00 11.26 ? 112 LYS A CA   1 
ATOM   904  C  C    . LYS A 1 133 ? 7.956   6.954   7.657   1.00 16.14 ? 112 LYS A C    1 
ATOM   905  O  O    . LYS A 1 133 ? 7.772   6.335   8.708   1.00 14.41 ? 112 LYS A O    1 
ATOM   906  C  CB   . LYS A 1 133 ? 10.193  7.593   6.759   1.00 13.74 ? 112 LYS A CB   1 
ATOM   907  C  CG   . LYS A 1 133 ? 11.238  8.695   6.551   1.00 16.04 ? 112 LYS A CG   1 
ATOM   908  C  CD   . LYS A 1 133 ? 12.519  8.131   5.962   1.00 23.55 ? 112 LYS A CD   1 
ATOM   909  C  CE   . LYS A 1 133 ? 13.544  9.232   5.716   1.00 32.88 ? 112 LYS A CE   1 
ATOM   910  N  NZ   . LYS A 1 133 ? 14.786  8.686   5.099   1.00 52.95 ? 112 LYS A NZ   1 
ATOM   911  N  N    . LEU A 1 134 ? 7.261   6.724   6.548   1.00 12.07 ? 113 LEU A N    1 
ATOM   912  C  CA   . LEU A 1 134 ? 6.373   5.579   6.443   1.00 11.38 ? 113 LEU A CA   1 
ATOM   913  C  C    . LEU A 1 134 ? 7.002   4.745   5.343   1.00 12.72 ? 113 LEU A C    1 
ATOM   914  O  O    . LEU A 1 134 ? 7.131   5.203   4.204   1.00 11.96 ? 113 LEU A O    1 
ATOM   915  C  CB   . LEU A 1 134 ? 4.942   6.018   6.101   1.00 12.10 ? 113 LEU A CB   1 
ATOM   916  C  CG   . LEU A 1 134 ? 3.809   4.977   6.139   1.00 15.18 ? 113 LEU A CG   1 
ATOM   917  C  CD1  . LEU A 1 134 ? 2.446   5.663   6.246   1.00 19.24 ? 113 LEU A CD1  1 
ATOM   918  C  CD2  . LEU A 1 134 ? 3.855   4.100   4.914   1.00 19.93 ? 113 LEU A CD2  1 
ATOM   919  N  N    . VAL A 1 135 ? 7.431   3.539   5.699   1.00 9.25  ? 114 VAL A N    1 
ATOM   920  C  CA   . VAL A 1 135 ? 8.118   2.657   4.764   1.00 8.30  ? 114 VAL A CA   1 
ATOM   921  C  C    . VAL A 1 135 ? 7.176   1.552   4.281   1.00 11.40 ? 114 VAL A C    1 
ATOM   922  O  O    . VAL A 1 135 ? 6.537   0.876   5.086   1.00 13.60 ? 114 VAL A O    1 
ATOM   923  C  CB   . VAL A 1 135 ? 9.373   2.040   5.425   1.00 14.04 ? 114 VAL A CB   1 
ATOM   924  C  CG1  . VAL A 1 135 ? 10.083  1.089   4.467   1.00 16.20 ? 114 VAL A CG1  1 
ATOM   925  C  CG2  . VAL A 1 135 ? 10.331  3.148   5.879   1.00 15.46 ? 114 VAL A CG2  1 
ATOM   926  N  N    . VAL A 1 136 ? 7.074   1.396   2.966   1.00 12.16 ? 115 VAL A N    1 
ATOM   927  C  CA   . VAL A 1 136 ? 6.203   0.388   2.373   1.00 9.94  ? 115 VAL A CA   1 
ATOM   928  C  C    . VAL A 1 136 ? 7.056   -0.672  1.695   1.00 9.70  ? 115 VAL A C    1 
ATOM   929  O  O    . VAL A 1 136 ? 7.839   -0.364  0.790   1.00 13.67 ? 115 VAL A O    1 
ATOM   930  C  CB   . VAL A 1 136 ? 5.254   1.005   1.335   1.00 10.16 ? 115 VAL A CB   1 
ATOM   931  C  CG1  . VAL A 1 136 ? 4.239   -0.029  0.864   1.00 11.40 ? 115 VAL A CG1  1 
ATOM   932  C  CG2  . VAL A 1 136 ? 4.546   2.221   1.919   1.00 14.28 ? 115 VAL A CG2  1 
ATOM   933  N  N    . GLU A 1 137 ? 6.910   -1.920  2.131   1.00 9.79  ? 116 GLU A N    1 
ATOM   934  C  CA   . GLU A 1 137 ? 7.702   -3.015  1.591   1.00 10.30 ? 116 GLU A CA   1 
ATOM   935  C  C    . GLU A 1 137 ? 6.739   -3.931  0.856   1.00 12.27 ? 116 GLU A C    1 
ATOM   936  O  O    . GLU A 1 137 ? 5.792   -4.427  1.457   1.00 12.72 ? 116 GLU A O    1 
ATOM   937  C  CB   . GLU A 1 137 ? 8.380   -3.794  2.719   1.00 13.86 ? 116 GLU A CB   1 
ATOM   938  C  CG   . GLU A 1 137 ? 9.382   -4.830  2.230   1.00 25.62 ? 116 GLU A CG   1 
ATOM   939  C  CD   . GLU A 1 137 ? 9.442   -6.089  3.096   1.00 42.49 ? 116 GLU A CD   1 
ATOM   940  O  OE1  . GLU A 1 137 ? 8.403   -6.483  3.674   1.00 34.68 ? 116 GLU A OE1  1 
ATOM   941  O  OE2  . GLU A 1 137 ? 10.534  -6.696  3.184   1.00 41.48 1 116 GLU A OE2  1 
ATOM   942  N  N    . CYS A 1 138 ? 6.954   -4.132  -0.443  1.00 10.06 ? 117 CYS A N    1 
ATOM   943  C  CA   . CYS A 1 138 ? 6.046   -4.951  -1.231  1.00 13.20 ? 117 CYS A CA   1 
ATOM   944  C  C    . CYS A 1 138 ? 6.793   -6.198  -1.660  1.00 15.80 ? 117 CYS A C    1 
ATOM   945  O  O    . CYS A 1 138 ? 7.870   -6.091  -2.240  1.00 13.66 ? 117 CYS A O    1 
ATOM   946  C  CB   . CYS A 1 138 ? 5.598   -4.194  -2.481  1.00 15.25 ? 117 CYS A CB   1 
ATOM   947  S  SG   . CYS A 1 138 ? 4.878   -2.574  -2.152  1.00 23.52 ? 117 CYS A SG   1 
ATOM   948  N  N    . VAL A 1 139 ? 6.224   -7.371  -1.386  1.00 11.35 ? 118 VAL A N    1 
ATOM   949  C  CA   . VAL A 1 139 ? 6.906   -8.622  -1.694  1.00 10.36 ? 118 VAL A CA   1 
ATOM   950  C  C    . VAL A 1 139 ? 6.022   -9.508  -2.555  1.00 12.34 ? 118 VAL A C    1 
ATOM   951  O  O    . VAL A 1 139 ? 4.857   -9.738  -2.242  1.00 13.60 ? 118 VAL A O    1 
ATOM   952  C  CB   . VAL A 1 139 ? 7.286   -9.420  -0.418  1.00 14.87 ? 118 VAL A CB   1 
ATOM   953  C  CG1  . VAL A 1 139 ? 7.957   -10.733 -0.803  1.00 23.67 ? 118 VAL A CG1  1 
ATOM   954  C  CG2  . VAL A 1 139 ? 8.193   -8.609  0.487   1.00 19.42 ? 118 VAL A CG2  1 
ATOM   955  N  N    . MET A 1 140 ? 6.578   -9.999  -3.652  1.00 13.13 ? 119 MET A N    1 
ATOM   956  C  CA   . MET A 1 140 ? 5.867   -10.952 -4.495  1.00 16.32 ? 119 MET A CA   1 
ATOM   957  C  C    . MET A 1 140 ? 6.861   -12.055 -4.784  1.00 24.17 ? 119 MET A C    1 
ATOM   958  O  O    . MET A 1 140 ? 7.842   -11.834 -5.492  1.00 18.84 ? 119 MET A O    1 
ATOM   959  C  CB   . MET A 1 140 ? 5.424   -10.281 -5.788  1.00 16.61 ? 119 MET A CB   1 
ATOM   960  C  CG   . MET A 1 140 ? 4.892   -11.216 -6.840  1.00 23.39 ? 119 MET A CG   1 
ATOM   961  S  SD   . MET A 1 140 ? 3.220   -11.680 -6.433  1.00 21.65 ? 119 MET A SD   1 
ATOM   962  C  CE   . MET A 1 140 ? 2.801   -12.792 -7.770  1.00 21.22 ? 119 MET A CE   1 
ATOM   963  N  N    . LYS A 1 141 ? 6.614   -13.223 -4.191  1.00 25.72 ? 120 LYS A N    1 
ATOM   964  C  CA   . LYS A 1 141 ? 7.544   -14.345 -4.236  1.00 31.47 ? 120 LYS A CA   1 
ATOM   965  C  C    . LYS A 1 141 ? 8.904   -13.933 -3.674  1.00 29.84 ? 120 LYS A C    1 
ATOM   966  O  O    . LYS A 1 141 ? 9.015   -13.597 -2.491  1.00 37.07 ? 120 LYS A O    1 
ATOM   967  C  CB   . LYS A 1 141 ? 7.649   -14.903 -5.656  1.00 25.35 ? 120 LYS A CB   1 
ATOM   968  C  CG   . LYS A 1 141 ? 6.294   -15.311 -6.230  1.00 35.56 ? 120 LYS A CG   1 
ATOM   969  C  CD   . LYS A 1 141 ? 6.330   -15.471 -7.734  1.00 41.88 ? 120 LYS A CD   1 
ATOM   970  C  CE   . LYS A 1 141 ? 6.755   -16.872 -8.141  1.00 45.38 ? 120 LYS A CE   1 
ATOM   971  N  NZ   . LYS A 1 141 ? 6.618   -17.075 -9.614  1.00 44.95 ? 120 LYS A NZ   1 
ATOM   972  N  N    . GLY A 1 142 ? 9.929   -13.930 -4.518  1.00 28.30 ? 121 GLY A N    1 
ATOM   973  C  CA   . GLY A 1 142 ? 11.268  -13.607 -4.056  1.00 23.10 ? 121 GLY A CA   1 
ATOM   974  C  C    . GLY A 1 142 ? 11.651  -12.151 -4.235  1.00 19.91 ? 121 GLY A C    1 
ATOM   975  O  O    . GLY A 1 142 ? 12.759  -11.741 -3.876  1.00 17.21 ? 121 GLY A O    1 
ATOM   976  N  N    . VAL A 1 143 ? 10.738  -11.364 -4.794  1.00 17.63 ? 122 VAL A N    1 
ATOM   977  C  CA   . VAL A 1 143 ? 11.062  -9.995  -5.184  1.00 16.87 ? 122 VAL A CA   1 
ATOM   978  C  C    . VAL A 1 143 ? 10.459  -8.966  -4.231  1.00 21.34 ? 122 VAL A C    1 
ATOM   979  O  O    . VAL A 1 143 ? 9.248   -8.944  -4.015  1.00 16.70 ? 122 VAL A O    1 
ATOM   980  C  CB   . VAL A 1 143 ? 10.578  -9.687  -6.609  1.00 12.61 ? 122 VAL A CB   1 
ATOM   981  C  CG1  . VAL A 1 143 ? 10.847  -8.232  -6.959  1.00 17.41 ? 122 VAL A CG1  1 
ATOM   982  C  CG2  . VAL A 1 143 ? 11.239  -10.630 -7.625  1.00 21.76 ? 122 VAL A CG2  1 
ATOM   983  N  N    . THR A 1 144 ? 11.312  -8.106  -3.687  1.00 12.66 ? 123 THR A N    1 
ATOM   984  C  CA   . THR A 1 144 ? 10.884  -7.089  -2.729  1.00 13.54 ? 123 THR A CA   1 
ATOM   985  C  C    . THR A 1 144 ? 11.123  -5.700  -3.304  1.00 18.79 ? 123 THR A C    1 
ATOM   986  O  O    . THR A 1 144 ? 12.138  -5.445  -3.957  1.00 21.86 ? 123 THR A O    1 
ATOM   987  C  CB   . THR A 1 144 ? 11.655  -7.220  -1.404  1.00 15.85 ? 123 THR A CB   1 
ATOM   988  O  OG1  . THR A 1 144 ? 11.427  -8.517  -0.844  1.00 25.30 ? 123 THR A OG1  1 
ATOM   989  C  CG2  . THR A 1 144 ? 11.208  -6.158  -0.403  1.00 16.65 ? 123 THR A CG2  1 
ATOM   990  N  N    . SER A 1 145 ? 10.172  -4.805  -3.074  1.00 13.75 ? 124 SER A N    1 
ATOM   991  C  CA   . SER A 1 145 ? 10.351  -3.403  -3.418  1.00 13.69 ? 124 SER A CA   1 
ATOM   992  C  C    . SER A 1 145 ? 10.151  -2.569  -2.169  1.00 13.60 ? 124 SER A C    1 
ATOM   993  O  O    . SER A 1 145 ? 9.261   -2.857  -1.368  1.00 13.96 ? 124 SER A O    1 
ATOM   994  C  CB   . SER A 1 145 ? 9.330   -2.985  -4.468  1.00 12.93 ? 124 SER A CB   1 
ATOM   995  O  OG   . SER A 1 145 ? 9.385   -1.583  -4.674  1.00 15.58 ? 124 SER A OG   1 
ATOM   996  N  N    . THR A 1 146 ? 10.976  -1.539  -2.001  1.00 11.89 ? 125 THR A N    1 
ATOM   997  C  CA   . THR A 1 146 ? 10.845  -0.647  -0.852  1.00 12.87 ? 125 THR A CA   1 
ATOM   998  C  C    . THR A 1 146 ? 10.495  0.762   -1.302  1.00 14.18 ? 125 THR A C    1 
ATOM   999  O  O    . THR A 1 146 ? 11.215  1.378   -2.093  1.00 13.59 ? 125 THR A O    1 
ATOM   1000 C  CB   . THR A 1 146 ? 12.135  -0.610  -0.011  1.00 16.07 ? 125 THR A CB   1 
ATOM   1001 O  OG1  . THR A 1 146 ? 12.402  -1.919  0.496   1.00 21.10 ? 125 THR A OG1  1 
ATOM   1002 C  CG2  . THR A 1 146 ? 11.984  0.360   1.159   1.00 19.47 ? 125 THR A CG2  1 
ATOM   1003 N  N    . ARG A 1 147 ? 9.374   1.267   -0.803  1.00 10.56 ? 126 ARG A N    1 
ATOM   1004 C  CA   . ARG A 1 147 ? 8.949   2.616   -1.129  1.00 11.16 ? 126 ARG A CA   1 
ATOM   1005 C  C    . ARG A 1 147 ? 8.877   3.436   0.137   1.00 14.05 ? 126 ARG A C    1 
ATOM   1006 O  O    . ARG A 1 147 ? 8.343   2.988   1.151   1.00 15.39 ? 126 ARG A O    1 
ATOM   1007 C  CB   . ARG A 1 147 ? 7.617   2.590   -1.872  1.00 13.68 ? 126 ARG A CB   1 
ATOM   1008 C  CG   . ARG A 1 147 ? 7.841   2.309   -3.351  1.00 22.73 ? 126 ARG A CG   1 
ATOM   1009 C  CD   . ARG A 1 147 ? 6.658   1.675   -4.010  1.00 22.04 ? 126 ARG A CD   1 
ATOM   1010 N  NE   . ARG A 1 147 ? 5.630   2.624   -4.423  1.00 22.77 ? 126 ARG A NE   1 
ATOM   1011 C  CZ   . ARG A 1 147 ? 5.683   3.366   -5.525  1.00 21.63 ? 126 ARG A CZ   1 
ATOM   1012 N  NH1  . ARG A 1 147 ? 6.744   3.318   -6.320  1.00 22.27 ? 126 ARG A NH1  1 
ATOM   1013 N  NH2  . ARG A 1 147 ? 4.673   4.171   -5.824  1.00 20.21 ? 126 ARG A NH2  1 
ATOM   1014 N  N    . VAL A 1 148 ? 9.463   4.626   0.095   1.00 11.46 ? 127 VAL A N    1 
ATOM   1015 C  CA   . VAL A 1 148 ? 9.558   5.425   1.305   1.00 9.32  ? 127 VAL A CA   1 
ATOM   1016 C  C    . VAL A 1 148 ? 8.769   6.707   1.149   1.00 12.55 ? 127 VAL A C    1 
ATOM   1017 O  O    . VAL A 1 148 ? 8.901   7.405   0.135   1.00 12.71 ? 127 VAL A O    1 
ATOM   1018 C  CB   . VAL A 1 148 ? 11.028  5.724   1.664   1.00 12.35 ? 127 VAL A CB   1 
ATOM   1019 C  CG1  . VAL A 1 148 ? 11.117  6.688   2.852   1.00 14.01 ? 127 VAL A CG1  1 
ATOM   1020 C  CG2  . VAL A 1 148 ? 11.757  4.419   1.966   1.00 11.62 ? 127 VAL A CG2  1 
ATOM   1021 N  N    . TYR A 1 149 ? 7.924   6.979   2.142   1.00 10.45 ? 128 TYR A N    1 
ATOM   1022 C  CA   . TYR A 1 149 ? 7.106   8.181   2.186   1.00 10.42 ? 128 TYR A CA   1 
ATOM   1023 C  C    . TYR A 1 149 ? 7.534   9.072   3.336   1.00 13.61 ? 128 TYR A C    1 
ATOM   1024 O  O    . TYR A 1 149 ? 7.892   8.586   4.406   1.00 14.52 ? 128 TYR A O    1 
ATOM   1025 C  CB   . TYR A 1 149 ? 5.632   7.820   2.396   1.00 9.50  ? 128 TYR A CB   1 
ATOM   1026 C  CG   . TYR A 1 149 ? 4.972   7.219   1.178   1.00 9.58  ? 128 TYR A CG   1 
ATOM   1027 C  CD1  . TYR A 1 149 ? 5.188   5.891   0.828   1.00 13.20 ? 128 TYR A CD1  1 
ATOM   1028 C  CD2  . TYR A 1 149 ? 4.116   7.976   0.391   1.00 13.54 ? 128 TYR A CD2  1 
ATOM   1029 C  CE1  . TYR A 1 149 ? 4.573   5.338   -0.290  1.00 13.74 ? 128 TYR A CE1  1 
ATOM   1030 C  CE2  . TYR A 1 149 ? 3.493   7.436   -0.717  1.00 12.61 ? 128 TYR A CE2  1 
ATOM   1031 C  CZ   . TYR A 1 149 ? 3.731   6.120   -1.056  1.00 16.13 ? 128 TYR A CZ   1 
ATOM   1032 O  OH   . TYR A 1 149 ? 3.116   5.588   -2.163  1.00 18.82 ? 128 TYR A OH   1 
ATOM   1033 N  N    . GLU A 1 150 ? 7.463   10.378  3.114   1.00 15.35 ? 129 GLU A N    1 
ATOM   1034 C  CA   . GLU A 1 150 ? 7.686   11.362  4.166   1.00 15.40 ? 129 GLU A CA   1 
ATOM   1035 C  C    . GLU A 1 150 ? 6.425   12.192  4.350   1.00 13.57 ? 129 GLU A C    1 
ATOM   1036 O  O    . GLU A 1 150 ? 5.534   12.191  3.500   1.00 14.31 ? 129 GLU A O    1 
ATOM   1037 C  CB   . GLU A 1 150 ? 8.882   12.259  3.829   1.00 18.82 ? 129 GLU A CB   1 
ATOM   1038 C  CG   . GLU A 1 150 ? 10.224  11.605  4.128   1.00 27.69 ? 129 GLU A CG   1 
ATOM   1039 C  CD   . GLU A 1 150 ? 11.421  12.445  3.717   1.00 39.03 ? 129 GLU A CD   1 
ATOM   1040 O  OE1  . GLU A 1 150 ? 11.250  13.643  3.392   1.00 32.62 ? 129 GLU A OE1  1 
ATOM   1041 O  OE2  . GLU A 1 150 ? 12.542  11.897  3.724   1.00 42.75 1 129 GLU A OE2  1 
ATOM   1042 N  N    . ARG A 1 151 ? 6.340   12.889  5.476   1.00 16.41 ? 130 ARG A N    1 
ATOM   1043 C  CA   . ARG A 1 151 ? 5.182   13.729  5.754   1.00 13.18 ? 130 ARG A CA   1 
ATOM   1044 C  C    . ARG A 1 151 ? 5.077   14.828  4.709   1.00 22.42 ? 130 ARG A C    1 
ATOM   1045 O  O    . ARG A 1 151 ? 6.093   15.379  4.277   1.00 21.23 ? 130 ARG A O    1 
ATOM   1046 C  CB   . ARG A 1 151 ? 5.321   14.348  7.141   1.00 18.38 ? 130 ARG A CB   1 
ATOM   1047 C  CG   . ARG A 1 151 ? 5.324   13.330  8.256   1.00 17.95 ? 130 ARG A CG   1 
ATOM   1048 C  CD   . ARG A 1 151 ? 3.927   13.184  8.804   1.00 22.82 ? 130 ARG A CD   1 
ATOM   1049 N  NE   . ARG A 1 151 ? 3.881   12.378  10.019  1.00 29.82 ? 130 ARG A NE   1 
ATOM   1050 C  CZ   . ARG A 1 151 ? 2.763   11.847  10.496  1.00 20.81 ? 130 ARG A CZ   1 
ATOM   1051 N  NH1  . ARG A 1 151 ? 1.624   12.046  9.853   1.00 18.44 ? 130 ARG A NH1  1 
ATOM   1052 N  NH2  . ARG A 1 151 ? 2.782   11.117  11.604  1.00 23.18 ? 130 ARG A NH2  1 
ATOM   1053 N  N    . ALA A 1 152 ? 3.853   15.140  4.298   1.00 15.39 ? 131 ALA A N    1 
ATOM   1054 C  CA   . ALA A 1 152 ? 3.636   16.152  3.272   1.00 24.87 ? 131 ALA A CA   1 
ATOM   1055 C  C    . ALA A 1 152 ? 3.564   17.544  3.887   1.00 30.42 ? 131 ALA A C    1 
ATOM   1056 O  O    . ALA A 1 152 ? 3.649   17.692  5.109   1.00 38.28 ? 131 ALA A O    1 
ATOM   1057 C  CB   . ALA A 1 152 ? 2.377   15.849  2.485   1.00 28.44 ? 131 ALA A CB   1 
HETATM 1058 O  OAA  . 8K0 B 2 .   ? 3.479   3.464   -2.817  1.00 23.81 ? 201 8K0 A OAA  1 
HETATM 1059 C  CAQ  . 8K0 B 2 .   ? 2.715   2.473   -2.467  1.00 24.76 ? 201 8K0 A CAQ  1 
HETATM 1060 O  OAD  . 8K0 B 2 .   ? 1.543   2.677   -1.966  1.00 28.19 ? 201 8K0 A OAD  1 
HETATM 1061 C  CAO  . 8K0 B 2 .   ? 3.205   1.079   -2.678  1.00 28.89 ? 201 8K0 A CAO  1 
HETATM 1062 C  CAM  . 8K0 B 2 .   ? 2.494   0.330   -3.707  1.00 33.65 ? 201 8K0 A CAM  1 
HETATM 1063 C  CAL  . 8K0 B 2 .   ? 1.479   -0.707  -3.212  1.00 30.87 ? 201 8K0 A CAL  1 
HETATM 1064 C  CAN  . 8K0 B 2 .   ? 1.293   -1.896  -4.128  1.00 29.83 ? 201 8K0 A CAN  1 
HETATM 1065 N  NAP  . 8K0 B 2 .   ? -0.023  -2.502  -4.160  1.00 26.67 ? 201 8K0 A NAP  1 
HETATM 1066 S  SAV  . 8K0 B 2 .   ? -1.120  -1.607  -4.954  1.00 20.77 ? 201 8K0 A SAV  1 
HETATM 1067 O  OAB  . 8K0 B 2 .   ? -2.012  -2.608  -5.699  1.00 20.23 ? 201 8K0 A OAB  1 
HETATM 1068 O  OAC  . 8K0 B 2 .   ? -1.895  -0.814  -3.978  1.00 24.86 ? 201 8K0 A OAC  1 
HETATM 1069 C  CAS  . 8K0 B 2 .   ? -0.334  -0.455  -6.104  1.00 18.10 ? 201 8K0 A CAS  1 
HETATM 1070 C  CAU  . 8K0 B 2 .   ? 0.288   -0.848  -7.366  1.00 20.66 ? 201 8K0 A CAU  1 
HETATM 1071 C  CAK  . 8K0 B 2 .   ? 0.301   -2.175  -7.765  1.00 17.82 ? 201 8K0 A CAK  1 
HETATM 1072 C  CAG  . 8K0 B 2 .   ? 0.903   -2.536  -8.993  1.00 23.89 ? 201 8K0 A CAG  1 
HETATM 1073 C  CAF  . 8K0 B 2 .   ? 1.496   -1.545  -9.805  1.00 22.98 ? 201 8K0 A CAF  1 
HETATM 1074 C  CAJ  . 8K0 B 2 .   ? 1.489   -0.242  -9.407  1.00 24.15 ? 201 8K0 A CAJ  1 
HETATM 1075 C  CAT  . 8K0 B 2 .   ? 0.872   0.141   -8.175  1.00 19.17 ? 201 8K0 A CAT  1 
HETATM 1076 C  CAR  . 8K0 B 2 .   ? 0.855   1.491   -7.740  1.00 24.08 ? 201 8K0 A CAR  1 
HETATM 1077 BR BRAE . 8K0 B 2 .   ? 1.632   3.044   -8.678  1.00 51.78 ? 201 8K0 A BRAE 1 
HETATM 1078 C  CAH  . 8K0 B 2 .   ? 0.244   1.837   -6.507  1.00 21.48 ? 201 8K0 A CAH  1 
HETATM 1079 C  CAI  . 8K0 B 2 .   ? -0.342  0.858   -5.712  1.00 23.26 ? 201 8K0 A CAI  1 
HETATM 1080 O  O    . HOH C 3 .   ? 10.046  14.895  2.235   1.00 31.66 ? 301 HOH A O    1 
HETATM 1081 O  O    . HOH C 3 .   ? 8.712   10.510  -11.290 1.00 26.08 ? 302 HOH A O    1 
HETATM 1082 O  O    . HOH C 3 .   ? 0.935   2.451   0.323   1.00 25.94 ? 303 HOH A O    1 
HETATM 1083 O  O    . HOH C 3 .   ? 7.071   11.145  13.282  1.00 28.45 ? 304 HOH A O    1 
HETATM 1084 O  O    . HOH C 3 .   ? 3.456   10.315  -12.818 1.00 17.01 ? 305 HOH A O    1 
HETATM 1085 O  O    . HOH C 3 .   ? 1.957   -12.548 3.725   1.00 33.74 ? 306 HOH A O    1 
HETATM 1086 O  O    . HOH C 3 .   ? 17.455  -1.450  -5.349  1.00 31.38 ? 307 HOH A O    1 
HETATM 1087 O  O    . HOH C 3 .   ? -15.428 -5.492  7.211   1.00 22.03 ? 308 HOH A O    1 
HETATM 1088 O  O    . HOH C 3 .   ? -6.200  0.247   -3.860  1.00 21.36 ? 309 HOH A O    1 
HETATM 1089 O  O    . HOH C 3 .   ? -13.747 4.384   1.320   1.00 27.06 ? 310 HOH A O    1 
HETATM 1090 O  O    . HOH C 3 .   ? -3.626  7.497   -15.552 1.00 25.78 ? 311 HOH A O    1 
HETATM 1091 O  O    . HOH C 3 .   ? 6.198   11.585  10.851  1.00 26.30 ? 312 HOH A O    1 
HETATM 1092 O  O    . HOH C 3 .   ? 0.350   -4.903  -5.070  1.00 16.04 ? 313 HOH A O    1 
HETATM 1093 O  O    . HOH C 3 .   ? 8.470   12.639  7.358   1.00 23.01 ? 314 HOH A O    1 
HETATM 1094 O  O    . HOH C 3 .   ? -1.410  -10.513 -12.149 1.00 28.36 ? 315 HOH A O    1 
HETATM 1095 O  O    . HOH C 3 .   ? 13.355  -10.186 -1.816  1.00 30.45 ? 316 HOH A O    1 
HETATM 1096 O  O    . HOH C 3 .   ? -9.911  -2.009  12.585  1.00 14.20 ? 317 HOH A O    1 
HETATM 1097 O  O    . HOH C 3 .   ? 2.161   16.336  6.860   1.00 28.95 ? 318 HOH A O    1 
HETATM 1098 O  O    . HOH C 3 .   ? 5.168   5.022   -8.420  1.00 22.67 ? 319 HOH A O    1 
HETATM 1099 O  O    . HOH C 3 .   ? -15.330 -10.101 4.474   1.00 27.40 ? 320 HOH A O    1 
HETATM 1100 O  O    . HOH C 3 .   ? -1.807  -5.632  -13.576 1.00 20.70 ? 321 HOH A O    1 
HETATM 1101 O  O    . HOH C 3 .   ? -5.560  3.335   -1.754  1.00 17.11 ? 322 HOH A O    1 
HETATM 1102 O  O    . HOH C 3 .   ? -11.867 5.729   8.000   1.00 16.74 ? 323 HOH A O    1 
HETATM 1103 O  O    . HOH C 3 .   ? -3.033  2.931   -4.920  1.00 19.62 ? 324 HOH A O    1 
HETATM 1104 O  O    . HOH C 3 .   ? 0.454   10.264  12.757  1.00 22.85 ? 325 HOH A O    1 
HETATM 1105 O  O    . HOH C 3 .   ? -11.567 8.420   7.600   1.00 25.31 ? 326 HOH A O    1 
HETATM 1106 O  O    . HOH C 3 .   ? -7.811  8.872   4.387   1.00 17.11 ? 327 HOH A O    1 
HETATM 1107 O  O    . HOH C 3 .   ? 6.557   -1.925  16.106  1.00 28.44 ? 328 HOH A O    1 
HETATM 1108 O  O    . HOH C 3 .   ? -10.418 4.886   16.354  1.00 32.86 ? 329 HOH A O    1 
HETATM 1109 O  O    . HOH C 3 .   ? 3.030   8.584   -14.937 1.00 12.79 ? 330 HOH A O    1 
HETATM 1110 O  O    . HOH C 3 .   ? -4.012  0.288   -5.327  1.00 21.34 ? 331 HOH A O    1 
HETATM 1111 O  O    . HOH C 3 .   ? -11.241 -11.837 7.070   1.00 15.91 ? 332 HOH A O    1 
HETATM 1112 O  O    . HOH C 3 .   ? -3.346  -0.872  -1.644  1.00 18.72 ? 333 HOH A O    1 
HETATM 1113 O  O    . HOH C 3 .   ? -15.728 -6.584  3.885   1.00 18.86 ? 334 HOH A O    1 
HETATM 1114 O  O    . HOH C 3 .   ? 0.056   -2.624  4.691   1.00 11.83 ? 335 HOH A O    1 
HETATM 1115 O  O    . HOH C 3 .   ? -2.925  -9.604  6.912   1.00 18.28 ? 336 HOH A O    1 
HETATM 1116 O  O    . HOH C 3 .   ? -12.352 -8.765  -5.281  1.00 23.39 ? 337 HOH A O    1 
HETATM 1117 O  O    . HOH C 3 .   ? 15.157  -5.457  -3.399  1.00 21.07 ? 338 HOH A O    1 
HETATM 1118 O  O    . HOH C 3 .   ? 13.184  3.216   -1.368  1.00 19.63 ? 339 HOH A O    1 
HETATM 1119 O  O    . HOH C 3 .   ? 1.790   -12.972 -0.188  1.00 23.67 ? 340 HOH A O    1 
HETATM 1120 O  O    . HOH C 3 .   ? 0.317   5.700   -2.269  1.00 23.77 ? 341 HOH A O    1 
HETATM 1121 O  O    . HOH C 3 .   ? -16.126 2.071   13.888  1.00 21.60 ? 342 HOH A O    1 
HETATM 1122 O  O    . HOH C 3 .   ? 6.005   -7.557  2.686   1.00 21.16 ? 343 HOH A O    1 
HETATM 1123 O  O    . HOH C 3 .   ? -13.853 -3.035  3.952   1.00 14.38 ? 344 HOH A O    1 
HETATM 1124 O  O    . HOH C 3 .   ? -8.852  -6.017  6.365   1.00 11.34 ? 345 HOH A O    1 
HETATM 1125 O  O    . HOH C 3 .   ? 10.392  -2.851  -17.353 1.00 29.67 ? 346 HOH A O    1 
HETATM 1126 O  O    . HOH C 3 .   ? 8.704   4.333   -15.288 1.00 24.73 ? 347 HOH A O    1 
HETATM 1127 O  O    . HOH C 3 .   ? 13.739  5.916   15.935  1.00 22.28 ? 348 HOH A O    1 
HETATM 1128 O  O    . HOH C 3 .   ? -5.080  10.452  -11.688 1.00 32.14 ? 349 HOH A O    1 
HETATM 1129 O  O    . HOH C 3 .   ? 4.993   0.931   12.489  1.00 23.64 ? 350 HOH A O    1 
HETATM 1130 O  O    . HOH C 3 .   ? 11.732  0.459   -10.476 1.00 26.77 ? 351 HOH A O    1 
HETATM 1131 O  O    . HOH C 3 .   ? -4.914  -6.992  13.384  1.00 18.31 ? 352 HOH A O    1 
HETATM 1132 O  O    . HOH C 3 .   ? 13.608  6.435   -5.980  1.00 33.06 ? 353 HOH A O    1 
HETATM 1133 O  O    . HOH C 3 .   ? 15.165  0.405   -8.465  1.00 23.06 ? 354 HOH A O    1 
HETATM 1134 O  O    . HOH C 3 .   ? -7.878  -8.915  -11.845 1.00 28.55 ? 355 HOH A O    1 
HETATM 1135 O  O    . HOH C 3 .   ? -7.159  -11.583 1.335   1.00 20.53 ? 356 HOH A O    1 
HETATM 1136 O  O    . HOH C 3 .   ? 8.452   1.235   -14.140 1.00 28.15 ? 357 HOH A O    1 
HETATM 1137 O  O    . HOH C 3 .   ? -4.662  13.038  -8.674  1.00 29.27 ? 358 HOH A O    1 
HETATM 1138 O  O    . HOH C 3 .   ? 2.563   -6.033  -21.362 1.00 21.93 ? 359 HOH A O    1 
HETATM 1139 O  O    . HOH C 3 .   ? -10.216 3.109   -5.300  1.00 21.81 ? 360 HOH A O    1 
HETATM 1140 O  O    . HOH C 3 .   ? 10.547  -9.572  -11.665 1.00 23.61 ? 361 HOH A O    1 
HETATM 1141 O  O    . HOH C 3 .   ? 0.842   14.199  8.097   1.00 20.38 ? 362 HOH A O    1 
HETATM 1142 O  O    . HOH C 3 .   ? 1.459   -2.809  -22.199 1.00 21.77 ? 363 HOH A O    1 
HETATM 1143 O  O    . HOH C 3 .   ? -3.032  -2.457  -15.895 1.00 33.25 ? 364 HOH A O    1 
HETATM 1144 O  O    . HOH C 3 .   ? -7.679  10.070  11.437  1.00 16.82 ? 365 HOH A O    1 
HETATM 1145 O  O    . HOH C 3 .   ? 2.102   -13.037 -11.658 1.00 31.71 ? 366 HOH A O    1 
HETATM 1146 O  O    . HOH C 3 .   ? 11.587  1.642   -8.074  1.00 17.35 ? 367 HOH A O    1 
HETATM 1147 O  O    . HOH C 3 .   ? -9.275  -13.919 -8.678  1.00 26.13 ? 368 HOH A O    1 
HETATM 1148 O  O    . HOH C 3 .   ? -12.833 -4.601  5.986   1.00 11.88 ? 369 HOH A O    1 
HETATM 1149 O  O    . HOH C 3 .   ? 13.056  10.166  9.447   1.00 20.11 ? 370 HOH A O    1 
HETATM 1150 O  O    . HOH C 3 .   ? 4.495   -8.671  -16.056 1.00 25.09 ? 371 HOH A O    1 
HETATM 1151 O  O    . HOH C 3 .   ? -8.816  -14.158 -4.735  1.00 29.89 ? 372 HOH A O    1 
HETATM 1152 O  O    . HOH C 3 .   ? 1.851   -15.877 -5.483  1.00 23.88 ? 373 HOH A O    1 
HETATM 1153 O  O    . HOH C 3 .   ? -9.235  0.446   -4.374  1.00 29.21 ? 374 HOH A O    1 
HETATM 1154 O  O    . HOH C 3 .   ? -8.186  8.977   -4.096  1.00 31.11 ? 375 HOH A O    1 
HETATM 1155 O  O    . HOH C 3 .   ? -11.207 -0.740  -4.374  1.00 27.98 ? 376 HOH A O    1 
HETATM 1156 O  O    . HOH C 3 .   ? 0.566   -7.626  17.475  1.00 27.81 ? 377 HOH A O    1 
HETATM 1157 O  O    . HOH C 3 .   ? 0.027   -2.509  -19.577 1.00 23.56 ? 378 HOH A O    1 
HETATM 1158 O  O    . HOH C 3 .   ? -12.451 8.232   15.343  1.00 28.33 ? 379 HOH A O    1 
HETATM 1159 O  O    . HOH C 3 .   ? -13.348 10.425  8.862   1.00 25.89 ? 380 HOH A O    1 
HETATM 1160 O  O    . HOH C 3 .   ? 0.326   5.515   -7.900  1.00 15.25 ? 381 HOH A O    1 
HETATM 1161 O  O    . HOH C 3 .   ? 10.358  5.650   -13.098 1.00 33.59 ? 382 HOH A O    1 
HETATM 1162 O  O    . HOH C 3 .   ? -4.718  -17.012 -3.823  1.00 33.08 ? 383 HOH A O    1 
HETATM 1163 O  O    . HOH C 3 .   ? -10.156 11.439  11.310  1.00 34.11 ? 384 HOH A O    1 
HETATM 1164 O  O    . HOH C 3 .   ? -3.703  1.655   -1.050  1.00 29.76 ? 385 HOH A O    1 
HETATM 1165 O  O    . HOH C 3 .   ? -0.673  3.126   -19.212 1.00 31.87 ? 386 HOH A O    1 
HETATM 1166 O  O    . HOH C 3 .   ? 9.569   1.897   -11.235 1.00 29.47 ? 387 HOH A O    1 
HETATM 1167 O  O    . HOH C 3 .   ? -1.185  -11.377 7.214   1.00 29.99 ? 388 HOH A O    1 
HETATM 1168 O  O    . HOH C 3 .   ? 6.199   -10.297 3.012   1.00 33.01 ? 389 HOH A O    1 
HETATM 1169 O  O    . HOH C 3 .   ? -5.998  -5.684  15.383  1.00 30.58 ? 390 HOH A O    1 
# 
